data_1VLS
# 
_entry.id   1VLS 
# 
_audit_conform.dict_name       mmcif_pdbx.dic 
_audit_conform.dict_version    5.386 
_audit_conform.dict_location   http://mmcif.pdb.org/dictionaries/ascii/mmcif_pdbx.dic 
# 
loop_
_database_2.database_id 
_database_2.database_code 
_database_2.pdbx_database_accession 
_database_2.pdbx_DOI 
PDB   1VLS         pdb_00001vls 10.2210/pdb1vls/pdb 
WWPDB D_1000177063 ?            ?                   
# 
loop_
_pdbx_audit_revision_history.ordinal 
_pdbx_audit_revision_history.data_content_type 
_pdbx_audit_revision_history.major_revision 
_pdbx_audit_revision_history.minor_revision 
_pdbx_audit_revision_history.revision_date 
1 'Structure model' 1 0 1997-04-21 
2 'Structure model' 1 1 2008-03-24 
3 'Structure model' 1 2 2011-07-13 
4 'Structure model' 1 3 2024-02-14 
# 
_pdbx_audit_revision_details.ordinal             1 
_pdbx_audit_revision_details.revision_ordinal    1 
_pdbx_audit_revision_details.data_content_type   'Structure model' 
_pdbx_audit_revision_details.provider            repository 
_pdbx_audit_revision_details.type                'Initial release' 
_pdbx_audit_revision_details.description         ? 
_pdbx_audit_revision_details.details             ? 
# 
loop_
_pdbx_audit_revision_group.ordinal 
_pdbx_audit_revision_group.revision_ordinal 
_pdbx_audit_revision_group.data_content_type 
_pdbx_audit_revision_group.group 
1 2 'Structure model' 'Version format compliance' 
2 3 'Structure model' 'Version format compliance' 
3 4 'Structure model' 'Data collection'           
4 4 'Structure model' 'Database references'       
5 4 'Structure model' Other                       
# 
loop_
_pdbx_audit_revision_category.ordinal 
_pdbx_audit_revision_category.revision_ordinal 
_pdbx_audit_revision_category.data_content_type 
_pdbx_audit_revision_category.category 
1 4 'Structure model' chem_comp_atom       
2 4 'Structure model' chem_comp_bond       
3 4 'Structure model' database_2           
4 4 'Structure model' pdbx_database_status 
# 
loop_
_pdbx_audit_revision_item.ordinal 
_pdbx_audit_revision_item.revision_ordinal 
_pdbx_audit_revision_item.data_content_type 
_pdbx_audit_revision_item.item 
1 4 'Structure model' '_database_2.pdbx_DOI'                
2 4 'Structure model' '_database_2.pdbx_database_accession' 
3 4 'Structure model' '_pdbx_database_status.process_site'  
# 
_pdbx_database_status.status_code                     REL 
_pdbx_database_status.entry_id                        1VLS 
_pdbx_database_status.recvd_initial_deposition_date   1996-09-17 
_pdbx_database_status.deposit_site                    ? 
_pdbx_database_status.process_site                    BNL 
_pdbx_database_status.SG_entry                        . 
_pdbx_database_status.pdb_format_compatible           Y 
_pdbx_database_status.status_code_mr                  ? 
_pdbx_database_status.status_code_sf                  ? 
_pdbx_database_status.status_code_cs                  ? 
_pdbx_database_status.status_code_nmr_data            ? 
_pdbx_database_status.methods_development_category    ? 
# 
loop_
_audit_author.name 
_audit_author.pdbx_ordinal 
'Kim, S.-H.'            1 
'Yeh, J.I.'             2 
'Biemann, H.-P.'        3 
'Prive, G.'             4 
'Pandit, J.'            5 
'Koshland Junior, D.E.' 6 
# 
loop_
_citation.id 
_citation.title 
_citation.journal_abbrev 
_citation.journal_volume 
_citation.page_first 
_citation.page_last 
_citation.year 
_citation.journal_id_ASTM 
_citation.country 
_citation.journal_id_ISSN 
_citation.journal_id_CSD 
_citation.book_publisher 
_citation.pdbx_database_id_PubMed 
_citation.pdbx_database_id_DOI 
primary 'High-resolution structures of the ligand binding domain of the wild-type bacterial aspartate receptor.' J.Mol.Biol.  262 
186  201 1996 JMOBAK UK 0022-2836 0070 ? 8831788 10.1006/jmbi.1996.0507 
1       
;The Three-Dimensional Structure of the Ligand-Binding Domain of a Wild-Type Bacterial Chemotaxis Receptor. Structural Comparison to the Cross-Linked Mutant Forms and Conformational Changes Upon Ligand Binding
;
J.Biol.Chem. 268 9787 ?   1993 JBCHA3 US 0021-9258 0071 ? ?       ?                      
2       'Three-Dimensional Structures of the Ligand-Binding Domain of the Bacterial Aspartate Receptor with and without a Ligand' 
Science      254 1342 ?   1991 SCIEAS US 0036-8075 0038 ? ?       ?                      
# 
loop_
_citation_author.citation_id 
_citation_author.name 
_citation_author.ordinal 
_citation_author.identifier_ORCID 
primary 'Yeh, J.I.'             1  ? 
primary 'Biemann, H.P.'         2  ? 
primary 'Prive, G.G.'           3  ? 
primary 'Pandit, J.'            4  ? 
primary 'Koshland Jr., D.E.'    5  ? 
primary 'Kim, S.H.'             6  ? 
1       'Yeh, J.I.'             7  ? 
1       'Biemann, H.P.'         8  ? 
1       'Pandit, J.'            9  ? 
1       'Koshland, D.E.'        10 ? 
1       'Kim, S.H.'             11 ? 
2       'Milburn, M.V.'         12 ? 
2       'Prive, G.G.'           13 ? 
2       'Milligan, D.L.'        14 ? 
2       'Scott, W.G.'           15 ? 
2       'Yeh, J.'               16 ? 
2       'Jancarik, J.'          17 ? 
2       'Koshland Junior, D.E.' 18 ? 
2       'Kim, S.H.'             19 ? 
# 
loop_
_entity.id 
_entity.type 
_entity.src_method 
_entity.pdbx_description 
_entity.formula_weight 
_entity.pdbx_number_of_molecules 
_entity.pdbx_ec 
_entity.pdbx_mutation 
_entity.pdbx_fragment 
_entity.details 
1 polymer man 'ASPARTATE RECEPTOR' 16366.229 1   ? ? ? ? 
2 water   nat water                18.015    219 ? ? ? ? 
# 
_entity_name_com.entity_id   1 
_entity_name_com.name        TAR 
# 
_entity_poly.entity_id                      1 
_entity_poly.type                           'polypeptide(L)' 
_entity_poly.nstd_linkage                   no 
_entity_poly.nstd_monomer                   no 
_entity_poly.pdbx_seq_one_letter_code       
;MNQQGFVISNELRQQQSELTSTWDLMLQTRINLSRSAARMMMDASNQQSSAKTDLLQNAKTTLAQAAAHYANFKNMTPLP
AMAEASANVDEKYQRYQAALAELIQFLDNGNMDAYFAQPTQGMQNALGEALGNYARVSENLYRQTF
;
_entity_poly.pdbx_seq_one_letter_code_can   
;MNQQGFVISNELRQQQSELTSTWDLMLQTRINLSRSAARMMMDASNQQSSAKTDLLQNAKTTLAQAAAHYANFKNMTPLP
AMAEASANVDEKYQRYQAALAELIQFLDNGNMDAYFAQPTQGMQNALGEALGNYARVSENLYRQTF
;
_entity_poly.pdbx_strand_id                 A 
_entity_poly.pdbx_target_identifier         ? 
# 
_pdbx_entity_nonpoly.entity_id   2 
_pdbx_entity_nonpoly.name        water 
_pdbx_entity_nonpoly.comp_id     HOH 
# 
loop_
_entity_poly_seq.entity_id 
_entity_poly_seq.num 
_entity_poly_seq.mon_id 
_entity_poly_seq.hetero 
1 1   MET n 
1 2   ASN n 
1 3   GLN n 
1 4   GLN n 
1 5   GLY n 
1 6   PHE n 
1 7   VAL n 
1 8   ILE n 
1 9   SER n 
1 10  ASN n 
1 11  GLU n 
1 12  LEU n 
1 13  ARG n 
1 14  GLN n 
1 15  GLN n 
1 16  GLN n 
1 17  SER n 
1 18  GLU n 
1 19  LEU n 
1 20  THR n 
1 21  SER n 
1 22  THR n 
1 23  TRP n 
1 24  ASP n 
1 25  LEU n 
1 26  MET n 
1 27  LEU n 
1 28  GLN n 
1 29  THR n 
1 30  ARG n 
1 31  ILE n 
1 32  ASN n 
1 33  LEU n 
1 34  SER n 
1 35  ARG n 
1 36  SER n 
1 37  ALA n 
1 38  ALA n 
1 39  ARG n 
1 40  MET n 
1 41  MET n 
1 42  MET n 
1 43  ASP n 
1 44  ALA n 
1 45  SER n 
1 46  ASN n 
1 47  GLN n 
1 48  GLN n 
1 49  SER n 
1 50  SER n 
1 51  ALA n 
1 52  LYS n 
1 53  THR n 
1 54  ASP n 
1 55  LEU n 
1 56  LEU n 
1 57  GLN n 
1 58  ASN n 
1 59  ALA n 
1 60  LYS n 
1 61  THR n 
1 62  THR n 
1 63  LEU n 
1 64  ALA n 
1 65  GLN n 
1 66  ALA n 
1 67  ALA n 
1 68  ALA n 
1 69  HIS n 
1 70  TYR n 
1 71  ALA n 
1 72  ASN n 
1 73  PHE n 
1 74  LYS n 
1 75  ASN n 
1 76  MET n 
1 77  THR n 
1 78  PRO n 
1 79  LEU n 
1 80  PRO n 
1 81  ALA n 
1 82  MET n 
1 83  ALA n 
1 84  GLU n 
1 85  ALA n 
1 86  SER n 
1 87  ALA n 
1 88  ASN n 
1 89  VAL n 
1 90  ASP n 
1 91  GLU n 
1 92  LYS n 
1 93  TYR n 
1 94  GLN n 
1 95  ARG n 
1 96  TYR n 
1 97  GLN n 
1 98  ALA n 
1 99  ALA n 
1 100 LEU n 
1 101 ALA n 
1 102 GLU n 
1 103 LEU n 
1 104 ILE n 
1 105 GLN n 
1 106 PHE n 
1 107 LEU n 
1 108 ASP n 
1 109 ASN n 
1 110 GLY n 
1 111 ASN n 
1 112 MET n 
1 113 ASP n 
1 114 ALA n 
1 115 TYR n 
1 116 PHE n 
1 117 ALA n 
1 118 GLN n 
1 119 PRO n 
1 120 THR n 
1 121 GLN n 
1 122 GLY n 
1 123 MET n 
1 124 GLN n 
1 125 ASN n 
1 126 ALA n 
1 127 LEU n 
1 128 GLY n 
1 129 GLU n 
1 130 ALA n 
1 131 LEU n 
1 132 GLY n 
1 133 ASN n 
1 134 TYR n 
1 135 ALA n 
1 136 ARG n 
1 137 VAL n 
1 138 SER n 
1 139 GLU n 
1 140 ASN n 
1 141 LEU n 
1 142 TYR n 
1 143 ARG n 
1 144 GLN n 
1 145 THR n 
1 146 PHE n 
# 
_entity_src_gen.entity_id                          1 
_entity_src_gen.pdbx_src_id                        1 
_entity_src_gen.pdbx_alt_source_flag               sample 
_entity_src_gen.pdbx_seq_type                      ? 
_entity_src_gen.pdbx_beg_seq_num                   ? 
_entity_src_gen.pdbx_end_seq_num                   ? 
_entity_src_gen.gene_src_common_name               ? 
_entity_src_gen.gene_src_genus                     Salmonella 
_entity_src_gen.pdbx_gene_src_gene                 ? 
_entity_src_gen.gene_src_species                   ? 
_entity_src_gen.gene_src_strain                    ? 
_entity_src_gen.gene_src_tissue                    ? 
_entity_src_gen.gene_src_tissue_fraction           ? 
_entity_src_gen.gene_src_details                   ? 
_entity_src_gen.pdbx_gene_src_fragment             ? 
_entity_src_gen.pdbx_gene_src_scientific_name      'Salmonella typhimurium' 
_entity_src_gen.pdbx_gene_src_ncbi_taxonomy_id     602 
_entity_src_gen.pdbx_gene_src_variant              ? 
_entity_src_gen.pdbx_gene_src_cell_line            ? 
_entity_src_gen.pdbx_gene_src_atcc                 ? 
_entity_src_gen.pdbx_gene_src_organ                ? 
_entity_src_gen.pdbx_gene_src_organelle            ? 
_entity_src_gen.pdbx_gene_src_cell                 ? 
_entity_src_gen.pdbx_gene_src_cellular_location    ? 
_entity_src_gen.host_org_common_name               ? 
_entity_src_gen.pdbx_host_org_scientific_name      ? 
_entity_src_gen.pdbx_host_org_ncbi_taxonomy_id     ? 
_entity_src_gen.host_org_genus                     ? 
_entity_src_gen.pdbx_host_org_gene                 ? 
_entity_src_gen.pdbx_host_org_organ                ? 
_entity_src_gen.host_org_species                   ? 
_entity_src_gen.pdbx_host_org_tissue               ? 
_entity_src_gen.pdbx_host_org_tissue_fraction      ? 
_entity_src_gen.pdbx_host_org_strain               ? 
_entity_src_gen.pdbx_host_org_variant              ? 
_entity_src_gen.pdbx_host_org_cell_line            ? 
_entity_src_gen.pdbx_host_org_atcc                 ? 
_entity_src_gen.pdbx_host_org_culture_collection   ? 
_entity_src_gen.pdbx_host_org_cell                 ? 
_entity_src_gen.pdbx_host_org_organelle            ? 
_entity_src_gen.pdbx_host_org_cellular_location    ? 
_entity_src_gen.pdbx_host_org_vector_type          ? 
_entity_src_gen.pdbx_host_org_vector               ? 
_entity_src_gen.host_org_details                   ? 
_entity_src_gen.expression_system_id               ? 
_entity_src_gen.plasmid_name                       ? 
_entity_src_gen.plasmid_details                    ? 
_entity_src_gen.pdbx_description                   ? 
# 
loop_
_chem_comp.id 
_chem_comp.type 
_chem_comp.mon_nstd_flag 
_chem_comp.name 
_chem_comp.pdbx_synonyms 
_chem_comp.formula 
_chem_comp.formula_weight 
ALA 'L-peptide linking' y ALANINE         ? 'C3 H7 N O2'     89.093  
ARG 'L-peptide linking' y ARGININE        ? 'C6 H15 N4 O2 1' 175.209 
ASN 'L-peptide linking' y ASPARAGINE      ? 'C4 H8 N2 O3'    132.118 
ASP 'L-peptide linking' y 'ASPARTIC ACID' ? 'C4 H7 N O4'     133.103 
GLN 'L-peptide linking' y GLUTAMINE       ? 'C5 H10 N2 O3'   146.144 
GLU 'L-peptide linking' y 'GLUTAMIC ACID' ? 'C5 H9 N O4'     147.129 
GLY 'peptide linking'   y GLYCINE         ? 'C2 H5 N O2'     75.067  
HIS 'L-peptide linking' y HISTIDINE       ? 'C6 H10 N3 O2 1' 156.162 
HOH non-polymer         . WATER           ? 'H2 O'           18.015  
ILE 'L-peptide linking' y ISOLEUCINE      ? 'C6 H13 N O2'    131.173 
LEU 'L-peptide linking' y LEUCINE         ? 'C6 H13 N O2'    131.173 
LYS 'L-peptide linking' y LYSINE          ? 'C6 H15 N2 O2 1' 147.195 
MET 'L-peptide linking' y METHIONINE      ? 'C5 H11 N O2 S'  149.211 
PHE 'L-peptide linking' y PHENYLALANINE   ? 'C9 H11 N O2'    165.189 
PRO 'L-peptide linking' y PROLINE         ? 'C5 H9 N O2'     115.130 
SER 'L-peptide linking' y SERINE          ? 'C3 H7 N O3'     105.093 
THR 'L-peptide linking' y THREONINE       ? 'C4 H9 N O3'     119.119 
TRP 'L-peptide linking' y TRYPTOPHAN      ? 'C11 H12 N2 O2'  204.225 
TYR 'L-peptide linking' y TYROSINE        ? 'C9 H11 N O3'    181.189 
VAL 'L-peptide linking' y VALINE          ? 'C5 H11 N O2'    117.146 
# 
loop_
_pdbx_poly_seq_scheme.asym_id 
_pdbx_poly_seq_scheme.entity_id 
_pdbx_poly_seq_scheme.seq_id 
_pdbx_poly_seq_scheme.mon_id 
_pdbx_poly_seq_scheme.ndb_seq_num 
_pdbx_poly_seq_scheme.pdb_seq_num 
_pdbx_poly_seq_scheme.auth_seq_num 
_pdbx_poly_seq_scheme.pdb_mon_id 
_pdbx_poly_seq_scheme.auth_mon_id 
_pdbx_poly_seq_scheme.pdb_strand_id 
_pdbx_poly_seq_scheme.pdb_ins_code 
_pdbx_poly_seq_scheme.hetero 
A 1 1   MET 1   35  35  MET MET A . n 
A 1 2   ASN 2   36  36  ASN ASN A . n 
A 1 3   GLN 3   37  37  GLN GLN A . n 
A 1 4   GLN 4   38  38  GLN GLN A . n 
A 1 5   GLY 5   39  39  GLY GLY A . n 
A 1 6   PHE 6   40  40  PHE PHE A . n 
A 1 7   VAL 7   41  41  VAL VAL A . n 
A 1 8   ILE 8   42  42  ILE ILE A . n 
A 1 9   SER 9   43  43  SER SER A . n 
A 1 10  ASN 10  44  44  ASN ASN A . n 
A 1 11  GLU 11  45  45  GLU GLU A . n 
A 1 12  LEU 12  46  46  LEU LEU A . n 
A 1 13  ARG 13  47  47  ARG ARG A . n 
A 1 14  GLN 14  48  48  GLN GLN A . n 
A 1 15  GLN 15  49  49  GLN GLN A . n 
A 1 16  GLN 16  50  50  GLN GLN A . n 
A 1 17  SER 17  51  51  SER SER A . n 
A 1 18  GLU 18  52  52  GLU GLU A . n 
A 1 19  LEU 19  53  53  LEU LEU A . n 
A 1 20  THR 20  54  54  THR THR A . n 
A 1 21  SER 21  55  55  SER SER A . n 
A 1 22  THR 22  56  56  THR THR A . n 
A 1 23  TRP 23  57  57  TRP TRP A . n 
A 1 24  ASP 24  58  58  ASP ASP A . n 
A 1 25  LEU 25  59  59  LEU LEU A . n 
A 1 26  MET 26  60  60  MET MET A . n 
A 1 27  LEU 27  61  61  LEU LEU A . n 
A 1 28  GLN 28  62  62  GLN GLN A . n 
A 1 29  THR 29  63  63  THR THR A . n 
A 1 30  ARG 30  64  64  ARG ARG A . n 
A 1 31  ILE 31  65  65  ILE ILE A . n 
A 1 32  ASN 32  66  66  ASN ASN A . n 
A 1 33  LEU 33  67  67  LEU LEU A . n 
A 1 34  SER 34  68  68  SER SER A . n 
A 1 35  ARG 35  69  69  ARG ARG A . n 
A 1 36  SER 36  70  70  SER SER A . n 
A 1 37  ALA 37  71  71  ALA ALA A . n 
A 1 38  ALA 38  72  72  ALA ALA A . n 
A 1 39  ARG 39  73  73  ARG ARG A . n 
A 1 40  MET 40  74  74  MET MET A . n 
A 1 41  MET 41  75  75  MET MET A . n 
A 1 42  MET 42  76  76  MET MET A . n 
A 1 43  ASP 43  77  77  ASP ASP A . n 
A 1 44  ALA 44  78  78  ALA ALA A . n 
A 1 45  SER 45  79  79  SER SER A . n 
A 1 46  ASN 46  80  80  ASN ASN A . n 
A 1 47  GLN 47  81  81  GLN GLN A . n 
A 1 48  GLN 48  82  82  GLN GLN A . n 
A 1 49  SER 49  83  83  SER SER A . n 
A 1 50  SER 50  84  84  SER SER A . n 
A 1 51  ALA 51  85  85  ALA ALA A . n 
A 1 52  LYS 52  86  86  LYS LYS A . n 
A 1 53  THR 53  87  87  THR THR A . n 
A 1 54  ASP 54  88  88  ASP ASP A . n 
A 1 55  LEU 55  89  89  LEU LEU A . n 
A 1 56  LEU 56  90  90  LEU LEU A . n 
A 1 57  GLN 57  91  91  GLN GLN A . n 
A 1 58  ASN 58  92  92  ASN ASN A . n 
A 1 59  ALA 59  93  93  ALA ALA A . n 
A 1 60  LYS 60  94  94  LYS LYS A . n 
A 1 61  THR 61  95  95  THR THR A . n 
A 1 62  THR 62  96  96  THR THR A . n 
A 1 63  LEU 63  97  97  LEU LEU A . n 
A 1 64  ALA 64  98  98  ALA ALA A . n 
A 1 65  GLN 65  99  99  GLN GLN A . n 
A 1 66  ALA 66  100 100 ALA ALA A . n 
A 1 67  ALA 67  101 101 ALA ALA A . n 
A 1 68  ALA 68  102 102 ALA ALA A . n 
A 1 69  HIS 69  103 103 HIS HIS A . n 
A 1 70  TYR 70  104 104 TYR TYR A . n 
A 1 71  ALA 71  105 105 ALA ALA A . n 
A 1 72  ASN 72  106 106 ASN ASN A . n 
A 1 73  PHE 73  107 107 PHE PHE A . n 
A 1 74  LYS 74  108 108 LYS LYS A . n 
A 1 75  ASN 75  109 109 ASN ASN A . n 
A 1 76  MET 76  110 110 MET MET A . n 
A 1 77  THR 77  111 111 THR THR A . n 
A 1 78  PRO 78  112 112 PRO PRO A . n 
A 1 79  LEU 79  113 113 LEU LEU A . n 
A 1 80  PRO 80  114 114 PRO PRO A . n 
A 1 81  ALA 81  115 115 ALA ALA A . n 
A 1 82  MET 82  116 116 MET MET A . n 
A 1 83  ALA 83  117 117 ALA ALA A . n 
A 1 84  GLU 84  118 118 GLU GLU A . n 
A 1 85  ALA 85  119 119 ALA ALA A . n 
A 1 86  SER 86  120 120 SER SER A . n 
A 1 87  ALA 87  121 121 ALA ALA A . n 
A 1 88  ASN 88  122 122 ASN ASN A . n 
A 1 89  VAL 89  123 123 VAL VAL A . n 
A 1 90  ASP 90  124 124 ASP ASP A . n 
A 1 91  GLU 91  125 125 GLU GLU A . n 
A 1 92  LYS 92  126 126 LYS LYS A . n 
A 1 93  TYR 93  127 127 TYR TYR A . n 
A 1 94  GLN 94  128 128 GLN GLN A . n 
A 1 95  ARG 95  129 129 ARG ARG A . n 
A 1 96  TYR 96  130 130 TYR TYR A . n 
A 1 97  GLN 97  131 131 GLN GLN A . n 
A 1 98  ALA 98  132 132 ALA ALA A . n 
A 1 99  ALA 99  133 133 ALA ALA A . n 
A 1 100 LEU 100 134 134 LEU LEU A . n 
A 1 101 ALA 101 135 135 ALA ALA A . n 
A 1 102 GLU 102 136 136 GLU GLU A . n 
A 1 103 LEU 103 137 137 LEU LEU A . n 
A 1 104 ILE 104 138 138 ILE ILE A . n 
A 1 105 GLN 105 139 139 GLN GLN A . n 
A 1 106 PHE 106 140 140 PHE PHE A . n 
A 1 107 LEU 107 141 141 LEU LEU A . n 
A 1 108 ASP 108 142 142 ASP ASP A . n 
A 1 109 ASN 109 143 143 ASN ASN A . n 
A 1 110 GLY 110 144 144 GLY GLY A . n 
A 1 111 ASN 111 145 145 ASN ASN A . n 
A 1 112 MET 112 146 146 MET MET A . n 
A 1 113 ASP 113 147 147 ASP ASP A . n 
A 1 114 ALA 114 148 148 ALA ALA A . n 
A 1 115 TYR 115 149 149 TYR TYR A . n 
A 1 116 PHE 116 150 150 PHE PHE A . n 
A 1 117 ALA 117 151 151 ALA ALA A . n 
A 1 118 GLN 118 152 152 GLN GLN A . n 
A 1 119 PRO 119 153 153 PRO PRO A . n 
A 1 120 THR 120 154 154 THR THR A . n 
A 1 121 GLN 121 155 155 GLN GLN A . n 
A 1 122 GLY 122 156 156 GLY GLY A . n 
A 1 123 MET 123 157 157 MET MET A . n 
A 1 124 GLN 124 158 158 GLN GLN A . n 
A 1 125 ASN 125 159 159 ASN ASN A . n 
A 1 126 ALA 126 160 160 ALA ALA A . n 
A 1 127 LEU 127 161 161 LEU LEU A . n 
A 1 128 GLY 128 162 162 GLY GLY A . n 
A 1 129 GLU 129 163 163 GLU GLU A . n 
A 1 130 ALA 130 164 164 ALA ALA A . n 
A 1 131 LEU 131 165 165 LEU LEU A . n 
A 1 132 GLY 132 166 166 GLY GLY A . n 
A 1 133 ASN 133 167 167 ASN ASN A . n 
A 1 134 TYR 134 168 168 TYR TYR A . n 
A 1 135 ALA 135 169 169 ALA ALA A . n 
A 1 136 ARG 136 170 170 ARG ARG A . n 
A 1 137 VAL 137 171 171 VAL VAL A . n 
A 1 138 SER 138 172 172 SER SER A . n 
A 1 139 GLU 139 173 173 GLU GLU A . n 
A 1 140 ASN 140 174 174 ASN ASN A . n 
A 1 141 LEU 141 175 175 LEU LEU A . n 
A 1 142 TYR 142 176 176 TYR TYR A . n 
A 1 143 ARG 143 177 177 ARG ARG A . n 
A 1 144 GLN 144 178 178 GLN GLN A . n 
A 1 145 THR 145 179 179 THR THR A . n 
A 1 146 PHE 146 180 180 PHE PHE A . n 
# 
loop_
_pdbx_nonpoly_scheme.asym_id 
_pdbx_nonpoly_scheme.entity_id 
_pdbx_nonpoly_scheme.mon_id 
_pdbx_nonpoly_scheme.ndb_seq_num 
_pdbx_nonpoly_scheme.pdb_seq_num 
_pdbx_nonpoly_scheme.auth_seq_num 
_pdbx_nonpoly_scheme.pdb_mon_id 
_pdbx_nonpoly_scheme.auth_mon_id 
_pdbx_nonpoly_scheme.pdb_strand_id 
_pdbx_nonpoly_scheme.pdb_ins_code 
B 2 HOH 1   400 400 HOH HOH A . 
B 2 HOH 2   401 401 HOH HOH A . 
B 2 HOH 3   402 402 HOH HOH A . 
B 2 HOH 4   403 403 HOH HOH A . 
B 2 HOH 5   404 404 HOH HOH A . 
B 2 HOH 6   405 405 HOH HOH A . 
B 2 HOH 7   406 406 HOH HOH A . 
B 2 HOH 8   407 407 HOH HOH A . 
B 2 HOH 9   408 408 HOH HOH A . 
B 2 HOH 10  409 409 HOH HOH A . 
B 2 HOH 11  410 410 HOH HOH A . 
B 2 HOH 12  411 411 HOH HOH A . 
B 2 HOH 13  412 412 HOH HOH A . 
B 2 HOH 14  413 413 HOH HOH A . 
B 2 HOH 15  414 414 HOH HOH A . 
B 2 HOH 16  415 415 HOH HOH A . 
B 2 HOH 17  416 416 HOH HOH A . 
B 2 HOH 18  417 417 HOH HOH A . 
B 2 HOH 19  418 418 HOH HOH A . 
B 2 HOH 20  419 419 HOH HOH A . 
B 2 HOH 21  420 420 HOH HOH A . 
B 2 HOH 22  421 421 HOH HOH A . 
B 2 HOH 23  422 422 HOH HOH A . 
B 2 HOH 24  423 423 HOH HOH A . 
B 2 HOH 25  424 424 HOH HOH A . 
B 2 HOH 26  425 425 HOH HOH A . 
B 2 HOH 27  426 426 HOH HOH A . 
B 2 HOH 28  427 427 HOH HOH A . 
B 2 HOH 29  428 428 HOH HOH A . 
B 2 HOH 30  429 429 HOH HOH A . 
B 2 HOH 31  430 430 HOH HOH A . 
B 2 HOH 32  431 431 HOH HOH A . 
B 2 HOH 33  432 432 HOH HOH A . 
B 2 HOH 34  433 433 HOH HOH A . 
B 2 HOH 35  434 434 HOH HOH A . 
B 2 HOH 36  435 435 HOH HOH A . 
B 2 HOH 37  436 436 HOH HOH A . 
B 2 HOH 38  437 437 HOH HOH A . 
B 2 HOH 39  438 438 HOH HOH A . 
B 2 HOH 40  439 439 HOH HOH A . 
B 2 HOH 41  440 440 HOH HOH A . 
B 2 HOH 42  441 441 HOH HOH A . 
B 2 HOH 43  442 442 HOH HOH A . 
B 2 HOH 44  443 443 HOH HOH A . 
B 2 HOH 45  444 444 HOH HOH A . 
B 2 HOH 46  445 445 HOH HOH A . 
B 2 HOH 47  446 446 HOH HOH A . 
B 2 HOH 48  447 447 HOH HOH A . 
B 2 HOH 49  448 448 HOH HOH A . 
B 2 HOH 50  449 449 HOH HOH A . 
B 2 HOH 51  450 450 HOH HOH A . 
B 2 HOH 52  451 451 HOH HOH A . 
B 2 HOH 53  452 452 HOH HOH A . 
B 2 HOH 54  453 453 HOH HOH A . 
B 2 HOH 55  454 454 HOH HOH A . 
B 2 HOH 56  455 455 HOH HOH A . 
B 2 HOH 57  456 456 HOH HOH A . 
B 2 HOH 58  457 457 HOH HOH A . 
B 2 HOH 59  458 458 HOH HOH A . 
B 2 HOH 60  459 459 HOH HOH A . 
B 2 HOH 61  460 460 HOH HOH A . 
B 2 HOH 62  461 461 HOH HOH A . 
B 2 HOH 63  462 462 HOH HOH A . 
B 2 HOH 64  463 463 HOH HOH A . 
B 2 HOH 65  464 464 HOH HOH A . 
B 2 HOH 66  465 465 HOH HOH A . 
B 2 HOH 67  466 466 HOH HOH A . 
B 2 HOH 68  467 467 HOH HOH A . 
B 2 HOH 69  468 468 HOH HOH A . 
B 2 HOH 70  469 469 HOH HOH A . 
B 2 HOH 71  470 470 HOH HOH A . 
B 2 HOH 72  471 471 HOH HOH A . 
B 2 HOH 73  472 472 HOH HOH A . 
B 2 HOH 74  473 473 HOH HOH A . 
B 2 HOH 75  474 474 HOH HOH A . 
B 2 HOH 76  475 475 HOH HOH A . 
B 2 HOH 77  476 476 HOH HOH A . 
B 2 HOH 78  477 477 HOH HOH A . 
B 2 HOH 79  478 478 HOH HOH A . 
B 2 HOH 80  479 479 HOH HOH A . 
B 2 HOH 81  480 480 HOH HOH A . 
B 2 HOH 82  481 481 HOH HOH A . 
B 2 HOH 83  482 482 HOH HOH A . 
B 2 HOH 84  483 483 HOH HOH A . 
B 2 HOH 85  484 484 HOH HOH A . 
B 2 HOH 86  485 485 HOH HOH A . 
B 2 HOH 87  486 486 HOH HOH A . 
B 2 HOH 88  487 487 HOH HOH A . 
B 2 HOH 89  488 488 HOH HOH A . 
B 2 HOH 90  489 489 HOH HOH A . 
B 2 HOH 91  490 490 HOH HOH A . 
B 2 HOH 92  491 491 HOH HOH A . 
B 2 HOH 93  492 492 HOH HOH A . 
B 2 HOH 94  493 493 HOH HOH A . 
B 2 HOH 95  494 494 HOH HOH A . 
B 2 HOH 96  495 495 HOH HOH A . 
B 2 HOH 97  496 496 HOH HOH A . 
B 2 HOH 98  497 497 HOH HOH A . 
B 2 HOH 99  498 498 HOH HOH A . 
B 2 HOH 100 499 499 HOH HOH A . 
B 2 HOH 101 500 500 HOH HOH A . 
B 2 HOH 102 501 501 HOH HOH A . 
B 2 HOH 103 502 502 HOH HOH A . 
B 2 HOH 104 503 503 HOH HOH A . 
B 2 HOH 105 504 504 HOH HOH A . 
B 2 HOH 106 505 505 HOH HOH A . 
B 2 HOH 107 506 506 HOH HOH A . 
B 2 HOH 108 507 507 HOH HOH A . 
B 2 HOH 109 508 508 HOH HOH A . 
B 2 HOH 110 509 509 HOH HOH A . 
B 2 HOH 111 510 510 HOH HOH A . 
B 2 HOH 112 511 511 HOH HOH A . 
B 2 HOH 113 512 512 HOH HOH A . 
B 2 HOH 114 513 513 HOH HOH A . 
B 2 HOH 115 514 514 HOH HOH A . 
B 2 HOH 116 515 515 HOH HOH A . 
B 2 HOH 117 516 516 HOH HOH A . 
B 2 HOH 118 517 517 HOH HOH A . 
B 2 HOH 119 518 518 HOH HOH A . 
B 2 HOH 120 519 519 HOH HOH A . 
B 2 HOH 121 520 520 HOH HOH A . 
B 2 HOH 122 521 521 HOH HOH A . 
B 2 HOH 123 522 522 HOH HOH A . 
B 2 HOH 124 523 523 HOH HOH A . 
B 2 HOH 125 524 524 HOH HOH A . 
B 2 HOH 126 525 525 HOH HOH A . 
B 2 HOH 127 526 526 HOH HOH A . 
B 2 HOH 128 527 527 HOH HOH A . 
B 2 HOH 129 528 528 HOH HOH A . 
B 2 HOH 130 529 529 HOH HOH A . 
B 2 HOH 131 530 530 HOH HOH A . 
B 2 HOH 132 531 531 HOH HOH A . 
B 2 HOH 133 532 532 HOH HOH A . 
B 2 HOH 134 533 533 HOH HOH A . 
B 2 HOH 135 534 534 HOH HOH A . 
B 2 HOH 136 535 535 HOH HOH A . 
B 2 HOH 137 536 536 HOH HOH A . 
B 2 HOH 138 537 537 HOH HOH A . 
B 2 HOH 139 538 538 HOH HOH A . 
B 2 HOH 140 539 539 HOH HOH A . 
B 2 HOH 141 540 540 HOH HOH A . 
B 2 HOH 142 541 541 HOH HOH A . 
B 2 HOH 143 542 542 HOH HOH A . 
B 2 HOH 144 543 543 HOH HOH A . 
B 2 HOH 145 544 544 HOH HOH A . 
B 2 HOH 146 545 545 HOH HOH A . 
B 2 HOH 147 546 546 HOH HOH A . 
B 2 HOH 148 547 547 HOH HOH A . 
B 2 HOH 149 548 548 HOH HOH A . 
B 2 HOH 150 549 549 HOH HOH A . 
B 2 HOH 151 550 550 HOH HOH A . 
B 2 HOH 152 551 551 HOH HOH A . 
B 2 HOH 153 552 552 HOH HOH A . 
B 2 HOH 154 553 553 HOH HOH A . 
B 2 HOH 155 554 554 HOH HOH A . 
B 2 HOH 156 555 555 HOH HOH A . 
B 2 HOH 157 556 556 HOH HOH A . 
B 2 HOH 158 557 557 HOH HOH A . 
B 2 HOH 159 558 558 HOH HOH A . 
B 2 HOH 160 559 559 HOH HOH A . 
B 2 HOH 161 560 560 HOH HOH A . 
B 2 HOH 162 561 561 HOH HOH A . 
B 2 HOH 163 562 562 HOH HOH A . 
B 2 HOH 164 563 563 HOH HOH A . 
B 2 HOH 165 564 564 HOH HOH A . 
B 2 HOH 166 565 565 HOH HOH A . 
B 2 HOH 167 566 566 HOH HOH A . 
B 2 HOH 168 567 567 HOH HOH A . 
B 2 HOH 169 568 568 HOH HOH A . 
B 2 HOH 170 569 569 HOH HOH A . 
B 2 HOH 171 570 570 HOH HOH A . 
B 2 HOH 172 571 571 HOH HOH A . 
B 2 HOH 173 572 572 HOH HOH A . 
B 2 HOH 174 573 573 HOH HOH A . 
B 2 HOH 175 574 574 HOH HOH A . 
B 2 HOH 176 575 575 HOH HOH A . 
B 2 HOH 177 576 576 HOH HOH A . 
B 2 HOH 178 577 577 HOH HOH A . 
B 2 HOH 179 578 578 HOH HOH A . 
B 2 HOH 180 579 579 HOH HOH A . 
B 2 HOH 181 580 580 HOH HOH A . 
B 2 HOH 182 581 581 HOH HOH A . 
B 2 HOH 183 582 582 HOH HOH A . 
B 2 HOH 184 583 583 HOH HOH A . 
B 2 HOH 185 584 584 HOH HOH A . 
B 2 HOH 186 585 585 HOH HOH A . 
B 2 HOH 187 586 586 HOH HOH A . 
B 2 HOH 188 587 587 HOH HOH A . 
B 2 HOH 189 588 588 HOH HOH A . 
B 2 HOH 190 589 589 HOH HOH A . 
B 2 HOH 191 590 590 HOH HOH A . 
B 2 HOH 192 591 591 HOH HOH A . 
B 2 HOH 193 592 592 HOH HOH A . 
B 2 HOH 194 593 593 HOH HOH A . 
B 2 HOH 195 594 594 HOH HOH A . 
B 2 HOH 196 595 595 HOH HOH A . 
B 2 HOH 197 596 596 HOH HOH A . 
B 2 HOH 198 597 597 HOH HOH A . 
B 2 HOH 199 598 598 HOH HOH A . 
B 2 HOH 200 599 599 HOH HOH A . 
B 2 HOH 201 600 600 HOH HOH A . 
B 2 HOH 202 601 601 HOH HOH A . 
B 2 HOH 203 602 602 HOH HOH A . 
B 2 HOH 204 603 603 HOH HOH A . 
B 2 HOH 205 604 604 HOH HOH A . 
B 2 HOH 206 605 605 HOH HOH A . 
B 2 HOH 207 606 606 HOH HOH A . 
B 2 HOH 208 607 607 HOH HOH A . 
B 2 HOH 209 608 608 HOH HOH A . 
B 2 HOH 210 609 609 HOH HOH A . 
B 2 HOH 211 610 610 HOH HOH A . 
B 2 HOH 212 611 611 HOH HOH A . 
B 2 HOH 213 612 612 HOH HOH A . 
B 2 HOH 214 613 613 HOH HOH A . 
B 2 HOH 215 614 614 HOH HOH A . 
B 2 HOH 216 615 615 HOH HOH A . 
B 2 HOH 217 616 616 HOH HOH A . 
B 2 HOH 218 617 617 HOH HOH A . 
B 2 HOH 219 618 618 HOH HOH A . 
# 
loop_
_software.name 
_software.classification 
_software.version 
_software.citation_id 
_software.pdbx_ordinal 
X-PLOR 'model building' . ? 1 
X-PLOR refinement       . ? 2 
MSC    'data reduction' . ? 3 
X-PLOR phasing          . ? 4 
# 
_cell.entry_id           1VLS 
_cell.length_a           65.020 
_cell.length_b           65.020 
_cell.length_c           72.380 
_cell.angle_alpha        90.00 
_cell.angle_beta         90.00 
_cell.angle_gamma        90.00 
_cell.Z_PDB              8 
_cell.pdbx_unique_axis   ? 
# 
_symmetry.entry_id                         1VLS 
_symmetry.space_group_name_H-M             'I 41' 
_symmetry.pdbx_full_space_group_name_H-M   ? 
_symmetry.cell_setting                     ? 
_symmetry.Int_Tables_number                80 
# 
_exptl.entry_id          1VLS 
_exptl.method            'X-RAY DIFFRACTION' 
_exptl.crystals_number   ? 
# 
_exptl_crystal.id                    1 
_exptl_crystal.density_meas          ? 
_exptl_crystal.density_Matthews      2.34 
_exptl_crystal.density_percent_sol   42. 
_exptl_crystal.description           ? 
# 
_diffrn.id                     1 
_diffrn.ambient_temp           ? 
_diffrn.ambient_temp_details   ? 
_diffrn.crystal_id             1 
# 
_diffrn_detector.diffrn_id              1 
_diffrn_detector.detector               'IMAGE PLATE' 
_diffrn_detector.type                   RIGAKU 
_diffrn_detector.pdbx_collection_date   ? 
_diffrn_detector.details                ? 
# 
_diffrn_radiation.diffrn_id                        1 
_diffrn_radiation.wavelength_id                    1 
_diffrn_radiation.pdbx_monochromatic_or_laue_m_l   M 
_diffrn_radiation.monochromator                    ? 
_diffrn_radiation.pdbx_diffrn_protocol             ? 
_diffrn_radiation.pdbx_scattering_type             x-ray 
# 
_diffrn_radiation_wavelength.id           1 
_diffrn_radiation_wavelength.wavelength   1.5418 
_diffrn_radiation_wavelength.wt           1.0 
# 
_diffrn_source.diffrn_id                   1 
_diffrn_source.source                      ? 
_diffrn_source.type                        ? 
_diffrn_source.pdbx_synchrotron_site       ? 
_diffrn_source.pdbx_synchrotron_beamline   ? 
_diffrn_source.pdbx_wavelength             1.5418 
_diffrn_source.pdbx_wavelength_list        ? 
# 
_reflns.entry_id                     1VLS 
_reflns.observed_criterion_sigma_I   ? 
_reflns.observed_criterion_sigma_F   ? 
_reflns.d_resolution_low             ? 
_reflns.d_resolution_high            ? 
_reflns.number_obs                   ? 
_reflns.number_all                   ? 
_reflns.percent_possible_obs         ? 
_reflns.pdbx_Rmerge_I_obs            0.0720000 
_reflns.pdbx_Rsym_value              ? 
_reflns.pdbx_netI_over_sigmaI        ? 
_reflns.B_iso_Wilson_estimate        ? 
_reflns.pdbx_redundancy              4.2 
_reflns.pdbx_diffrn_id               1 
_reflns.pdbx_ordinal                 1 
# 
_refine.entry_id                                 1VLS 
_refine.ls_number_reflns_obs                     12189 
_refine.ls_number_reflns_all                     ? 
_refine.pdbx_ls_sigma_I                          ? 
_refine.pdbx_ls_sigma_F                          1. 
_refine.pdbx_data_cutoff_high_absF               ? 
_refine.pdbx_data_cutoff_low_absF                ? 
_refine.pdbx_data_cutoff_high_rms_absF           ? 
_refine.ls_d_res_low                             6. 
_refine.ls_d_res_high                            1.85 
_refine.ls_percent_reflns_obs                    98. 
_refine.ls_R_factor_obs                          0.1970000 
_refine.ls_R_factor_all                          ? 
_refine.ls_R_factor_R_work                       0.1970000 
_refine.ls_R_factor_R_free                       ? 
_refine.ls_R_factor_R_free_error                 ? 
_refine.ls_R_factor_R_free_error_details         ? 
_refine.ls_percent_reflns_R_free                 ? 
_refine.ls_number_reflns_R_free                  ? 
_refine.ls_number_parameters                     ? 
_refine.ls_number_restraints                     ? 
_refine.occupancy_min                            ? 
_refine.occupancy_max                            ? 
_refine.B_iso_mean                               32.7 
_refine.aniso_B[1][1]                            ? 
_refine.aniso_B[2][2]                            ? 
_refine.aniso_B[3][3]                            ? 
_refine.aniso_B[1][2]                            ? 
_refine.aniso_B[1][3]                            ? 
_refine.aniso_B[2][3]                            ? 
_refine.solvent_model_details                    ? 
_refine.solvent_model_param_ksol                 ? 
_refine.solvent_model_param_bsol                 ? 
_refine.pdbx_ls_cross_valid_method               ? 
_refine.details                                  ? 
_refine.pdbx_starting_model                      ? 
_refine.pdbx_method_to_determine_struct          ? 
_refine.pdbx_isotropic_thermal_model             ? 
_refine.pdbx_stereochemistry_target_values       ? 
_refine.pdbx_stereochem_target_val_spec_case     ? 
_refine.pdbx_R_Free_selection_details            ? 
_refine.pdbx_overall_ESU_R                       ? 
_refine.pdbx_overall_ESU_R_Free                  ? 
_refine.overall_SU_ML                            ? 
_refine.overall_SU_B                             ? 
_refine.pdbx_refine_id                           'X-RAY DIFFRACTION' 
_refine.pdbx_diffrn_id                           1 
_refine.pdbx_TLS_residual_ADP_flag               ? 
_refine.correlation_coeff_Fo_to_Fc               ? 
_refine.correlation_coeff_Fo_to_Fc_free          ? 
_refine.pdbx_solvent_vdw_probe_radii             ? 
_refine.pdbx_solvent_ion_probe_radii             ? 
_refine.pdbx_solvent_shrinkage_radii             ? 
_refine.pdbx_overall_phase_error                 ? 
_refine.overall_SU_R_Cruickshank_DPI             ? 
_refine.pdbx_overall_SU_R_free_Cruickshank_DPI   ? 
_refine.pdbx_overall_SU_R_Blow_DPI               ? 
_refine.pdbx_overall_SU_R_free_Blow_DPI          ? 
# 
_refine_hist.pdbx_refine_id                   'X-RAY DIFFRACTION' 
_refine_hist.cycle_id                         LAST 
_refine_hist.pdbx_number_atoms_protein        1144 
_refine_hist.pdbx_number_atoms_nucleic_acid   0 
_refine_hist.pdbx_number_atoms_ligand         0 
_refine_hist.number_atoms_solvent             190 
_refine_hist.number_atoms_total               1334 
_refine_hist.d_res_high                       1.85 
_refine_hist.d_res_low                        6. 
# 
_struct.entry_id                  1VLS 
_struct.title                     'LIGAND BINDING DOMAIN OF THE WILD-TYPE ASPARTATE RECEPTOR' 
_struct.pdbx_model_details        ? 
_struct.pdbx_CASP_flag            ? 
_struct.pdbx_model_type_details   ? 
# 
_struct_keywords.entry_id        1VLS 
_struct_keywords.pdbx_keywords   CHEMOTAXIS 
_struct_keywords.text            'CHEMOTAXIS, BACTERIAL CHEMOTAXIS RECEPTOR, UNBOUND' 
# 
loop_
_struct_asym.id 
_struct_asym.pdbx_blank_PDB_chainid_flag 
_struct_asym.pdbx_modified 
_struct_asym.entity_id 
_struct_asym.details 
A N N 1 ? 
B N N 2 ? 
# 
_struct_ref.id                         1 
_struct_ref.db_name                    UNP 
_struct_ref.db_code                    MCP2_SALTY 
_struct_ref.entity_id                  1 
_struct_ref.pdbx_db_accession          P02941 
_struct_ref.pdbx_align_begin           1 
_struct_ref.pdbx_seq_one_letter_code   
;MFNRIRVVTMLMMVLGVFALLQLVSGGLLFSSLQHNQQGFVISNELRQQQSELTSTWDLMLQTRINLSRSAARMMMDASN
QQSSAKTDLLQNAKTTLAQAAAHYANFKNMTPLPAMAEASANVDEKYQRYQAALAELIQFLDNGNMDAYFAQPTQGMQNA
LGEALGNYARVSENLYRQTFDQSAHDYRFAQWQLGVLAVVLVLILMVVWFGIRHALLNPLARVITHIREIASGDLTKTLT
VSGRNGIGELAGTVEHMQRSLIDTVTQVREGSDAIYSGTSEIAAGNTDLSSRTEQQASALEETAASMEQLTATVKQNADN
ARQASQLAQSASETARHGGKVVDGVVNTMHEIADSSKKIADIISVIDGIAFQTNILALNAAVEAARAGEQGRGFAVVAGE
VRNLASRSAQAAKEIKALIEDSVSRVDTGSVLVESAGETMTDIVNAVTRVADIMGEIASASDEQSRGIDQVALAVSEMDR
VTQQNASLVQESAAAAAALEEQASRLTQAVSAFRLASRPLAVNKPEMRLSVNAQSGNTPQSLAARDDANWETF
;
_struct_ref.pdbx_db_isoform            ? 
# 
_struct_ref_seq.align_id                      1 
_struct_ref_seq.ref_id                        1 
_struct_ref_seq.pdbx_PDB_id_code              1VLS 
_struct_ref_seq.pdbx_strand_id                A 
_struct_ref_seq.seq_align_beg                 2 
_struct_ref_seq.pdbx_seq_align_beg_ins_code   ? 
_struct_ref_seq.seq_align_end                 146 
_struct_ref_seq.pdbx_seq_align_end_ins_code   ? 
_struct_ref_seq.pdbx_db_accession             P02941 
_struct_ref_seq.db_align_beg                  36 
_struct_ref_seq.pdbx_db_align_beg_ins_code    ? 
_struct_ref_seq.db_align_end                  180 
_struct_ref_seq.pdbx_db_align_end_ins_code    ? 
_struct_ref_seq.pdbx_auth_seq_align_beg       36 
_struct_ref_seq.pdbx_auth_seq_align_end       180 
# 
_pdbx_struct_assembly.id                   1 
_pdbx_struct_assembly.details              author_defined_assembly 
_pdbx_struct_assembly.method_details       ? 
_pdbx_struct_assembly.oligomeric_details   dimeric 
_pdbx_struct_assembly.oligomeric_count     2 
# 
_pdbx_struct_assembly_gen.assembly_id       1 
_pdbx_struct_assembly_gen.oper_expression   1,2 
_pdbx_struct_assembly_gen.asym_id_list      A,B 
# 
loop_
_pdbx_struct_oper_list.id 
_pdbx_struct_oper_list.type 
_pdbx_struct_oper_list.name 
_pdbx_struct_oper_list.symmetry_operation 
_pdbx_struct_oper_list.matrix[1][1] 
_pdbx_struct_oper_list.matrix[1][2] 
_pdbx_struct_oper_list.matrix[1][3] 
_pdbx_struct_oper_list.vector[1] 
_pdbx_struct_oper_list.matrix[2][1] 
_pdbx_struct_oper_list.matrix[2][2] 
_pdbx_struct_oper_list.matrix[2][3] 
_pdbx_struct_oper_list.vector[2] 
_pdbx_struct_oper_list.matrix[3][1] 
_pdbx_struct_oper_list.matrix[3][2] 
_pdbx_struct_oper_list.matrix[3][3] 
_pdbx_struct_oper_list.vector[3] 
1 'identity operation'         1_555 x,y,z       1.0000000000 0.0000000000  0.0000000000 0.0000000000  0.0000000000  1.0000000000  0.0000000000  0.0000000000   0.0000000000 0.0000000000  1.0000000000  0.0000000000 
2 'crystal symmetry operation' 6_665 -x+1,-y+1,z 0.5326371929 -0.3918275689 0.7501791633 -6.2841413324 -0.3918275689 -0.8998270142 -0.1917876449 -16.0277209544 0.7501791633 -0.1917876449 -0.6328101787 4.4672072475 
# 
_struct_biol.id   1 
# 
loop_
_struct_conf.conf_type_id 
_struct_conf.id 
_struct_conf.pdbx_PDB_helix_id 
_struct_conf.beg_label_comp_id 
_struct_conf.beg_label_asym_id 
_struct_conf.beg_label_seq_id 
_struct_conf.pdbx_beg_PDB_ins_code 
_struct_conf.end_label_comp_id 
_struct_conf.end_label_asym_id 
_struct_conf.end_label_seq_id 
_struct_conf.pdbx_end_PDB_ins_code 
_struct_conf.beg_auth_comp_id 
_struct_conf.beg_auth_asym_id 
_struct_conf.beg_auth_seq_id 
_struct_conf.end_auth_comp_id 
_struct_conf.end_auth_asym_id 
_struct_conf.end_auth_seq_id 
_struct_conf.pdbx_PDB_helix_class 
_struct_conf.details 
_struct_conf.pdbx_PDB_helix_length 
HELX_P HELX_P1 1 ASN A 2   ? ARG A 39  ? ASN A 36  ARG A 73  5 ? 38 
HELX_P HELX_P2 2 LEU A 55  ? ASN A 75  ? LEU A 89  ASN A 109 1 ? 21 
HELX_P HELX_P3 3 PRO A 80  ? ASP A 108 ? PRO A 114 ASP A 142 5 ? 29 
HELX_P HELX_P4 4 MET A 112 ? ALA A 117 ? MET A 146 ALA A 151 1 ? 6  
HELX_P HELX_P5 5 THR A 120 ? GLN A 144 ? THR A 154 GLN A 178 1 ? 25 
# 
_struct_conf_type.id          HELX_P 
_struct_conf_type.criteria    ? 
_struct_conf_type.reference   ? 
# 
loop_
_pdbx_validate_symm_contact.id 
_pdbx_validate_symm_contact.PDB_model_num 
_pdbx_validate_symm_contact.auth_atom_id_1 
_pdbx_validate_symm_contact.auth_asym_id_1 
_pdbx_validate_symm_contact.auth_comp_id_1 
_pdbx_validate_symm_contact.auth_seq_id_1 
_pdbx_validate_symm_contact.PDB_ins_code_1 
_pdbx_validate_symm_contact.label_alt_id_1 
_pdbx_validate_symm_contact.site_symmetry_1 
_pdbx_validate_symm_contact.auth_atom_id_2 
_pdbx_validate_symm_contact.auth_asym_id_2 
_pdbx_validate_symm_contact.auth_comp_id_2 
_pdbx_validate_symm_contact.auth_seq_id_2 
_pdbx_validate_symm_contact.PDB_ins_code_2 
_pdbx_validate_symm_contact.label_alt_id_2 
_pdbx_validate_symm_contact.site_symmetry_2 
_pdbx_validate_symm_contact.dist 
1 1 O   A HOH 537 ? ? 1_555 O A HOH 537 ? ? 6_665 1.78 
2 1 O   A HOH 531 ? ? 1_555 O A HOH 556 ? ? 6_665 2.08 
3 1 OD1 A ASP 77  ? ? 1_555 O A HOH 438 ? ? 6_665 2.09 
4 1 O   A HOH 511 ? ? 1_555 O A HOH 527 ? ? 6_665 2.15 
5 1 OG  A SER 51  ? ? 1_555 O A HOH 508 ? ? 6_665 2.16 
# 
loop_
_pdbx_validate_torsion.id 
_pdbx_validate_torsion.PDB_model_num 
_pdbx_validate_torsion.auth_comp_id 
_pdbx_validate_torsion.auth_asym_id 
_pdbx_validate_torsion.auth_seq_id 
_pdbx_validate_torsion.PDB_ins_code 
_pdbx_validate_torsion.label_alt_id 
_pdbx_validate_torsion.phi 
_pdbx_validate_torsion.psi 
1  1 SER A 51  ? ? -56.68  -76.09  
2  1 MET A 74  ? ? -88.65  44.72   
3  1 MET A 75  ? ? -150.94 -133.13 
4  1 ASP A 77  ? ? -96.16  40.79   
5  1 ALA A 78  ? ? -61.72  -74.87  
6  1 SER A 79  ? ? 72.04   -73.04  
7  1 SER A 83  ? ? 83.04   25.68   
8  1 SER A 84  ? ? -21.73  130.84  
9  1 ALA A 85  ? ? 76.54   -70.95  
10 1 THR A 87  ? ? -52.14  -81.59  
11 1 ASP A 88  ? ? -113.87 -71.35  
12 1 GLN A 178 ? ? -94.24  32.60   
13 1 THR A 179 ? ? -152.05 6.19    
# 
loop_
_pdbx_unobs_or_zero_occ_residues.id 
_pdbx_unobs_or_zero_occ_residues.PDB_model_num 
_pdbx_unobs_or_zero_occ_residues.polymer_flag 
_pdbx_unobs_or_zero_occ_residues.occupancy_flag 
_pdbx_unobs_or_zero_occ_residues.auth_asym_id 
_pdbx_unobs_or_zero_occ_residues.auth_comp_id 
_pdbx_unobs_or_zero_occ_residues.auth_seq_id 
_pdbx_unobs_or_zero_occ_residues.PDB_ins_code 
_pdbx_unobs_or_zero_occ_residues.label_asym_id 
_pdbx_unobs_or_zero_occ_residues.label_comp_id 
_pdbx_unobs_or_zero_occ_residues.label_seq_id 
1 1 Y 0 A ALA 78 ? A ALA 44 
2 1 Y 0 A SER 79 ? A SER 45 
3 1 Y 0 A ASN 80 ? A ASN 46 
4 1 Y 0 A GLN 81 ? A GLN 47 
5 1 Y 0 A GLN 82 ? A GLN 48 
6 1 Y 0 A SER 83 ? A SER 49 
# 
loop_
_chem_comp_atom.comp_id 
_chem_comp_atom.atom_id 
_chem_comp_atom.type_symbol 
_chem_comp_atom.pdbx_aromatic_flag 
_chem_comp_atom.pdbx_stereo_config 
_chem_comp_atom.pdbx_ordinal 
ALA N    N N N 1   
ALA CA   C N S 2   
ALA C    C N N 3   
ALA O    O N N 4   
ALA CB   C N N 5   
ALA OXT  O N N 6   
ALA H    H N N 7   
ALA H2   H N N 8   
ALA HA   H N N 9   
ALA HB1  H N N 10  
ALA HB2  H N N 11  
ALA HB3  H N N 12  
ALA HXT  H N N 13  
ARG N    N N N 14  
ARG CA   C N S 15  
ARG C    C N N 16  
ARG O    O N N 17  
ARG CB   C N N 18  
ARG CG   C N N 19  
ARG CD   C N N 20  
ARG NE   N N N 21  
ARG CZ   C N N 22  
ARG NH1  N N N 23  
ARG NH2  N N N 24  
ARG OXT  O N N 25  
ARG H    H N N 26  
ARG H2   H N N 27  
ARG HA   H N N 28  
ARG HB2  H N N 29  
ARG HB3  H N N 30  
ARG HG2  H N N 31  
ARG HG3  H N N 32  
ARG HD2  H N N 33  
ARG HD3  H N N 34  
ARG HE   H N N 35  
ARG HH11 H N N 36  
ARG HH12 H N N 37  
ARG HH21 H N N 38  
ARG HH22 H N N 39  
ARG HXT  H N N 40  
ASN N    N N N 41  
ASN CA   C N S 42  
ASN C    C N N 43  
ASN O    O N N 44  
ASN CB   C N N 45  
ASN CG   C N N 46  
ASN OD1  O N N 47  
ASN ND2  N N N 48  
ASN OXT  O N N 49  
ASN H    H N N 50  
ASN H2   H N N 51  
ASN HA   H N N 52  
ASN HB2  H N N 53  
ASN HB3  H N N 54  
ASN HD21 H N N 55  
ASN HD22 H N N 56  
ASN HXT  H N N 57  
ASP N    N N N 58  
ASP CA   C N S 59  
ASP C    C N N 60  
ASP O    O N N 61  
ASP CB   C N N 62  
ASP CG   C N N 63  
ASP OD1  O N N 64  
ASP OD2  O N N 65  
ASP OXT  O N N 66  
ASP H    H N N 67  
ASP H2   H N N 68  
ASP HA   H N N 69  
ASP HB2  H N N 70  
ASP HB3  H N N 71  
ASP HD2  H N N 72  
ASP HXT  H N N 73  
GLN N    N N N 74  
GLN CA   C N S 75  
GLN C    C N N 76  
GLN O    O N N 77  
GLN CB   C N N 78  
GLN CG   C N N 79  
GLN CD   C N N 80  
GLN OE1  O N N 81  
GLN NE2  N N N 82  
GLN OXT  O N N 83  
GLN H    H N N 84  
GLN H2   H N N 85  
GLN HA   H N N 86  
GLN HB2  H N N 87  
GLN HB3  H N N 88  
GLN HG2  H N N 89  
GLN HG3  H N N 90  
GLN HE21 H N N 91  
GLN HE22 H N N 92  
GLN HXT  H N N 93  
GLU N    N N N 94  
GLU CA   C N S 95  
GLU C    C N N 96  
GLU O    O N N 97  
GLU CB   C N N 98  
GLU CG   C N N 99  
GLU CD   C N N 100 
GLU OE1  O N N 101 
GLU OE2  O N N 102 
GLU OXT  O N N 103 
GLU H    H N N 104 
GLU H2   H N N 105 
GLU HA   H N N 106 
GLU HB2  H N N 107 
GLU HB3  H N N 108 
GLU HG2  H N N 109 
GLU HG3  H N N 110 
GLU HE2  H N N 111 
GLU HXT  H N N 112 
GLY N    N N N 113 
GLY CA   C N N 114 
GLY C    C N N 115 
GLY O    O N N 116 
GLY OXT  O N N 117 
GLY H    H N N 118 
GLY H2   H N N 119 
GLY HA2  H N N 120 
GLY HA3  H N N 121 
GLY HXT  H N N 122 
HIS N    N N N 123 
HIS CA   C N S 124 
HIS C    C N N 125 
HIS O    O N N 126 
HIS CB   C N N 127 
HIS CG   C Y N 128 
HIS ND1  N Y N 129 
HIS CD2  C Y N 130 
HIS CE1  C Y N 131 
HIS NE2  N Y N 132 
HIS OXT  O N N 133 
HIS H    H N N 134 
HIS H2   H N N 135 
HIS HA   H N N 136 
HIS HB2  H N N 137 
HIS HB3  H N N 138 
HIS HD1  H N N 139 
HIS HD2  H N N 140 
HIS HE1  H N N 141 
HIS HE2  H N N 142 
HIS HXT  H N N 143 
HOH O    O N N 144 
HOH H1   H N N 145 
HOH H2   H N N 146 
ILE N    N N N 147 
ILE CA   C N S 148 
ILE C    C N N 149 
ILE O    O N N 150 
ILE CB   C N S 151 
ILE CG1  C N N 152 
ILE CG2  C N N 153 
ILE CD1  C N N 154 
ILE OXT  O N N 155 
ILE H    H N N 156 
ILE H2   H N N 157 
ILE HA   H N N 158 
ILE HB   H N N 159 
ILE HG12 H N N 160 
ILE HG13 H N N 161 
ILE HG21 H N N 162 
ILE HG22 H N N 163 
ILE HG23 H N N 164 
ILE HD11 H N N 165 
ILE HD12 H N N 166 
ILE HD13 H N N 167 
ILE HXT  H N N 168 
LEU N    N N N 169 
LEU CA   C N S 170 
LEU C    C N N 171 
LEU O    O N N 172 
LEU CB   C N N 173 
LEU CG   C N N 174 
LEU CD1  C N N 175 
LEU CD2  C N N 176 
LEU OXT  O N N 177 
LEU H    H N N 178 
LEU H2   H N N 179 
LEU HA   H N N 180 
LEU HB2  H N N 181 
LEU HB3  H N N 182 
LEU HG   H N N 183 
LEU HD11 H N N 184 
LEU HD12 H N N 185 
LEU HD13 H N N 186 
LEU HD21 H N N 187 
LEU HD22 H N N 188 
LEU HD23 H N N 189 
LEU HXT  H N N 190 
LYS N    N N N 191 
LYS CA   C N S 192 
LYS C    C N N 193 
LYS O    O N N 194 
LYS CB   C N N 195 
LYS CG   C N N 196 
LYS CD   C N N 197 
LYS CE   C N N 198 
LYS NZ   N N N 199 
LYS OXT  O N N 200 
LYS H    H N N 201 
LYS H2   H N N 202 
LYS HA   H N N 203 
LYS HB2  H N N 204 
LYS HB3  H N N 205 
LYS HG2  H N N 206 
LYS HG3  H N N 207 
LYS HD2  H N N 208 
LYS HD3  H N N 209 
LYS HE2  H N N 210 
LYS HE3  H N N 211 
LYS HZ1  H N N 212 
LYS HZ2  H N N 213 
LYS HZ3  H N N 214 
LYS HXT  H N N 215 
MET N    N N N 216 
MET CA   C N S 217 
MET C    C N N 218 
MET O    O N N 219 
MET CB   C N N 220 
MET CG   C N N 221 
MET SD   S N N 222 
MET CE   C N N 223 
MET OXT  O N N 224 
MET H    H N N 225 
MET H2   H N N 226 
MET HA   H N N 227 
MET HB2  H N N 228 
MET HB3  H N N 229 
MET HG2  H N N 230 
MET HG3  H N N 231 
MET HE1  H N N 232 
MET HE2  H N N 233 
MET HE3  H N N 234 
MET HXT  H N N 235 
PHE N    N N N 236 
PHE CA   C N S 237 
PHE C    C N N 238 
PHE O    O N N 239 
PHE CB   C N N 240 
PHE CG   C Y N 241 
PHE CD1  C Y N 242 
PHE CD2  C Y N 243 
PHE CE1  C Y N 244 
PHE CE2  C Y N 245 
PHE CZ   C Y N 246 
PHE OXT  O N N 247 
PHE H    H N N 248 
PHE H2   H N N 249 
PHE HA   H N N 250 
PHE HB2  H N N 251 
PHE HB3  H N N 252 
PHE HD1  H N N 253 
PHE HD2  H N N 254 
PHE HE1  H N N 255 
PHE HE2  H N N 256 
PHE HZ   H N N 257 
PHE HXT  H N N 258 
PRO N    N N N 259 
PRO CA   C N S 260 
PRO C    C N N 261 
PRO O    O N N 262 
PRO CB   C N N 263 
PRO CG   C N N 264 
PRO CD   C N N 265 
PRO OXT  O N N 266 
PRO H    H N N 267 
PRO HA   H N N 268 
PRO HB2  H N N 269 
PRO HB3  H N N 270 
PRO HG2  H N N 271 
PRO HG3  H N N 272 
PRO HD2  H N N 273 
PRO HD3  H N N 274 
PRO HXT  H N N 275 
SER N    N N N 276 
SER CA   C N S 277 
SER C    C N N 278 
SER O    O N N 279 
SER CB   C N N 280 
SER OG   O N N 281 
SER OXT  O N N 282 
SER H    H N N 283 
SER H2   H N N 284 
SER HA   H N N 285 
SER HB2  H N N 286 
SER HB3  H N N 287 
SER HG   H N N 288 
SER HXT  H N N 289 
THR N    N N N 290 
THR CA   C N S 291 
THR C    C N N 292 
THR O    O N N 293 
THR CB   C N R 294 
THR OG1  O N N 295 
THR CG2  C N N 296 
THR OXT  O N N 297 
THR H    H N N 298 
THR H2   H N N 299 
THR HA   H N N 300 
THR HB   H N N 301 
THR HG1  H N N 302 
THR HG21 H N N 303 
THR HG22 H N N 304 
THR HG23 H N N 305 
THR HXT  H N N 306 
TRP N    N N N 307 
TRP CA   C N S 308 
TRP C    C N N 309 
TRP O    O N N 310 
TRP CB   C N N 311 
TRP CG   C Y N 312 
TRP CD1  C Y N 313 
TRP CD2  C Y N 314 
TRP NE1  N Y N 315 
TRP CE2  C Y N 316 
TRP CE3  C Y N 317 
TRP CZ2  C Y N 318 
TRP CZ3  C Y N 319 
TRP CH2  C Y N 320 
TRP OXT  O N N 321 
TRP H    H N N 322 
TRP H2   H N N 323 
TRP HA   H N N 324 
TRP HB2  H N N 325 
TRP HB3  H N N 326 
TRP HD1  H N N 327 
TRP HE1  H N N 328 
TRP HE3  H N N 329 
TRP HZ2  H N N 330 
TRP HZ3  H N N 331 
TRP HH2  H N N 332 
TRP HXT  H N N 333 
TYR N    N N N 334 
TYR CA   C N S 335 
TYR C    C N N 336 
TYR O    O N N 337 
TYR CB   C N N 338 
TYR CG   C Y N 339 
TYR CD1  C Y N 340 
TYR CD2  C Y N 341 
TYR CE1  C Y N 342 
TYR CE2  C Y N 343 
TYR CZ   C Y N 344 
TYR OH   O N N 345 
TYR OXT  O N N 346 
TYR H    H N N 347 
TYR H2   H N N 348 
TYR HA   H N N 349 
TYR HB2  H N N 350 
TYR HB3  H N N 351 
TYR HD1  H N N 352 
TYR HD2  H N N 353 
TYR HE1  H N N 354 
TYR HE2  H N N 355 
TYR HH   H N N 356 
TYR HXT  H N N 357 
VAL N    N N N 358 
VAL CA   C N S 359 
VAL C    C N N 360 
VAL O    O N N 361 
VAL CB   C N N 362 
VAL CG1  C N N 363 
VAL CG2  C N N 364 
VAL OXT  O N N 365 
VAL H    H N N 366 
VAL H2   H N N 367 
VAL HA   H N N 368 
VAL HB   H N N 369 
VAL HG11 H N N 370 
VAL HG12 H N N 371 
VAL HG13 H N N 372 
VAL HG21 H N N 373 
VAL HG22 H N N 374 
VAL HG23 H N N 375 
VAL HXT  H N N 376 
# 
loop_
_chem_comp_bond.comp_id 
_chem_comp_bond.atom_id_1 
_chem_comp_bond.atom_id_2 
_chem_comp_bond.value_order 
_chem_comp_bond.pdbx_aromatic_flag 
_chem_comp_bond.pdbx_stereo_config 
_chem_comp_bond.pdbx_ordinal 
ALA N   CA   sing N N 1   
ALA N   H    sing N N 2   
ALA N   H2   sing N N 3   
ALA CA  C    sing N N 4   
ALA CA  CB   sing N N 5   
ALA CA  HA   sing N N 6   
ALA C   O    doub N N 7   
ALA C   OXT  sing N N 8   
ALA CB  HB1  sing N N 9   
ALA CB  HB2  sing N N 10  
ALA CB  HB3  sing N N 11  
ALA OXT HXT  sing N N 12  
ARG N   CA   sing N N 13  
ARG N   H    sing N N 14  
ARG N   H2   sing N N 15  
ARG CA  C    sing N N 16  
ARG CA  CB   sing N N 17  
ARG CA  HA   sing N N 18  
ARG C   O    doub N N 19  
ARG C   OXT  sing N N 20  
ARG CB  CG   sing N N 21  
ARG CB  HB2  sing N N 22  
ARG CB  HB3  sing N N 23  
ARG CG  CD   sing N N 24  
ARG CG  HG2  sing N N 25  
ARG CG  HG3  sing N N 26  
ARG CD  NE   sing N N 27  
ARG CD  HD2  sing N N 28  
ARG CD  HD3  sing N N 29  
ARG NE  CZ   sing N N 30  
ARG NE  HE   sing N N 31  
ARG CZ  NH1  sing N N 32  
ARG CZ  NH2  doub N N 33  
ARG NH1 HH11 sing N N 34  
ARG NH1 HH12 sing N N 35  
ARG NH2 HH21 sing N N 36  
ARG NH2 HH22 sing N N 37  
ARG OXT HXT  sing N N 38  
ASN N   CA   sing N N 39  
ASN N   H    sing N N 40  
ASN N   H2   sing N N 41  
ASN CA  C    sing N N 42  
ASN CA  CB   sing N N 43  
ASN CA  HA   sing N N 44  
ASN C   O    doub N N 45  
ASN C   OXT  sing N N 46  
ASN CB  CG   sing N N 47  
ASN CB  HB2  sing N N 48  
ASN CB  HB3  sing N N 49  
ASN CG  OD1  doub N N 50  
ASN CG  ND2  sing N N 51  
ASN ND2 HD21 sing N N 52  
ASN ND2 HD22 sing N N 53  
ASN OXT HXT  sing N N 54  
ASP N   CA   sing N N 55  
ASP N   H    sing N N 56  
ASP N   H2   sing N N 57  
ASP CA  C    sing N N 58  
ASP CA  CB   sing N N 59  
ASP CA  HA   sing N N 60  
ASP C   O    doub N N 61  
ASP C   OXT  sing N N 62  
ASP CB  CG   sing N N 63  
ASP CB  HB2  sing N N 64  
ASP CB  HB3  sing N N 65  
ASP CG  OD1  doub N N 66  
ASP CG  OD2  sing N N 67  
ASP OD2 HD2  sing N N 68  
ASP OXT HXT  sing N N 69  
GLN N   CA   sing N N 70  
GLN N   H    sing N N 71  
GLN N   H2   sing N N 72  
GLN CA  C    sing N N 73  
GLN CA  CB   sing N N 74  
GLN CA  HA   sing N N 75  
GLN C   O    doub N N 76  
GLN C   OXT  sing N N 77  
GLN CB  CG   sing N N 78  
GLN CB  HB2  sing N N 79  
GLN CB  HB3  sing N N 80  
GLN CG  CD   sing N N 81  
GLN CG  HG2  sing N N 82  
GLN CG  HG3  sing N N 83  
GLN CD  OE1  doub N N 84  
GLN CD  NE2  sing N N 85  
GLN NE2 HE21 sing N N 86  
GLN NE2 HE22 sing N N 87  
GLN OXT HXT  sing N N 88  
GLU N   CA   sing N N 89  
GLU N   H    sing N N 90  
GLU N   H2   sing N N 91  
GLU CA  C    sing N N 92  
GLU CA  CB   sing N N 93  
GLU CA  HA   sing N N 94  
GLU C   O    doub N N 95  
GLU C   OXT  sing N N 96  
GLU CB  CG   sing N N 97  
GLU CB  HB2  sing N N 98  
GLU CB  HB3  sing N N 99  
GLU CG  CD   sing N N 100 
GLU CG  HG2  sing N N 101 
GLU CG  HG3  sing N N 102 
GLU CD  OE1  doub N N 103 
GLU CD  OE2  sing N N 104 
GLU OE2 HE2  sing N N 105 
GLU OXT HXT  sing N N 106 
GLY N   CA   sing N N 107 
GLY N   H    sing N N 108 
GLY N   H2   sing N N 109 
GLY CA  C    sing N N 110 
GLY CA  HA2  sing N N 111 
GLY CA  HA3  sing N N 112 
GLY C   O    doub N N 113 
GLY C   OXT  sing N N 114 
GLY OXT HXT  sing N N 115 
HIS N   CA   sing N N 116 
HIS N   H    sing N N 117 
HIS N   H2   sing N N 118 
HIS CA  C    sing N N 119 
HIS CA  CB   sing N N 120 
HIS CA  HA   sing N N 121 
HIS C   O    doub N N 122 
HIS C   OXT  sing N N 123 
HIS CB  CG   sing N N 124 
HIS CB  HB2  sing N N 125 
HIS CB  HB3  sing N N 126 
HIS CG  ND1  sing Y N 127 
HIS CG  CD2  doub Y N 128 
HIS ND1 CE1  doub Y N 129 
HIS ND1 HD1  sing N N 130 
HIS CD2 NE2  sing Y N 131 
HIS CD2 HD2  sing N N 132 
HIS CE1 NE2  sing Y N 133 
HIS CE1 HE1  sing N N 134 
HIS NE2 HE2  sing N N 135 
HIS OXT HXT  sing N N 136 
HOH O   H1   sing N N 137 
HOH O   H2   sing N N 138 
ILE N   CA   sing N N 139 
ILE N   H    sing N N 140 
ILE N   H2   sing N N 141 
ILE CA  C    sing N N 142 
ILE CA  CB   sing N N 143 
ILE CA  HA   sing N N 144 
ILE C   O    doub N N 145 
ILE C   OXT  sing N N 146 
ILE CB  CG1  sing N N 147 
ILE CB  CG2  sing N N 148 
ILE CB  HB   sing N N 149 
ILE CG1 CD1  sing N N 150 
ILE CG1 HG12 sing N N 151 
ILE CG1 HG13 sing N N 152 
ILE CG2 HG21 sing N N 153 
ILE CG2 HG22 sing N N 154 
ILE CG2 HG23 sing N N 155 
ILE CD1 HD11 sing N N 156 
ILE CD1 HD12 sing N N 157 
ILE CD1 HD13 sing N N 158 
ILE OXT HXT  sing N N 159 
LEU N   CA   sing N N 160 
LEU N   H    sing N N 161 
LEU N   H2   sing N N 162 
LEU CA  C    sing N N 163 
LEU CA  CB   sing N N 164 
LEU CA  HA   sing N N 165 
LEU C   O    doub N N 166 
LEU C   OXT  sing N N 167 
LEU CB  CG   sing N N 168 
LEU CB  HB2  sing N N 169 
LEU CB  HB3  sing N N 170 
LEU CG  CD1  sing N N 171 
LEU CG  CD2  sing N N 172 
LEU CG  HG   sing N N 173 
LEU CD1 HD11 sing N N 174 
LEU CD1 HD12 sing N N 175 
LEU CD1 HD13 sing N N 176 
LEU CD2 HD21 sing N N 177 
LEU CD2 HD22 sing N N 178 
LEU CD2 HD23 sing N N 179 
LEU OXT HXT  sing N N 180 
LYS N   CA   sing N N 181 
LYS N   H    sing N N 182 
LYS N   H2   sing N N 183 
LYS CA  C    sing N N 184 
LYS CA  CB   sing N N 185 
LYS CA  HA   sing N N 186 
LYS C   O    doub N N 187 
LYS C   OXT  sing N N 188 
LYS CB  CG   sing N N 189 
LYS CB  HB2  sing N N 190 
LYS CB  HB3  sing N N 191 
LYS CG  CD   sing N N 192 
LYS CG  HG2  sing N N 193 
LYS CG  HG3  sing N N 194 
LYS CD  CE   sing N N 195 
LYS CD  HD2  sing N N 196 
LYS CD  HD3  sing N N 197 
LYS CE  NZ   sing N N 198 
LYS CE  HE2  sing N N 199 
LYS CE  HE3  sing N N 200 
LYS NZ  HZ1  sing N N 201 
LYS NZ  HZ2  sing N N 202 
LYS NZ  HZ3  sing N N 203 
LYS OXT HXT  sing N N 204 
MET N   CA   sing N N 205 
MET N   H    sing N N 206 
MET N   H2   sing N N 207 
MET CA  C    sing N N 208 
MET CA  CB   sing N N 209 
MET CA  HA   sing N N 210 
MET C   O    doub N N 211 
MET C   OXT  sing N N 212 
MET CB  CG   sing N N 213 
MET CB  HB2  sing N N 214 
MET CB  HB3  sing N N 215 
MET CG  SD   sing N N 216 
MET CG  HG2  sing N N 217 
MET CG  HG3  sing N N 218 
MET SD  CE   sing N N 219 
MET CE  HE1  sing N N 220 
MET CE  HE2  sing N N 221 
MET CE  HE3  sing N N 222 
MET OXT HXT  sing N N 223 
PHE N   CA   sing N N 224 
PHE N   H    sing N N 225 
PHE N   H2   sing N N 226 
PHE CA  C    sing N N 227 
PHE CA  CB   sing N N 228 
PHE CA  HA   sing N N 229 
PHE C   O    doub N N 230 
PHE C   OXT  sing N N 231 
PHE CB  CG   sing N N 232 
PHE CB  HB2  sing N N 233 
PHE CB  HB3  sing N N 234 
PHE CG  CD1  doub Y N 235 
PHE CG  CD2  sing Y N 236 
PHE CD1 CE1  sing Y N 237 
PHE CD1 HD1  sing N N 238 
PHE CD2 CE2  doub Y N 239 
PHE CD2 HD2  sing N N 240 
PHE CE1 CZ   doub Y N 241 
PHE CE1 HE1  sing N N 242 
PHE CE2 CZ   sing Y N 243 
PHE CE2 HE2  sing N N 244 
PHE CZ  HZ   sing N N 245 
PHE OXT HXT  sing N N 246 
PRO N   CA   sing N N 247 
PRO N   CD   sing N N 248 
PRO N   H    sing N N 249 
PRO CA  C    sing N N 250 
PRO CA  CB   sing N N 251 
PRO CA  HA   sing N N 252 
PRO C   O    doub N N 253 
PRO C   OXT  sing N N 254 
PRO CB  CG   sing N N 255 
PRO CB  HB2  sing N N 256 
PRO CB  HB3  sing N N 257 
PRO CG  CD   sing N N 258 
PRO CG  HG2  sing N N 259 
PRO CG  HG3  sing N N 260 
PRO CD  HD2  sing N N 261 
PRO CD  HD3  sing N N 262 
PRO OXT HXT  sing N N 263 
SER N   CA   sing N N 264 
SER N   H    sing N N 265 
SER N   H2   sing N N 266 
SER CA  C    sing N N 267 
SER CA  CB   sing N N 268 
SER CA  HA   sing N N 269 
SER C   O    doub N N 270 
SER C   OXT  sing N N 271 
SER CB  OG   sing N N 272 
SER CB  HB2  sing N N 273 
SER CB  HB3  sing N N 274 
SER OG  HG   sing N N 275 
SER OXT HXT  sing N N 276 
THR N   CA   sing N N 277 
THR N   H    sing N N 278 
THR N   H2   sing N N 279 
THR CA  C    sing N N 280 
THR CA  CB   sing N N 281 
THR CA  HA   sing N N 282 
THR C   O    doub N N 283 
THR C   OXT  sing N N 284 
THR CB  OG1  sing N N 285 
THR CB  CG2  sing N N 286 
THR CB  HB   sing N N 287 
THR OG1 HG1  sing N N 288 
THR CG2 HG21 sing N N 289 
THR CG2 HG22 sing N N 290 
THR CG2 HG23 sing N N 291 
THR OXT HXT  sing N N 292 
TRP N   CA   sing N N 293 
TRP N   H    sing N N 294 
TRP N   H2   sing N N 295 
TRP CA  C    sing N N 296 
TRP CA  CB   sing N N 297 
TRP CA  HA   sing N N 298 
TRP C   O    doub N N 299 
TRP C   OXT  sing N N 300 
TRP CB  CG   sing N N 301 
TRP CB  HB2  sing N N 302 
TRP CB  HB3  sing N N 303 
TRP CG  CD1  doub Y N 304 
TRP CG  CD2  sing Y N 305 
TRP CD1 NE1  sing Y N 306 
TRP CD1 HD1  sing N N 307 
TRP CD2 CE2  doub Y N 308 
TRP CD2 CE3  sing Y N 309 
TRP NE1 CE2  sing Y N 310 
TRP NE1 HE1  sing N N 311 
TRP CE2 CZ2  sing Y N 312 
TRP CE3 CZ3  doub Y N 313 
TRP CE3 HE3  sing N N 314 
TRP CZ2 CH2  doub Y N 315 
TRP CZ2 HZ2  sing N N 316 
TRP CZ3 CH2  sing Y N 317 
TRP CZ3 HZ3  sing N N 318 
TRP CH2 HH2  sing N N 319 
TRP OXT HXT  sing N N 320 
TYR N   CA   sing N N 321 
TYR N   H    sing N N 322 
TYR N   H2   sing N N 323 
TYR CA  C    sing N N 324 
TYR CA  CB   sing N N 325 
TYR CA  HA   sing N N 326 
TYR C   O    doub N N 327 
TYR C   OXT  sing N N 328 
TYR CB  CG   sing N N 329 
TYR CB  HB2  sing N N 330 
TYR CB  HB3  sing N N 331 
TYR CG  CD1  doub Y N 332 
TYR CG  CD2  sing Y N 333 
TYR CD1 CE1  sing Y N 334 
TYR CD1 HD1  sing N N 335 
TYR CD2 CE2  doub Y N 336 
TYR CD2 HD2  sing N N 337 
TYR CE1 CZ   doub Y N 338 
TYR CE1 HE1  sing N N 339 
TYR CE2 CZ   sing Y N 340 
TYR CE2 HE2  sing N N 341 
TYR CZ  OH   sing N N 342 
TYR OH  HH   sing N N 343 
TYR OXT HXT  sing N N 344 
VAL N   CA   sing N N 345 
VAL N   H    sing N N 346 
VAL N   H2   sing N N 347 
VAL CA  C    sing N N 348 
VAL CA  CB   sing N N 349 
VAL CA  HA   sing N N 350 
VAL C   O    doub N N 351 
VAL C   OXT  sing N N 352 
VAL CB  CG1  sing N N 353 
VAL CB  CG2  sing N N 354 
VAL CB  HB   sing N N 355 
VAL CG1 HG11 sing N N 356 
VAL CG1 HG12 sing N N 357 
VAL CG1 HG13 sing N N 358 
VAL CG2 HG21 sing N N 359 
VAL CG2 HG22 sing N N 360 
VAL CG2 HG23 sing N N 361 
VAL OXT HXT  sing N N 362 
# 
_atom_sites.entry_id                    1VLS 
_atom_sites.fract_transf_matrix[1][1]   -0.00213566 
_atom_sites.fract_transf_matrix[1][2]   -0.01484842 
_atom_sites.fract_transf_matrix[1][3]   -0.00339230 
_atom_sites.fract_transf_matrix[2][1]   -0.00712145 
_atom_sites.fract_transf_matrix[2][2]   -0.00205452 
_atom_sites.fract_transf_matrix[2][3]   0.01347621 
_atom_sites.fract_transf_matrix[3][1]   -0.01209447 
_atom_sites.fract_transf_matrix[3][2]   0.00309202 
_atom_sites.fract_transf_matrix[3][3]   -0.00591988 
_atom_sites.fract_transf_vector[1]      0.381877 
_atom_sites.fract_transf_vector[2]      0.431063 
_atom_sites.fract_transf_vector[3]      1.006581 
# 
loop_
_atom_type.symbol 
C 
N 
O 
S 
# 
loop_
_atom_site.group_PDB 
_atom_site.id 
_atom_site.type_symbol 
_atom_site.label_atom_id 
_atom_site.label_alt_id 
_atom_site.label_comp_id 
_atom_site.label_asym_id 
_atom_site.label_entity_id 
_atom_site.label_seq_id 
_atom_site.pdbx_PDB_ins_code 
_atom_site.Cartn_x 
_atom_site.Cartn_y 
_atom_site.Cartn_z 
_atom_site.occupancy 
_atom_site.B_iso_or_equiv 
_atom_site.pdbx_formal_charge 
_atom_site.auth_seq_id 
_atom_site.auth_comp_id 
_atom_site.auth_asym_id 
_atom_site.auth_atom_id 
_atom_site.pdbx_PDB_model_num 
ATOM   1    N N   . MET A 1 1   ? -26.985 12.336  -16.080 1.00 79.40 ? 35  MET A N   1 
ATOM   2    C CA  . MET A 1 1   ? -27.913 11.680  -17.047 1.00 78.38 ? 35  MET A CA  1 
ATOM   3    C C   . MET A 1 1   ? -28.165 10.230  -16.668 1.00 77.11 ? 35  MET A C   1 
ATOM   4    O O   . MET A 1 1   ? -27.355 9.613   -15.982 1.00 75.54 ? 35  MET A O   1 
ATOM   5    C CB  . MET A 1 1   ? -27.354 11.763  -18.470 1.00 79.12 ? 35  MET A CB  1 
ATOM   6    C CG  . MET A 1 1   ? -27.539 13.122  -19.134 1.00 79.03 ? 35  MET A CG  1 
ATOM   7    S SD  . MET A 1 1   ? -27.249 14.503  -18.012 1.00 78.04 ? 35  MET A SD  1 
ATOM   8    C CE  . MET A 1 1   ? -28.904 15.217  -17.911 1.00 78.06 ? 35  MET A CE  1 
ATOM   9    N N   . ASN A 1 2   ? -29.278 9.696   -17.156 1.00 76.77 ? 36  ASN A N   1 
ATOM   10   C CA  . ASN A 1 2   ? -29.696 8.326   -16.887 1.00 77.74 ? 36  ASN A CA  1 
ATOM   11   C C   . ASN A 1 2   ? -28.614 7.301   -17.222 1.00 78.20 ? 36  ASN A C   1 
ATOM   12   O O   . ASN A 1 2   ? -28.213 6.512   -16.367 1.00 77.76 ? 36  ASN A O   1 
ATOM   13   C CB  . ASN A 1 2   ? -30.970 7.994   -17.677 1.00 78.68 ? 36  ASN A CB  1 
ATOM   14   C CG  . ASN A 1 2   ? -31.978 9.144   -17.700 1.00 79.92 ? 36  ASN A CG  1 
ATOM   15   O OD1 . ASN A 1 2   ? -31.986 10.008  -16.817 1.00 79.86 ? 36  ASN A OD1 1 
ATOM   16   N ND2 . ASN A 1 2   ? -32.810 9.175   -18.735 1.00 78.03 ? 36  ASN A ND2 1 
ATOM   17   N N   . GLN A 1 3   ? -28.142 7.315   -18.468 1.00 79.71 ? 37  GLN A N   1 
ATOM   18   C CA  . GLN A 1 3   ? -27.106 6.375   -18.920 1.00 79.54 ? 37  GLN A CA  1 
ATOM   19   C C   . GLN A 1 3   ? -25.739 6.557   -18.251 1.00 79.71 ? 37  GLN A C   1 
ATOM   20   O O   . GLN A 1 3   ? -24.885 5.669   -18.336 1.00 78.18 ? 37  GLN A O   1 
ATOM   21   C CB  . GLN A 1 3   ? -26.932 6.437   -20.444 1.00 77.66 ? 37  GLN A CB  1 
ATOM   22   C CG  . GLN A 1 3   ? -28.094 5.889   -21.254 1.00 74.12 ? 37  GLN A CG  1 
ATOM   23   C CD  . GLN A 1 3   ? -28.984 6.973   -21.811 1.00 72.88 ? 37  GLN A CD  1 
ATOM   24   O OE1 . GLN A 1 3   ? -29.387 7.887   -21.098 1.00 73.57 ? 37  GLN A OE1 1 
ATOM   25   N NE2 . GLN A 1 3   ? -29.282 6.887   -23.093 1.00 70.75 ? 37  GLN A NE2 1 
ATOM   26   N N   . GLN A 1 4   ? -25.539 7.697   -17.588 1.00 79.29 ? 38  GLN A N   1 
ATOM   27   C CA  . GLN A 1 4   ? -24.279 7.996   -16.910 1.00 79.21 ? 38  GLN A CA  1 
ATOM   28   C C   . GLN A 1 4   ? -24.015 7.100   -15.712 1.00 76.76 ? 38  GLN A C   1 
ATOM   29   O O   . GLN A 1 4   ? -22.921 7.125   -15.149 1.00 77.71 ? 38  GLN A O   1 
ATOM   30   C CB  . GLN A 1 4   ? -24.223 9.458   -16.468 1.00 78.16 ? 38  GLN A CB  1 
ATOM   31   C CG  . GLN A 1 4   ? -23.766 10.436  -17.541 1.00 77.78 ? 38  GLN A CG  1 
ATOM   32   C CD  . GLN A 1 4   ? -23.683 11.859  -17.014 1.00 78.99 ? 38  GLN A CD  1 
ATOM   33   O OE1 . GLN A 1 4   ? -24.663 12.604  -17.053 1.00 78.39 ? 38  GLN A OE1 1 
ATOM   34   N NE2 . GLN A 1 4   ? -22.527 12.228  -16.483 1.00 77.81 ? 38  GLN A NE2 1 
ATOM   35   N N   . GLY A 1 5   ? -25.013 6.316   -15.317 1.00 78.65 ? 39  GLY A N   1 
ATOM   36   C CA  . GLY A 1 5   ? -24.844 5.414   -14.193 1.00 76.69 ? 39  GLY A CA  1 
ATOM   37   C C   . GLY A 1 5   ? -23.631 4.514   -14.365 1.00 75.20 ? 39  GLY A C   1 
ATOM   38   O O   . GLY A 1 5   ? -22.871 4.315   -13.422 1.00 74.53 ? 39  GLY A O   1 
ATOM   39   N N   . PHE A 1 6   ? -23.422 4.021   -15.584 1.00 74.29 ? 40  PHE A N   1 
ATOM   40   C CA  . PHE A 1 6   ? -22.299 3.138   -15.893 1.00 73.73 ? 40  PHE A CA  1 
ATOM   41   C C   . PHE A 1 6   ? -20.932 3.820   -15.808 1.00 76.74 ? 40  PHE A C   1 
ATOM   42   O O   . PHE A 1 6   ? -19.988 3.247   -15.270 1.00 70.99 ? 40  PHE A O   1 
ATOM   43   C CB  . PHE A 1 6   ? -22.486 2.499   -17.273 1.00 74.66 ? 40  PHE A CB  1 
ATOM   44   C CG  . PHE A 1 6   ? -23.717 1.639   -17.382 1.00 78.66 ? 40  PHE A CG  1 
ATOM   45   C CD1 . PHE A 1 6   ? -23.799 0.425   -16.708 1.00 79.23 ? 40  PHE A CD1 1 
ATOM   46   C CD2 . PHE A 1 6   ? -24.806 2.051   -18.149 1.00 78.17 ? 40  PHE A CD2 1 
ATOM   47   C CE1 . PHE A 1 6   ? -24.951 -0.369  -16.793 1.00 77.73 ? 40  PHE A CE1 1 
ATOM   48   C CE2 . PHE A 1 6   ? -25.963 1.264   -18.242 1.00 78.54 ? 40  PHE A CE2 1 
ATOM   49   C CZ  . PHE A 1 6   ? -26.032 0.053   -17.562 1.00 79.83 ? 40  PHE A CZ  1 
ATOM   50   N N   . VAL A 1 7   ? -20.822 5.041   -16.322 1.00 69.72 ? 41  VAL A N   1 
ATOM   51   C CA  . VAL A 1 7   ? -19.551 5.763   -16.278 1.00 69.04 ? 41  VAL A CA  1 
ATOM   52   C C   . VAL A 1 7   ? -19.159 6.174   -14.853 1.00 68.09 ? 41  VAL A C   1 
ATOM   53   O O   . VAL A 1 7   ? -17.972 6.224   -14.513 1.00 67.28 ? 41  VAL A O   1 
ATOM   54   C CB  . VAL A 1 7   ? -19.552 6.999   -17.208 1.00 69.65 ? 41  VAL A CB  1 
ATOM   55   C CG1 . VAL A 1 7   ? -19.844 6.578   -18.632 1.00 71.24 ? 41  VAL A CG1 1 
ATOM   56   C CG2 . VAL A 1 7   ? -20.560 8.022   -16.742 1.00 71.51 ? 41  VAL A CG2 1 
ATOM   57   N N   . ILE A 1 8   ? -20.160 6.449   -14.018 1.00 65.63 ? 42  ILE A N   1 
ATOM   58   C CA  . ILE A 1 8   ? -19.925 6.830   -12.629 1.00 62.07 ? 42  ILE A CA  1 
ATOM   59   C C   . ILE A 1 8   ? -19.816 5.569   -11.761 1.00 60.67 ? 42  ILE A C   1 
ATOM   60   O O   . ILE A 1 8   ? -19.370 5.627   -10.618 1.00 61.31 ? 42  ILE A O   1 
ATOM   61   C CB  . ILE A 1 8   ? -21.042 7.774   -12.105 1.00 62.12 ? 42  ILE A CB  1 
ATOM   62   C CG1 . ILE A 1 8   ? -20.612 8.430   -10.790 1.00 62.24 ? 42  ILE A CG1 1 
ATOM   63   C CG2 . ILE A 1 8   ? -22.351 7.017   -11.925 1.00 60.76 ? 42  ILE A CG2 1 
ATOM   64   C CD1 . ILE A 1 8   ? -21.640 9.399   -10.215 1.00 62.02 ? 42  ILE A CD1 1 
ATOM   65   N N   . SER A 1 9   ? -20.214 4.428   -12.322 1.00 58.26 ? 43  SER A N   1 
ATOM   66   C CA  . SER A 1 9   ? -20.150 3.142   -11.633 1.00 55.54 ? 43  SER A CA  1 
ATOM   67   C C   . SER A 1 9   ? -18.790 2.470   -11.852 1.00 54.71 ? 43  SER A C   1 
ATOM   68   O O   . SER A 1 9   ? -18.137 2.032   -10.897 1.00 55.06 ? 43  SER A O   1 
ATOM   69   C CB  . SER A 1 9   ? -21.269 2.216   -12.120 1.00 54.29 ? 43  SER A CB  1 
ATOM   70   O OG  . SER A 1 9   ? -22.523 2.575   -11.566 1.00 54.11 ? 43  SER A OG  1 
ATOM   71   N N   . ASN A 1 10  ? -18.374 2.396   -13.114 1.00 52.69 ? 44  ASN A N   1 
ATOM   72   C CA  . ASN A 1 10  ? -17.098 1.793   -13.495 1.00 49.92 ? 44  ASN A CA  1 
ATOM   73   C C   . ASN A 1 10  ? -15.930 2.578   -12.908 1.00 49.86 ? 44  ASN A C   1 
ATOM   74   O O   . ASN A 1 10  ? -14.859 2.031   -12.657 1.00 48.39 ? 44  ASN A O   1 
ATOM   75   C CB  . ASN A 1 10  ? -16.971 1.735   -15.018 1.00 47.14 ? 44  ASN A CB  1 
ATOM   76   C CG  . ASN A 1 10  ? -17.917 0.733   -15.642 1.00 45.08 ? 44  ASN A CG  1 
ATOM   77   O OD1 . ASN A 1 10  ? -18.467 -0.128  -14.957 1.00 45.64 ? 44  ASN A OD1 1 
ATOM   78   N ND2 . ASN A 1 10  ? -18.111 0.836   -16.944 1.00 40.65 ? 44  ASN A ND2 1 
ATOM   79   N N   . GLU A 1 11  ? -16.151 3.870   -12.710 1.00 50.50 ? 45  GLU A N   1 
ATOM   80   C CA  . GLU A 1 11  ? -15.159 4.763   -12.131 1.00 51.91 ? 45  GLU A CA  1 
ATOM   81   C C   . GLU A 1 11  ? -14.997 4.388   -10.655 1.00 51.37 ? 45  GLU A C   1 
ATOM   82   O O   . GLU A 1 11  ? -13.886 4.172   -10.183 1.00 52.93 ? 45  GLU A O   1 
ATOM   83   C CB  . GLU A 1 11  ? -15.642 6.205   -12.266 1.00 53.31 ? 45  GLU A CB  1 
ATOM   84   C CG  . GLU A 1 11  ? -14.664 7.266   -11.822 1.00 55.20 ? 45  GLU A CG  1 
ATOM   85   C CD  . GLU A 1 11  ? -15.189 8.660   -12.100 1.00 57.56 ? 45  GLU A CD  1 
ATOM   86   O OE1 . GLU A 1 11  ? -14.981 9.141   -13.232 1.00 59.20 ? 45  GLU A OE1 1 
ATOM   87   O OE2 . GLU A 1 11  ? -15.819 9.267   -11.204 1.00 58.12 ? 45  GLU A OE2 1 
ATOM   88   N N   . LEU A 1 12  ? -16.113 4.292   -9.939  1.00 51.11 ? 46  LEU A N   1 
ATOM   89   C CA  . LEU A 1 12  ? -16.106 3.915   -8.523  1.00 50.84 ? 46  LEU A CA  1 
ATOM   90   C C   . LEU A 1 12  ? -15.734 2.430   -8.386  1.00 49.62 ? 46  LEU A C   1 
ATOM   91   O O   . LEU A 1 12  ? -15.580 1.917   -7.276  1.00 50.79 ? 46  LEU A O   1 
ATOM   92   C CB  . LEU A 1 12  ? -17.484 4.158   -7.896  1.00 53.17 ? 46  LEU A CB  1 
ATOM   93   C CG  . LEU A 1 12  ? -17.929 5.548   -7.432  1.00 50.92 ? 46  LEU A CG  1 
ATOM   94   C CD1 . LEU A 1 12  ? -17.266 5.856   -6.108  1.00 52.73 ? 46  LEU A CD1 1 
ATOM   95   C CD2 . LEU A 1 12  ? -17.629 6.609   -8.459  1.00 50.16 ? 46  LEU A CD2 1 
ATOM   96   N N   . ARG A 1 13  ? -15.670 1.745   -9.525  1.00 45.48 ? 47  ARG A N   1 
ATOM   97   C CA  . ARG A 1 13  ? -15.300 0.340   -9.610  1.00 40.54 ? 47  ARG A CA  1 
ATOM   98   C C   . ARG A 1 13  ? -13.782 0.231   -9.647  1.00 36.59 ? 47  ARG A C   1 
ATOM   99   O O   . ARG A 1 13  ? -13.190 -0.582  -8.946  1.00 32.61 ? 47  ARG A O   1 
ATOM   100  C CB  . ARG A 1 13  ? -15.905 -0.281  -10.879 1.00 41.91 ? 47  ARG A CB  1 
ATOM   101  C CG  . ARG A 1 13  ? -15.181 -1.525  -11.433 1.00 46.57 ? 47  ARG A CG  1 
ATOM   102  C CD  . ARG A 1 13  ? -14.370 -1.201  -12.694 1.00 47.84 ? 47  ARG A CD  1 
ATOM   103  N NE  . ARG A 1 13  ? -13.887 -2.396  -13.389 1.00 48.14 ? 47  ARG A NE  1 
ATOM   104  C CZ  . ARG A 1 13  ? -12.705 -2.971  -13.176 1.00 50.84 ? 47  ARG A CZ  1 
ATOM   105  N NH1 . ARG A 1 13  ? -11.853 -2.459  -12.293 1.00 49.48 ? 47  ARG A NH1 1 
ATOM   106  N NH2 . ARG A 1 13  ? -12.365 -4.056  -13.858 1.00 51.84 ? 47  ARG A NH2 1 
ATOM   107  N N   . GLN A 1 14  ? -13.162 1.039   -10.496 1.00 34.76 ? 48  GLN A N   1 
ATOM   108  C CA  . GLN A 1 14  ? -11.718 1.041   -10.633 1.00 32.40 ? 48  GLN A CA  1 
ATOM   109  C C   . GLN A 1 14  ? -11.042 1.734   -9.471  1.00 30.42 ? 48  GLN A C   1 
ATOM   110  O O   . GLN A 1 14  ? -9.899  1.429   -9.162  1.00 27.98 ? 48  GLN A O   1 
ATOM   111  C CB  . GLN A 1 14  ? -11.296 1.692   -11.943 1.00 33.70 ? 48  GLN A CB  1 
ATOM   112  C CG  . GLN A 1 14  ? -10.920 0.692   -13.027 1.00 34.18 ? 48  GLN A CG  1 
ATOM   113  C CD  . GLN A 1 14  ? -9.596  0.020   -12.742 1.00 31.61 ? 48  GLN A CD  1 
ATOM   114  O OE1 . GLN A 1 14  ? -9.549  -1.102  -12.229 1.00 32.13 ? 48  GLN A OE1 1 
ATOM   115  N NE2 . GLN A 1 14  ? -8.509  0.709   -13.064 1.00 30.14 ? 48  GLN A NE2 1 
ATOM   116  N N   . GLN A 1 15  ? -11.727 2.685   -8.851  1.00 26.09 ? 49  GLN A N   1 
ATOM   117  C CA  . GLN A 1 15  ? -11.157 3.361   -7.710  1.00 28.38 ? 49  GLN A CA  1 
ATOM   118  C C   . GLN A 1 15  ? -10.949 2.313   -6.618  1.00 32.23 ? 49  GLN A C   1 
ATOM   119  O O   . GLN A 1 15  ? -9.933  2.321   -5.929  1.00 35.03 ? 49  GLN A O   1 
ATOM   120  C CB  . GLN A 1 15  ? -12.095 4.443   -7.196  1.00 26.12 ? 49  GLN A CB  1 
ATOM   121  C CG  . GLN A 1 15  ? -12.064 5.760   -7.944  1.00 28.38 ? 49  GLN A CG  1 
ATOM   122  C CD  . GLN A 1 15  ? -13.165 6.701   -7.476  1.00 28.99 ? 49  GLN A CD  1 
ATOM   123  O OE1 . GLN A 1 15  ? -13.500 6.746   -6.284  1.00 29.22 ? 49  GLN A OE1 1 
ATOM   124  N NE2 . GLN A 1 15  ? -13.762 7.422   -8.412  1.00 27.07 ? 49  GLN A NE2 1 
ATOM   125  N N   . GLN A 1 16  ? -11.915 1.406   -6.468  1.00 31.86 ? 50  GLN A N   1 
ATOM   126  C CA  . GLN A 1 16  ? -11.837 0.339   -5.470  1.00 28.88 ? 50  GLN A CA  1 
ATOM   127  C C   . GLN A 1 16  ? -10.819 -0.733  -5.820  1.00 28.60 ? 50  GLN A C   1 
ATOM   128  O O   . GLN A 1 16  ? -10.107 -1.229  -4.954  1.00 25.74 ? 50  GLN A O   1 
ATOM   129  C CB  . GLN A 1 16  ? -13.193 -0.308  -5.301  1.00 26.75 ? 50  GLN A CB  1 
ATOM   130  C CG  . GLN A 1 16  ? -14.135 0.500   -4.468  1.00 34.15 ? 50  GLN A CG  1 
ATOM   131  C CD  . GLN A 1 16  ? -13.774 0.507   -2.991  1.00 37.17 ? 50  GLN A CD  1 
ATOM   132  O OE1 . GLN A 1 16  ? -14.166 1.411   -2.260  1.00 40.72 ? 50  GLN A OE1 1 
ATOM   133  N NE2 . GLN A 1 16  ? -13.047 -0.507  -2.541  1.00 39.14 ? 50  GLN A NE2 1 
ATOM   134  N N   . SER A 1 17  ? -10.756 -1.085  -7.099  1.00 28.20 ? 51  SER A N   1 
ATOM   135  C CA  . SER A 1 17  ? -9.837  -2.104  -7.563  1.00 29.17 ? 51  SER A CA  1 
ATOM   136  C C   . SER A 1 17  ? -8.405  -1.771  -7.206  1.00 28.82 ? 51  SER A C   1 
ATOM   137  O O   . SER A 1 17  ? -7.864  -2.308  -6.236  1.00 26.87 ? 51  SER A O   1 
ATOM   138  C CB  . SER A 1 17  ? -9.960  -2.306  -9.074  1.00 29.74 ? 51  SER A CB  1 
ATOM   139  O OG  . SER A 1 17  ? -9.126  -3.364  -9.521  1.00 31.24 ? 51  SER A OG  1 
ATOM   140  N N   . GLU A 1 18  ? -7.818  -0.835  -7.948  1.00 30.56 ? 52  GLU A N   1 
ATOM   141  C CA  . GLU A 1 18  ? -6.430  -0.447  -7.736  1.00 29.55 ? 52  GLU A CA  1 
ATOM   142  C C   . GLU A 1 18  ? -6.100  -0.069  -6.286  1.00 31.15 ? 52  GLU A C   1 
ATOM   143  O O   . GLU A 1 18  ? -4.976  -0.291  -5.831  1.00 30.15 ? 52  GLU A O   1 
ATOM   144  C CB  . GLU A 1 18  ? -5.982  0.587   -8.781  1.00 27.21 ? 52  GLU A CB  1 
ATOM   145  C CG  . GLU A 1 18  ? -5.789  -0.031  -10.205 1.00 24.54 ? 52  GLU A CG  1 
ATOM   146  C CD  . GLU A 1 18  ? -4.345  0.085   -10.760 1.00 25.00 ? 52  GLU A CD  1 
ATOM   147  O OE1 . GLU A 1 18  ? -3.771  1.173   -10.625 1.00 30.87 ? 52  GLU A OE1 1 
ATOM   148  O OE2 . GLU A 1 18  ? -3.790  -0.866  -11.336 1.00 6.60  ? 52  GLU A OE2 1 
ATOM   149  N N   . LEU A 1 19  ? -7.117  0.354   -5.532  1.00 30.25 ? 53  LEU A N   1 
ATOM   150  C CA  . LEU A 1 19  ? -6.966  0.688   -4.112  1.00 30.00 ? 53  LEU A CA  1 
ATOM   151  C C   . LEU A 1 19  ? -6.721  -0.607  -3.316  1.00 30.31 ? 53  LEU A C   1 
ATOM   152  O O   . LEU A 1 19  ? -5.899  -0.655  -2.394  1.00 30.64 ? 53  LEU A O   1 
ATOM   153  C CB  . LEU A 1 19  ? -8.232  1.359   -3.586  1.00 29.60 ? 53  LEU A CB  1 
ATOM   154  C CG  . LEU A 1 19  ? -8.158  1.799   -2.135  1.00 28.82 ? 53  LEU A CG  1 
ATOM   155  C CD1 . LEU A 1 19  ? -7.540  3.181   -2.127  1.00 34.51 ? 53  LEU A CD1 1 
ATOM   156  C CD2 . LEU A 1 19  ? -9.543  1.854   -1.515  1.00 32.81 ? 53  LEU A CD2 1 
ATOM   157  N N   . THR A 1 20  ? -7.471  -1.655  -3.637  1.00 29.66 ? 54  THR A N   1 
ATOM   158  C CA  . THR A 1 20  ? -7.260  -2.923  -2.955  1.00 27.89 ? 54  THR A CA  1 
ATOM   159  C C   . THR A 1 20  ? -5.938  -3.542  -3.429  1.00 25.03 ? 54  THR A C   1 
ATOM   160  O O   . THR A 1 20  ? -5.342  -4.334  -2.707  1.00 24.73 ? 54  THR A O   1 
ATOM   161  C CB  . THR A 1 20  ? -8.423  -3.892  -3.196  1.00 28.98 ? 54  THR A CB  1 
ATOM   162  O OG1 . THR A 1 20  ? -9.653  -3.257  -2.810  1.00 31.04 ? 54  THR A OG1 1 
ATOM   163  C CG2 . THR A 1 20  ? -8.234  -5.165  -2.380  1.00 29.93 ? 54  THR A CG2 1 
ATOM   164  N N   . SER A 1 21  ? -5.480  -3.158  -4.622  1.00 21.15 ? 55  SER A N   1 
ATOM   165  C CA  . SER A 1 21  ? -4.227  -3.670  -5.189  1.00 22.01 ? 55  SER A CA  1 
ATOM   166  C C   . SER A 1 21  ? -3.074  -3.107  -4.389  1.00 21.38 ? 55  SER A C   1 
ATOM   167  O O   . SER A 1 21  ? -2.144  -3.819  -4.046  1.00 20.20 ? 55  SER A O   1 
ATOM   168  C CB  . SER A 1 21  ? -4.039  -3.237  -6.654  1.00 21.54 ? 55  SER A CB  1 
ATOM   169  O OG  . SER A 1 21  ? -5.024  -3.771  -7.528  1.00 23.85 ? 55  SER A OG  1 
ATOM   170  N N   . THR A 1 22  ? -3.142  -1.817  -4.103  1.00 24.67 ? 56  THR A N   1 
ATOM   171  C CA  . THR A 1 22  ? -2.108  -1.130  -3.336  1.00 24.88 ? 56  THR A CA  1 
ATOM   172  C C   . THR A 1 22  ? -1.857  -1.779  -1.965  1.00 22.35 ? 56  THR A C   1 
ATOM   173  O O   . THR A 1 22  ? -0.709  -2.068  -1.577  1.00 20.36 ? 56  THR A O   1 
ATOM   174  C CB  . THR A 1 22  ? -2.514  0.343   -3.139  1.00 21.86 ? 56  THR A CB  1 
ATOM   175  O OG1 . THR A 1 22  ? -2.643  0.962   -4.421  1.00 21.59 ? 56  THR A OG1 1 
ATOM   176  C CG2 . THR A 1 22  ? -1.499  1.105   -2.303  1.00 19.82 ? 56  THR A CG2 1 
ATOM   177  N N   . TRP A 1 23  ? -2.949  -2.017  -1.248  1.00 20.68 ? 57  TRP A N   1 
ATOM   178  C CA  . TRP A 1 23  ? -2.884  -2.592  0.075   1.00 24.02 ? 57  TRP A CA  1 
ATOM   179  C C   . TRP A 1 23  ? -2.264  -3.972  -0.013  1.00 25.23 ? 57  TRP A C   1 
ATOM   180  O O   . TRP A 1 23  ? -1.262  -4.237  0.639   1.00 25.84 ? 57  TRP A O   1 
ATOM   181  C CB  . TRP A 1 23  ? -4.293  -2.627  0.671   1.00 23.43 ? 57  TRP A CB  1 
ATOM   182  C CG  . TRP A 1 23  ? -4.407  -3.206  2.036   1.00 20.86 ? 57  TRP A CG  1 
ATOM   183  C CD1 . TRP A 1 23  ? -5.042  -4.364  2.363   1.00 22.26 ? 57  TRP A CD1 1 
ATOM   184  C CD2 . TRP A 1 23  ? -3.928  -2.646  3.272   1.00 20.24 ? 57  TRP A CD2 1 
ATOM   185  N NE1 . TRP A 1 23  ? -4.993  -4.558  3.719   1.00 21.89 ? 57  TRP A NE1 1 
ATOM   186  C CE2 . TRP A 1 23  ? -4.318  -3.516  4.305   1.00 24.56 ? 57  TRP A CE2 1 
ATOM   187  C CE3 . TRP A 1 23  ? -3.218  -1.489  3.610   1.00 20.81 ? 57  TRP A CE3 1 
ATOM   188  C CZ2 . TRP A 1 23  ? -4.020  -3.269  5.645   1.00 21.36 ? 57  TRP A CZ2 1 
ATOM   189  C CZ3 . TRP A 1 23  ? -2.927  -1.246  4.961   1.00 24.52 ? 57  TRP A CZ3 1 
ATOM   190  C CH2 . TRP A 1 23  ? -3.328  -2.130  5.949   1.00 21.05 ? 57  TRP A CH2 1 
ATOM   191  N N   . ASP A 1 24  ? -2.821  -4.805  -0.893  1.00 27.77 ? 58  ASP A N   1 
ATOM   192  C CA  . ASP A 1 24  ? -2.353  -6.181  -1.128  1.00 27.33 ? 58  ASP A CA  1 
ATOM   193  C C   . ASP A 1 24  ? -0.840  -6.222  -1.372  1.00 25.52 ? 58  ASP A C   1 
ATOM   194  O O   . ASP A 1 24  ? -0.162  -7.170  -0.974  1.00 24.77 ? 58  ASP A O   1 
ATOM   195  C CB  . ASP A 1 24  ? -3.060  -6.743  -2.373  1.00 29.43 ? 58  ASP A CB  1 
ATOM   196  C CG  . ASP A 1 24  ? -3.524  -8.171  -2.193  1.00 31.40 ? 58  ASP A CG  1 
ATOM   197  O OD1 . ASP A 1 24  ? -2.683  -9.087  -2.155  1.00 31.09 ? 58  ASP A OD1 1 
ATOM   198  O OD2 . ASP A 1 24  ? -4.749  -8.375  -2.102  1.00 35.91 ? 58  ASP A OD2 1 
ATOM   199  N N   . LEU A 1 25  ? -0.335  -5.195  -2.055  1.00 24.59 ? 59  LEU A N   1 
ATOM   200  C CA  . LEU A 1 25  ? 1.072   -5.075  -2.384  1.00 25.15 ? 59  LEU A CA  1 
ATOM   201  C C   . LEU A 1 25  ? 1.960   -4.624  -1.224  1.00 25.51 ? 59  LEU A C   1 
ATOM   202  O O   . LEU A 1 25  ? 3.041   -5.181  -1.031  1.00 25.74 ? 59  LEU A O   1 
ATOM   203  C CB  . LEU A 1 25  ? 1.268   -4.140  -3.579  1.00 26.05 ? 59  LEU A CB  1 
ATOM   204  C CG  . LEU A 1 25  ? 1.312   -4.781  -4.961  1.00 28.14 ? 59  LEU A CG  1 
ATOM   205  C CD1 . LEU A 1 25  ? 2.292   -5.933  -4.933  1.00 30.70 ? 59  LEU A CD1 1 
ATOM   206  C CD2 . LEU A 1 25  ? -0.053  -5.289  -5.356  1.00 30.72 ? 59  LEU A CD2 1 
ATOM   207  N N   . MET A 1 26  ? 1.540   -3.608  -0.472  1.00 25.17 ? 60  MET A N   1 
ATOM   208  C CA  . MET A 1 26  ? 2.343   -3.141  0.661   1.00 23.57 ? 60  MET A CA  1 
ATOM   209  C C   . MET A 1 26  ? 2.325   -4.241  1.714   1.00 21.74 ? 60  MET A C   1 
ATOM   210  O O   . MET A 1 26  ? 3.305   -4.467  2.417   1.00 24.39 ? 60  MET A O   1 
ATOM   211  C CB  . MET A 1 26  ? 1.809   -1.811  1.196   1.00 24.42 ? 60  MET A CB  1 
ATOM   212  C CG  . MET A 1 26  ? 1.804   -0.689  0.138   1.00 27.30 ? 60  MET A CG  1 
ATOM   213  S SD  . MET A 1 26  ? 1.067   0.885   0.649   1.00 24.45 ? 60  MET A SD  1 
ATOM   214  C CE  . MET A 1 26  ? -0.373  0.324   1.361   1.00 26.51 ? 60  MET A CE  1 
ATOM   215  N N   . LEU A 1 27  ? 1.236   -4.992  1.748   1.00 21.37 ? 61  LEU A N   1 
ATOM   216  C CA  . LEU A 1 27  ? 1.099   -6.105  2.672   1.00 22.94 ? 61  LEU A CA  1 
ATOM   217  C C   . LEU A 1 27  ? 2.051   -7.212  2.245   1.00 23.28 ? 61  LEU A C   1 
ATOM   218  O O   . LEU A 1 27  ? 2.569   -7.932  3.084   1.00 29.30 ? 61  LEU A O   1 
ATOM   219  C CB  . LEU A 1 27  ? -0.350  -6.607  2.700   1.00 24.19 ? 61  LEU A CB  1 
ATOM   220  C CG  . LEU A 1 27  ? -0.984  -6.833  4.079   1.00 25.66 ? 61  LEU A CG  1 
ATOM   221  C CD1 . LEU A 1 27  ? -0.738  -5.644  5.019   1.00 22.35 ? 61  LEU A CD1 1 
ATOM   222  C CD2 . LEU A 1 27  ? -2.470  -7.093  3.921   1.00 26.50 ? 61  LEU A CD2 1 
ATOM   223  N N   . GLN A 1 28  ? 2.298   -7.342  0.942   1.00 23.82 ? 62  GLN A N   1 
ATOM   224  C CA  . GLN A 1 28  ? 3.222   -8.360  0.423   1.00 26.84 ? 62  GLN A CA  1 
ATOM   225  C C   . GLN A 1 28  ? 4.673   -7.870  0.490   1.00 27.59 ? 62  GLN A C   1 
ATOM   226  O O   . GLN A 1 28  ? 5.598   -8.674  0.570   1.00 31.43 ? 62  GLN A O   1 
ATOM   227  C CB  . GLN A 1 28  ? 2.862   -8.771  -1.003  1.00 28.61 ? 62  GLN A CB  1 
ATOM   228  C CG  . GLN A 1 28  ? 2.547   -10.261 -1.158  1.00 36.44 ? 62  GLN A CG  1 
ATOM   229  C CD  . GLN A 1 28  ? 3.796   -11.141 -1.283  1.00 39.99 ? 62  GLN A CD  1 
ATOM   230  O OE1 . GLN A 1 28  ? 4.294   -11.685 -0.293  1.00 41.64 ? 62  GLN A OE1 1 
ATOM   231  N NE2 . GLN A 1 28  ? 4.296   -11.293 -2.512  1.00 42.48 ? 62  GLN A NE2 1 
ATOM   232  N N   . THR A 1 29  ? 4.862   -6.550  0.500   1.00 25.78 ? 63  THR A N   1 
ATOM   233  C CA  . THR A 1 29  ? 6.182   -5.939  0.609   1.00 21.08 ? 63  THR A CA  1 
ATOM   234  C C   . THR A 1 29  ? 6.723   -6.085  2.042   1.00 22.94 ? 63  THR A C   1 
ATOM   235  O O   . THR A 1 29  ? 7.883   -6.388  2.252   1.00 20.96 ? 63  THR A O   1 
ATOM   236  C CB  . THR A 1 29  ? 6.097   -4.453  0.285   1.00 23.02 ? 63  THR A CB  1 
ATOM   237  O OG1 . THR A 1 29  ? 5.483   -4.280  -0.992  1.00 24.18 ? 63  THR A OG1 1 
ATOM   238  C CG2 . THR A 1 29  ? 7.460   -3.829  0.277   1.00 23.07 ? 63  THR A CG2 1 
ATOM   239  N N   . ARG A 1 30  ? 5.870   -5.880  3.031   1.00 23.52 ? 64  ARG A N   1 
ATOM   240  C CA  . ARG A 1 30  ? 6.308   -6.011  4.422   1.00 21.09 ? 64  ARG A CA  1 
ATOM   241  C C   . ARG A 1 30  ? 6.705   -7.455  4.738   1.00 21.74 ? 64  ARG A C   1 
ATOM   242  O O   . ARG A 1 30  ? 7.604   -7.703  5.555   1.00 24.91 ? 64  ARG A O   1 
ATOM   243  C CB  . ARG A 1 30  ? 5.206   -5.529  5.375   1.00 22.38 ? 64  ARG A CB  1 
ATOM   244  C CG  . ARG A 1 30  ? 5.670   -5.212  6.790   1.00 22.93 ? 64  ARG A CG  1 
ATOM   245  C CD  . ARG A 1 30  ? 4.475   -4.975  7.686   1.00 27.01 ? 64  ARG A CD  1 
ATOM   246  N NE  . ARG A 1 30  ? 4.871   -4.746  9.066   1.00 30.03 ? 64  ARG A NE  1 
ATOM   247  C CZ  . ARG A 1 30  ? 4.046   -4.821  10.106  1.00 31.86 ? 64  ARG A CZ  1 
ATOM   248  N NH1 . ARG A 1 30  ? 2.768   -5.140  9.926   1.00 31.93 ? 64  ARG A NH1 1 
ATOM   249  N NH2 . ARG A 1 30  ? 4.506   -4.581  11.328  1.00 29.06 ? 64  ARG A NH2 1 
ATOM   250  N N   . ILE A 1 31  ? 6.044   -8.417  4.104   1.00 20.68 ? 65  ILE A N   1 
ATOM   251  C CA  . ILE A 1 31  ? 6.395   -9.813  4.343   1.00 21.32 ? 65  ILE A CA  1 
ATOM   252  C C   . ILE A 1 31  ? 7.718   -10.108 3.650   1.00 24.32 ? 65  ILE A C   1 
ATOM   253  O O   . ILE A 1 31  ? 8.541   -10.844 4.189   1.00 20.89 ? 65  ILE A O   1 
ATOM   254  C CB  . ILE A 1 31  ? 5.295   -10.808 3.853   1.00 23.51 ? 65  ILE A CB  1 
ATOM   255  C CG1 . ILE A 1 31  ? 5.180   -11.995 4.828   1.00 28.89 ? 65  ILE A CG1 1 
ATOM   256  C CG2 . ILE A 1 31  ? 5.566   -11.290 2.419   1.00 23.85 ? 65  ILE A CG2 1 
ATOM   257  C CD1 . ILE A 1 31  ? 6.470   -12.827 5.028   1.00 30.01 ? 65  ILE A CD1 1 
ATOM   258  N N   . ASN A 1 32  ? 7.923   -9.557  2.453   1.00 22.21 ? 66  ASN A N   1 
ATOM   259  C CA  . ASN A 1 32  ? 9.187   -9.770  1.748   1.00 22.57 ? 66  ASN A CA  1 
ATOM   260  C C   . ASN A 1 32  ? 10.396  -9.226  2.532   1.00 22.00 ? 66  ASN A C   1 
ATOM   261  O O   . ASN A 1 32  ? 11.403  -9.918  2.682   1.00 22.39 ? 66  ASN A O   1 
ATOM   262  C CB  . ASN A 1 32  ? 9.134   -9.168  0.347   1.00 21.84 ? 66  ASN A CB  1 
ATOM   263  C CG  . ASN A 1 32  ? 8.268   -9.975  -0.607  1.00 24.75 ? 66  ASN A CG  1 
ATOM   264  O OD1 . ASN A 1 32  ? 8.009   -9.528  -1.721  1.00 23.37 ? 66  ASN A OD1 1 
ATOM   265  N ND2 . ASN A 1 32  ? 7.830   -11.159 -0.194  1.00 22.33 ? 66  ASN A ND2 1 
ATOM   266  N N   . LEU A 1 33  ? 10.254  -8.017  3.077   1.00 21.53 ? 67  LEU A N   1 
ATOM   267  C CA  . LEU A 1 33  ? 11.279  -7.346  3.892   1.00 22.37 ? 67  LEU A CA  1 
ATOM   268  C C   . LEU A 1 33  ? 11.629  -8.167  5.149   1.00 24.29 ? 67  LEU A C   1 
ATOM   269  O O   . LEU A 1 33  ? 12.771  -8.164  5.616   1.00 22.87 ? 67  LEU A O   1 
ATOM   270  C CB  . LEU A 1 33  ? 10.774  -5.962  4.331   1.00 23.09 ? 67  LEU A CB  1 
ATOM   271  C CG  . LEU A 1 33  ? 10.451  -4.829  3.331   1.00 24.98 ? 67  LEU A CG  1 
ATOM   272  C CD1 . LEU A 1 33  ? 9.694   -3.705  4.025   1.00 23.94 ? 67  LEU A CD1 1 
ATOM   273  C CD2 . LEU A 1 33  ? 11.707  -4.277  2.642   1.00 24.66 ? 67  LEU A CD2 1 
ATOM   274  N N   . SER A 1 34  ? 10.638  -8.859  5.706   1.00 23.96 ? 68  SER A N   1 
ATOM   275  C CA  . SER A 1 34  ? 10.834  -9.689  6.905   1.00 27.13 ? 68  SER A CA  1 
ATOM   276  C C   . SER A 1 34  ? 11.578  -10.972 6.580   1.00 25.77 ? 68  SER A C   1 
ATOM   277  O O   . SER A 1 34  ? 12.275  -11.532 7.418   1.00 25.00 ? 68  SER A O   1 
ATOM   278  C CB  . SER A 1 34  ? 9.485   -10.059 7.529   1.00 26.79 ? 68  SER A CB  1 
ATOM   279  O OG  . SER A 1 34  ? 8.678   -8.920  7.726   1.00 24.01 ? 68  SER A OG  1 
ATOM   280  N N   . ARG A 1 35  ? 11.391  -11.449 5.361   1.00 28.23 ? 69  ARG A N   1 
ATOM   281  C CA  . ARG A 1 35  ? 12.034  -12.663 4.902   1.00 27.05 ? 69  ARG A CA  1 
ATOM   282  C C   . ARG A 1 35  ? 13.500  -12.357 4.658   1.00 29.23 ? 69  ARG A C   1 
ATOM   283  O O   . ARG A 1 35  ? 14.365  -13.215 4.817   1.00 30.36 ? 69  ARG A O   1 
ATOM   284  C CB  . ARG A 1 35  ? 11.355  -13.155 3.627   1.00 25.00 ? 69  ARG A CB  1 
ATOM   285  C CG  . ARG A 1 35  ? 9.892   -13.429 3.824   1.00 26.45 ? 69  ARG A CG  1 
ATOM   286  C CD  . ARG A 1 35  ? 9.501   -14.795 3.315   1.00 31.47 ? 69  ARG A CD  1 
ATOM   287  N NE  . ARG A 1 35  ? 9.245   -14.786 1.879   1.00 34.68 ? 69  ARG A NE  1 
ATOM   288  C CZ  . ARG A 1 35  ? 9.333   -15.858 1.104   1.00 35.51 ? 69  ARG A CZ  1 
ATOM   289  N NH1 . ARG A 1 35  ? 9.719   -17.019 1.620   1.00 34.97 ? 69  ARG A NH1 1 
ATOM   290  N NH2 . ARG A 1 35  ? 9.064   -15.757 -0.191  1.00 35.61 ? 69  ARG A NH2 1 
ATOM   291  N N   . SER A 1 36  ? 13.770  -11.117 4.279   1.00 28.50 ? 70  SER A N   1 
ATOM   292  C CA  . SER A 1 36  ? 15.128  -10.666 4.034   1.00 29.19 ? 70  SER A CA  1 
ATOM   293  C C   . SER A 1 36  ? 15.780  -10.383 5.394   1.00 29.02 ? 70  SER A C   1 
ATOM   294  O O   . SER A 1 36  ? 16.847  -10.906 5.691   1.00 29.91 ? 70  SER A O   1 
ATOM   295  C CB  . SER A 1 36  ? 15.100  -9.414  3.150   1.00 28.89 ? 70  SER A CB  1 
ATOM   296  O OG  . SER A 1 36  ? 16.373  -9.093  2.625   1.00 32.35 ? 70  SER A OG  1 
ATOM   297  N N   . ALA A 1 37  ? 15.109  -9.605  6.242   1.00 30.99 ? 71  ALA A N   1 
ATOM   298  C CA  . ALA A 1 37  ? 15.614  -9.288  7.580   1.00 29.07 ? 71  ALA A CA  1 
ATOM   299  C C   . ALA A 1 37  ? 15.808  -10.531 8.460   1.00 34.20 ? 71  ALA A C   1 
ATOM   300  O O   . ALA A 1 37  ? 16.786  -10.613 9.215   1.00 34.89 ? 71  ALA A O   1 
ATOM   301  C CB  . ALA A 1 37  ? 14.709  -8.316  8.250   1.00 24.68 ? 71  ALA A CB  1 
ATOM   302  N N   . ALA A 1 38  ? 14.892  -11.495 8.353   1.00 34.32 ? 72  ALA A N   1 
ATOM   303  C CA  . ALA A 1 38  ? 14.968  -12.741 9.121   1.00 36.70 ? 72  ALA A CA  1 
ATOM   304  C C   . ALA A 1 38  ? 16.205  -13.540 8.746   1.00 37.81 ? 72  ALA A C   1 
ATOM   305  O O   . ALA A 1 38  ? 16.912  -14.056 9.600   1.00 37.11 ? 72  ALA A O   1 
ATOM   306  C CB  . ALA A 1 38  ? 13.711  -13.596 8.888   1.00 36.21 ? 72  ALA A CB  1 
ATOM   307  N N   . ARG A 1 39  ? 16.455  -13.625 7.448   1.00 42.61 ? 73  ARG A N   1 
ATOM   308  C CA  . ARG A 1 39  ? 17.583  -14.361 6.907   1.00 46.92 ? 73  ARG A CA  1 
ATOM   309  C C   . ARG A 1 39  ? 18.890  -13.566 6.884   1.00 48.52 ? 73  ARG A C   1 
ATOM   310  O O   . ARG A 1 39  ? 19.925  -14.079 6.473   1.00 47.09 ? 73  ARG A O   1 
ATOM   311  C CB  . ARG A 1 39  ? 17.223  -14.864 5.504   1.00 49.40 ? 73  ARG A CB  1 
ATOM   312  C CG  . ARG A 1 39  ? 15.960  -15.719 5.497   1.00 49.89 ? 73  ARG A CG  1 
ATOM   313  C CD  . ARG A 1 39  ? 15.507  -16.105 4.104   1.00 50.95 ? 73  ARG A CD  1 
ATOM   314  N NE  . ARG A 1 39  ? 14.163  -16.686 4.127   1.00 52.60 ? 73  ARG A NE  1 
ATOM   315  C CZ  . ARG A 1 39  ? 13.865  -17.927 3.742   1.00 54.83 ? 73  ARG A CZ  1 
ATOM   316  N NH1 . ARG A 1 39  ? 14.812  -18.756 3.315   1.00 55.09 ? 73  ARG A NH1 1 
ATOM   317  N NH2 . ARG A 1 39  ? 12.611  -18.345 3.793   1.00 56.44 ? 73  ARG A NH2 1 
ATOM   318  N N   . MET A 1 40  ? 18.851  -12.315 7.322   1.00 52.34 ? 74  MET A N   1 
ATOM   319  C CA  . MET A 1 40  ? 20.060  -11.497 7.367   1.00 57.46 ? 74  MET A CA  1 
ATOM   320  C C   . MET A 1 40  ? 20.776  -11.692 8.714   1.00 61.64 ? 74  MET A C   1 
ATOM   321  O O   . MET A 1 40  ? 21.242  -10.729 9.348   1.00 61.74 ? 74  MET A O   1 
ATOM   322  C CB  . MET A 1 40  ? 19.731  -10.024 7.101   1.00 56.31 ? 74  MET A CB  1 
ATOM   323  C CG  . MET A 1 40  ? 19.580  -9.702  5.615   1.00 55.49 ? 74  MET A CG  1 
ATOM   324  S SD  . MET A 1 40  ? 18.536  -8.273  5.271   1.00 51.18 ? 74  MET A SD  1 
ATOM   325  C CE  . MET A 1 40  ? 19.646  -6.922  5.618   1.00 52.40 ? 74  MET A CE  1 
ATOM   326  N N   . MET A 1 41  ? 20.869  -12.961 9.116   1.00 65.42 ? 75  MET A N   1 
ATOM   327  C CA  . MET A 1 41  ? 21.512  -13.391 10.355  1.00 68.51 ? 75  MET A CA  1 
ATOM   328  C C   . MET A 1 41  ? 22.064  -14.805 10.150  1.00 70.49 ? 75  MET A C   1 
ATOM   329  O O   . MET A 1 41  ? 22.654  -15.090 9.107   1.00 70.71 ? 75  MET A O   1 
ATOM   330  C CB  . MET A 1 41  ? 20.526  -13.362 11.532  1.00 69.24 ? 75  MET A CB  1 
ATOM   331  C CG  . MET A 1 41  ? 20.317  -11.993 12.156  1.00 70.45 ? 75  MET A CG  1 
ATOM   332  S SD  . MET A 1 41  ? 19.142  -12.011 13.535  1.00 73.16 ? 75  MET A SD  1 
ATOM   333  C CE  . MET A 1 41  ? 17.657  -11.502 12.675  1.00 73.06 ? 75  MET A CE  1 
ATOM   334  N N   . MET A 1 42  ? 21.808  -15.696 11.106  1.00 73.70 ? 76  MET A N   1 
ATOM   335  C CA  . MET A 1 42  ? 22.296  -17.079 11.077  1.00 76.74 ? 76  MET A CA  1 
ATOM   336  C C   . MET A 1 42  ? 22.127  -17.864 9.773   1.00 77.42 ? 76  MET A C   1 
ATOM   337  O O   . MET A 1 42  ? 23.061  -18.538 9.323   1.00 76.81 ? 76  MET A O   1 
ATOM   338  C CB  . MET A 1 42  ? 21.682  -17.875 12.235  1.00 78.59 ? 76  MET A CB  1 
ATOM   339  C CG  . MET A 1 42  ? 22.238  -19.287 12.393  1.00 79.88 ? 76  MET A CG  1 
ATOM   340  S SD  . MET A 1 42  ? 21.372  -20.269 13.642  1.00 78.06 ? 76  MET A SD  1 
ATOM   341  C CE  . MET A 1 42  ? 22.323  -19.873 15.096  1.00 76.10 ? 76  MET A CE  1 
ATOM   342  N N   . ASP A 1 43  ? 20.943  -17.789 9.174   1.00 78.38 ? 77  ASP A N   1 
ATOM   343  C CA  . ASP A 1 43  ? 20.666  -18.522 7.937   1.00 78.43 ? 77  ASP A CA  1 
ATOM   344  C C   . ASP A 1 43  ? 20.842  -17.732 6.640   1.00 70.28 ? 77  ASP A C   1 
ATOM   345  O O   . ASP A 1 43  ? 20.057  -17.889 5.698   1.00 71.68 ? 77  ASP A O   1 
ATOM   346  C CB  . ASP A 1 43  ? 19.275  -19.165 7.995   1.00 74.75 ? 77  ASP A CB  1 
ATOM   347  C CG  . ASP A 1 43  ? 18.252  -18.279 8.663   1.00 71.29 ? 77  ASP A CG  1 
ATOM   348  O OD1 . ASP A 1 43  ? 18.261  -18.193 9.908   1.00 69.89 ? 77  ASP A OD1 1 
ATOM   349  O OD2 . ASP A 1 43  ? 17.435  -17.675 7.944   1.00 69.58 ? 77  ASP A OD2 1 
ATOM   350  N N   . ALA A 1 44  ? 21.895  -16.920 6.580   0.00 0.00  ? 78  ALA A N   1 
ATOM   351  C CA  . ALA A 1 44  ? 22.178  -16.116 5.395   0.00 0.00  ? 78  ALA A CA  1 
ATOM   352  C C   . ALA A 1 44  ? 22.428  -17.027 4.189   0.00 0.00  ? 78  ALA A C   1 
ATOM   353  O O   . ALA A 1 44  ? 21.572  -17.164 3.304   0.00 0.00  ? 78  ALA A O   1 
ATOM   354  C CB  . ALA A 1 44  ? 23.387  -15.210 5.653   0.00 0.00  ? 78  ALA A CB  1 
ATOM   355  N N   . SER A 1 45  ? 23.609  -17.644 4.174   0.00 0.00  ? 79  SER A N   1 
ATOM   356  C CA  . SER A 1 45  ? 24.035  -18.573 3.126   0.00 0.00  ? 79  SER A CA  1 
ATOM   357  C C   . SER A 1 45  ? 24.375  -17.946 1.765   0.00 0.00  ? 79  SER A C   1 
ATOM   358  O O   . SER A 1 45  ? 25.551  -17.844 1.411   0.00 0.00  ? 79  SER A O   1 
ATOM   359  C CB  . SER A 1 45  ? 23.010  -19.714 2.970   0.00 0.00  ? 79  SER A CB  1 
ATOM   360  O OG  . SER A 1 45  ? 22.744  -20.354 4.217   0.00 0.00  ? 79  SER A OG  1 
ATOM   361  N N   . ASN A 1 46  ? 23.355  -17.511 1.028   0.00 0.00  ? 80  ASN A N   1 
ATOM   362  C CA  . ASN A 1 46  ? 23.512  -16.917 -0.305  0.00 0.00  ? 80  ASN A CA  1 
ATOM   363  C C   . ASN A 1 46  ? 24.484  -15.746 -0.445  0.00 0.00  ? 80  ASN A C   1 
ATOM   364  O O   . ASN A 1 46  ? 24.363  -14.724 0.235   0.00 0.00  ? 80  ASN A O   1 
ATOM   365  C CB  . ASN A 1 46  ? 22.145  -16.525 -0.878  0.00 0.00  ? 80  ASN A CB  1 
ATOM   366  C CG  . ASN A 1 46  ? 21.289  -15.772 0.122   0.00 0.00  ? 80  ASN A CG  1 
ATOM   367  O OD1 . ASN A 1 46  ? 21.445  -14.564 0.315   0.00 0.00  ? 80  ASN A OD1 1 
ATOM   368  N ND2 . ASN A 1 46  ? 20.382  -16.489 0.776   0.00 0.00  ? 80  ASN A ND2 1 
ATOM   369  N N   . GLN A 1 47  ? 25.432  -15.905 -1.366  0.00 0.00  ? 81  GLN A N   1 
ATOM   370  C CA  . GLN A 1 47  ? 26.448  -14.894 -1.641  0.00 0.00  ? 81  GLN A CA  1 
ATOM   371  C C   . GLN A 1 47  ? 26.169  -14.119 -2.930  0.00 0.00  ? 81  GLN A C   1 
ATOM   372  O O   . GLN A 1 47  ? 26.643  -12.995 -3.105  0.00 0.00  ? 81  GLN A O   1 
ATOM   373  C CB  . GLN A 1 47  ? 27.840  -15.554 -1.673  0.00 0.00  ? 81  GLN A CB  1 
ATOM   374  C CG  . GLN A 1 47  ? 28.880  -14.913 -2.593  0.00 0.00  ? 81  GLN A CG  1 
ATOM   375  C CD  . GLN A 1 47  ? 28.764  -15.402 -4.031  0.00 0.00  ? 81  GLN A CD  1 
ATOM   376  O OE1 . GLN A 1 47  ? 28.606  -16.600 -4.283  0.00 0.00  ? 81  GLN A OE1 1 
ATOM   377  N NE2 . GLN A 1 47  ? 28.808  -14.474 -4.978  0.00 0.00  ? 81  GLN A NE2 1 
ATOM   378  N N   . GLN A 1 48  ? 25.425  -14.731 -3.843  0.00 0.00  ? 82  GLN A N   1 
ATOM   379  C CA  . GLN A 1 48  ? 25.092  -14.093 -5.112  0.00 0.00  ? 82  GLN A CA  1 
ATOM   380  C C   . GLN A 1 48  ? 24.032  -13.015 -4.897  0.00 0.00  ? 82  GLN A C   1 
ATOM   381  O O   . GLN A 1 48  ? 22.857  -13.315 -4.691  0.00 0.00  ? 82  GLN A O   1 
ATOM   382  C CB  . GLN A 1 48  ? 24.612  -15.144 -6.125  0.00 0.00  ? 82  GLN A CB  1 
ATOM   383  C CG  . GLN A 1 48  ? 24.301  -14.607 -7.522  0.00 0.00  ? 82  GLN A CG  1 
ATOM   384  C CD  . GLN A 1 48  ? 25.520  -14.066 -8.269  0.00 0.00  ? 82  GLN A CD  1 
ATOM   385  O OE1 . GLN A 1 48  ? 25.407  -13.642 -9.422  0.00 0.00  ? 82  GLN A OE1 1 
ATOM   386  N NE2 . GLN A 1 48  ? 26.687  -14.089 -7.628  0.00 0.00  ? 82  GLN A NE2 1 
ATOM   387  N N   . SER A 1 49  ? 24.480  -11.765 -4.939  0.00 0.00  ? 83  SER A N   1 
ATOM   388  C CA  . SER A 1 49  ? 23.636  -10.581 -4.753  0.00 0.00  ? 83  SER A CA  1 
ATOM   389  C C   . SER A 1 49  ? 23.394  -10.229 -3.276  0.00 0.00  ? 83  SER A C   1 
ATOM   390  O O   . SER A 1 49  ? 22.412  -9.554  -2.955  0.00 0.00  ? 83  SER A O   1 
ATOM   391  C CB  . SER A 1 49  ? 22.299  -10.734 -5.495  0.00 0.00  ? 83  SER A CB  1 
ATOM   392  O OG  . SER A 1 49  ? 22.499  -11.168 -6.833  0.00 0.00  ? 83  SER A OG  1 
ATOM   393  N N   . SER A 1 50  ? 24.330  -10.636 -2.409  1.00 78.21 ? 84  SER A N   1 
ATOM   394  C CA  . SER A 1 50  ? 24.284  -10.404 -0.959  1.00 79.31 ? 84  SER A CA  1 
ATOM   395  C C   . SER A 1 50  ? 23.395  -9.246  -0.526  1.00 78.06 ? 84  SER A C   1 
ATOM   396  O O   . SER A 1 50  ? 23.511  -8.135  -1.051  1.00 79.38 ? 84  SER A O   1 
ATOM   397  C CB  . SER A 1 50  ? 25.695  -10.192 -0.408  1.00 79.62 ? 84  SER A CB  1 
ATOM   398  O OG  . SER A 1 50  ? 26.485  -11.360 -0.553  1.00 79.17 ? 84  SER A OG  1 
ATOM   399  N N   . ALA A 1 51  ? 22.540  -9.518  0.456   1.00 74.87 ? 85  ALA A N   1 
ATOM   400  C CA  . ALA A 1 51  ? 21.580  -8.555  0.996   1.00 71.28 ? 85  ALA A CA  1 
ATOM   401  C C   . ALA A 1 51  ? 20.427  -8.427  0.015   1.00 69.67 ? 85  ALA A C   1 
ATOM   402  O O   . ALA A 1 51  ? 19.345  -8.962  0.255   1.00 70.51 ? 85  ALA A O   1 
ATOM   403  C CB  . ALA A 1 51  ? 22.224  -7.192  1.259   1.00 71.51 ? 85  ALA A CB  1 
ATOM   404  N N   . LYS A 1 52  ? 20.687  -7.801  -1.129  1.00 67.07 ? 86  LYS A N   1 
ATOM   405  C CA  . LYS A 1 52  ? 19.659  -7.611  -2.152  1.00 64.08 ? 86  LYS A CA  1 
ATOM   406  C C   . LYS A 1 52  ? 19.478  -8.855  -3.025  1.00 61.99 ? 86  LYS A C   1 
ATOM   407  O O   . LYS A 1 52  ? 18.935  -8.776  -4.127  1.00 61.41 ? 86  LYS A O   1 
ATOM   408  C CB  . LYS A 1 52  ? 19.981  -6.378  -3.015  1.00 62.63 ? 86  LYS A CB  1 
ATOM   409  C CG  . LYS A 1 52  ? 21.237  -6.507  -3.875  1.00 61.22 ? 86  LYS A CG  1 
ATOM   410  C CD  . LYS A 1 52  ? 21.652  -5.169  -4.471  1.00 57.60 ? 86  LYS A CD  1 
ATOM   411  C CE  . LYS A 1 52  ? 22.859  -5.317  -5.381  1.00 53.28 ? 86  LYS A CE  1 
ATOM   412  N NZ  . LYS A 1 52  ? 22.544  -6.116  -6.593  1.00 50.19 ? 86  LYS A NZ  1 
ATOM   413  N N   . THR A 1 53  ? 19.865  -10.009 -2.496  1.00 59.60 ? 87  THR A N   1 
ATOM   414  C CA  . THR A 1 53  ? 19.766  -11.262 -3.229  1.00 58.02 ? 87  THR A CA  1 
ATOM   415  C C   . THR A 1 53  ? 18.371  -11.547 -3.819  1.00 55.66 ? 87  THR A C   1 
ATOM   416  O O   . THR A 1 53  ? 18.129  -11.243 -4.991  1.00 57.43 ? 87  THR A O   1 
ATOM   417  C CB  . THR A 1 53  ? 20.261  -12.458 -2.364  1.00 59.93 ? 87  THR A CB  1 
ATOM   418  O OG1 . THR A 1 53  ? 21.569  -12.171 -1.850  1.00 59.31 ? 87  THR A OG1 1 
ATOM   419  C CG2 . THR A 1 53  ? 20.323  -13.752 -3.193  1.00 59.72 ? 87  THR A CG2 1 
ATOM   420  N N   . ASP A 1 54  ? 17.445  -12.065 -3.011  1.00 49.30 ? 88  ASP A N   1 
ATOM   421  C CA  . ASP A 1 54  ? 16.115  -12.403 -3.514  1.00 40.22 ? 88  ASP A CA  1 
ATOM   422  C C   . ASP A 1 54  ? 14.930  -11.585 -2.969  1.00 34.11 ? 88  ASP A C   1 
ATOM   423  O O   . ASP A 1 54  ? 14.372  -10.767 -3.689  1.00 31.54 ? 88  ASP A O   1 
ATOM   424  C CB  . ASP A 1 54  ? 15.859  -13.894 -3.308  1.00 41.08 ? 88  ASP A CB  1 
ATOM   425  C CG  . ASP A 1 54  ? 14.930  -14.486 -4.356  1.00 45.24 ? 88  ASP A CG  1 
ATOM   426  O OD1 . ASP A 1 54  ? 13.914  -13.857 -4.734  1.00 47.27 ? 88  ASP A OD1 1 
ATOM   427  O OD2 . ASP A 1 54  ? 15.226  -15.604 -4.811  1.00 48.42 ? 88  ASP A OD2 1 
ATOM   428  N N   . LEU A 1 55  ? 14.552  -11.781 -1.710  1.00 28.29 ? 89  LEU A N   1 
ATOM   429  C CA  . LEU A 1 55  ? 13.401  -11.069 -1.164  1.00 26.58 ? 89  LEU A CA  1 
ATOM   430  C C   . LEU A 1 55  ? 13.499  -9.554  -1.064  1.00 26.21 ? 89  LEU A C   1 
ATOM   431  O O   . LEU A 1 55  ? 12.477  -8.866  -1.090  1.00 26.12 ? 89  LEU A O   1 
ATOM   432  C CB  . LEU A 1 55  ? 12.951  -11.669 0.173   1.00 28.08 ? 89  LEU A CB  1 
ATOM   433  C CG  . LEU A 1 55  ? 12.210  -13.014 0.292   1.00 23.58 ? 89  LEU A CG  1 
ATOM   434  C CD1 . LEU A 1 55  ? 10.955  -13.034 -0.549  1.00 21.53 ? 89  LEU A CD1 1 
ATOM   435  C CD2 . LEU A 1 55  ? 13.127  -14.155 -0.062  1.00 22.28 ? 89  LEU A CD2 1 
ATOM   436  N N   . LEU A 1 56  ? 14.711  -9.022  -0.934  1.00 29.25 ? 90  LEU A N   1 
ATOM   437  C CA  . LEU A 1 56  ? 14.891  -7.570  -0.855  1.00 29.68 ? 90  LEU A CA  1 
ATOM   438  C C   . LEU A 1 56  ? 14.495  -7.006  -2.211  1.00 29.77 ? 90  LEU A C   1 
ATOM   439  O O   . LEU A 1 56  ? 13.851  -5.967  -2.307  1.00 30.66 ? 90  LEU A O   1 
ATOM   440  C CB  . LEU A 1 56  ? 16.345  -7.196  -0.570  1.00 30.77 ? 90  LEU A CB  1 
ATOM   441  C CG  . LEU A 1 56  ? 16.578  -5.915  0.254   1.00 32.74 ? 90  LEU A CG  1 
ATOM   442  C CD1 . LEU A 1 56  ? 18.054  -5.532  0.230   1.00 33.69 ? 90  LEU A CD1 1 
ATOM   443  C CD2 . LEU A 1 56  ? 15.730  -4.764  -0.245  1.00 29.42 ? 90  LEU A CD2 1 
ATOM   444  N N   . GLN A 1 57  ? 14.923  -7.685  -3.265  1.00 29.18 ? 91  GLN A N   1 
ATOM   445  C CA  . GLN A 1 57  ? 14.590  -7.267  -4.600  1.00 27.79 ? 91  GLN A CA  1 
ATOM   446  C C   . GLN A 1 57  ? 13.097  -7.374  -4.815  1.00 25.77 ? 91  GLN A C   1 
ATOM   447  O O   . GLN A 1 57  ? 12.491  -6.447  -5.319  1.00 26.65 ? 91  GLN A O   1 
ATOM   448  C CB  . GLN A 1 57  ? 15.351  -8.101  -5.616  1.00 28.26 ? 91  GLN A CB  1 
ATOM   449  C CG  . GLN A 1 57  ? 16.771  -7.628  -5.783  1.00 38.21 ? 91  GLN A CG  1 
ATOM   450  C CD  . GLN A 1 57  ? 16.848  -6.189  -6.262  1.00 40.83 ? 91  GLN A CD  1 
ATOM   451  O OE1 . GLN A 1 57  ? 17.464  -5.347  -5.620  1.00 45.76 ? 91  GLN A OE1 1 
ATOM   452  N NE2 . GLN A 1 57  ? 16.221  -5.901  -7.395  1.00 42.84 ? 91  GLN A NE2 1 
ATOM   453  N N   . ASN A 1 58  ? 12.500  -8.482  -4.394  1.00 25.60 ? 92  ASN A N   1 
ATOM   454  C CA  . ASN A 1 58  ? 11.065  -8.674  -4.558  1.00 25.75 ? 92  ASN A CA  1 
ATOM   455  C C   . ASN A 1 58  ? 10.251  -7.634  -3.811  1.00 25.30 ? 92  ASN A C   1 
ATOM   456  O O   . ASN A 1 58  ? 9.174   -7.249  -4.267  1.00 25.86 ? 92  ASN A O   1 
ATOM   457  C CB  . ASN A 1 58  ? 10.648  -10.073 -4.131  1.00 28.29 ? 92  ASN A CB  1 
ATOM   458  C CG  . ASN A 1 58  ? 11.323  -11.160 -4.947  1.00 30.02 ? 92  ASN A CG  1 
ATOM   459  O OD1 . ASN A 1 58  ? 11.954  -10.888 -5.962  1.00 33.16 ? 92  ASN A OD1 1 
ATOM   460  N ND2 . ASN A 1 58  ? 11.200  -12.402 -4.496  1.00 34.49 ? 92  ASN A ND2 1 
ATOM   461  N N   . ALA A 1 59  ? 10.793  -7.155  -2.689  1.00 22.41 ? 93  ALA A N   1 
ATOM   462  C CA  . ALA A 1 59  ? 10.161  -6.133  -1.843  1.00 22.37 ? 93  ALA A CA  1 
ATOM   463  C C   . ALA A 1 59  ? 10.294  -4.715  -2.399  1.00 21.56 ? 93  ALA A C   1 
ATOM   464  O O   . ALA A 1 59  ? 9.658   -3.785  -1.903  1.00 22.79 ? 93  ALA A O   1 
ATOM   465  C CB  . ALA A 1 59  ? 10.737  -6.186  -0.433  1.00 23.47 ? 93  ALA A CB  1 
ATOM   466  N N   . LYS A 1 60  ? 11.159  -4.532  -3.394  1.00 24.00 ? 94  LYS A N   1 
ATOM   467  C CA  . LYS A 1 60  ? 11.334  -3.223  -4.014  1.00 22.37 ? 94  LYS A CA  1 
ATOM   468  C C   . LYS A 1 60  ? 10.337  -3.162  -5.144  1.00 22.69 ? 94  LYS A C   1 
ATOM   469  O O   . LYS A 1 60  ? 9.776   -2.129  -5.454  1.00 21.88 ? 94  LYS A O   1 
ATOM   470  C CB  . LYS A 1 60  ? 12.758  -3.068  -4.567  1.00 28.04 ? 94  LYS A CB  1 
ATOM   471  C CG  . LYS A 1 60  ? 13.848  -3.129  -3.519  1.00 29.86 ? 94  LYS A CG  1 
ATOM   472  C CD  . LYS A 1 60  ? 15.209  -2.827  -4.127  1.00 34.76 ? 94  LYS A CD  1 
ATOM   473  C CE  . LYS A 1 60  ? 16.319  -2.913  -3.085  1.00 31.90 ? 94  LYS A CE  1 
ATOM   474  N NZ  . LYS A 1 60  ? 17.618  -2.385  -3.580  1.00 33.67 ? 94  LYS A NZ  1 
ATOM   475  N N   . THR A 1 61  ? 10.117  -4.300  -5.765  1.00 21.21 ? 95  THR A N   1 
ATOM   476  C CA  . THR A 1 61  ? 9.175   -4.369  -6.865  1.00 22.04 ? 95  THR A CA  1 
ATOM   477  C C   . THR A 1 61  ? 7.731   -4.263  -6.339  1.00 22.76 ? 95  THR A C   1 
ATOM   478  O O   . THR A 1 61  ? 6.929   -3.477  -6.867  1.00 23.26 ? 95  THR A O   1 
ATOM   479  C CB  . THR A 1 61  ? 9.414   -5.654  -7.672  1.00 21.52 ? 95  THR A CB  1 
ATOM   480  O OG1 . THR A 1 61  ? 10.762  -5.638  -8.158  1.00 25.53 ? 95  THR A OG1 1 
ATOM   481  C CG2 . THR A 1 61  ? 8.475   -5.739  -8.853  1.00 24.93 ? 95  THR A CG2 1 
ATOM   482  N N   . THR A 1 62  ? 7.405   -5.026  -5.295  1.00 20.22 ? 96  THR A N   1 
ATOM   483  C CA  . THR A 1 62  ? 6.074   -4.953  -4.716  1.00 24.44 ? 96  THR A CA  1 
ATOM   484  C C   . THR A 1 62  ? 5.651   -3.531  -4.285  1.00 22.15 ? 96  THR A C   1 
ATOM   485  O O   . THR A 1 62  ? 4.502   -3.135  -4.526  1.00 21.41 ? 96  THR A O   1 
ATOM   486  C CB  . THR A 1 62  ? 5.875   -6.006  -3.619  1.00 21.26 ? 96  THR A CB  1 
ATOM   487  O OG1 . THR A 1 62  ? 7.056   -6.135  -2.825  1.00 20.61 ? 96  THR A OG1 1 
ATOM   488  C CG2 . THR A 1 62  ? 5.570   -7.343  -4.250  1.00 24.50 ? 96  THR A CG2 1 
ATOM   489  N N   . LEU A 1 63  ? 6.577   -2.745  -3.712  1.00 20.54 ? 97  LEU A N   1 
ATOM   490  C CA  . LEU A 1 63  ? 6.272   -1.365  -3.326  1.00 22.93 ? 97  LEU A CA  1 
ATOM   491  C C   . LEU A 1 63  ? 6.100   -0.541  -4.602  1.00 21.09 ? 97  LEU A C   1 
ATOM   492  O O   . LEU A 1 63  ? 5.216   0.321   -4.683  1.00 24.96 ? 97  LEU A O   1 
ATOM   493  C CB  . LEU A 1 63  ? 7.403   -0.738  -2.517  1.00 24.89 ? 97  LEU A CB  1 
ATOM   494  C CG  . LEU A 1 63  ? 7.120   -0.179  -1.111  1.00 24.42 ? 97  LEU A CG  1 
ATOM   495  C CD1 . LEU A 1 63  ? 8.095   0.914   -0.790  1.00 23.81 ? 97  LEU A CD1 1 
ATOM   496  C CD2 . LEU A 1 63  ? 5.722   0.349   -0.976  1.00 24.57 ? 97  LEU A CD2 1 
ATOM   497  N N   . ALA A 1 64  ? 6.967   -0.795  -5.586  1.00 23.96 ? 98  ALA A N   1 
ATOM   498  C CA  . ALA A 1 64  ? 6.939   -0.102  -6.872  1.00 24.33 ? 98  ALA A CA  1 
ATOM   499  C C   . ALA A 1 64  ? 5.602   -0.327  -7.558  1.00 21.86 ? 98  ALA A C   1 
ATOM   500  O O   . ALA A 1 64  ? 5.068   0.576   -8.217  1.00 25.33 ? 98  ALA A O   1 
ATOM   501  C CB  . ALA A 1 64  ? 8.067   -0.594  -7.771  1.00 21.77 ? 98  ALA A CB  1 
ATOM   502  N N   . GLN A 1 65  ? 5.079   -1.540  -7.416  1.00 22.20 ? 99  GLN A N   1 
ATOM   503  C CA  . GLN A 1 65  ? 3.814   -1.884  -8.011  1.00 22.73 ? 99  GLN A CA  1 
ATOM   504  C C   . GLN A 1 65  ? 2.660   -1.234  -7.260  1.00 20.88 ? 99  GLN A C   1 
ATOM   505  O O   . GLN A 1 65  ? 1.648   -0.875  -7.859  1.00 20.35 ? 99  GLN A O   1 
ATOM   506  C CB  . GLN A 1 65  ? 3.646   -3.412  -8.048  1.00 23.84 ? 99  GLN A CB  1 
ATOM   507  C CG  . GLN A 1 65  ? 4.629   -4.130  -8.944  1.00 20.92 ? 99  GLN A CG  1 
ATOM   508  C CD  . GLN A 1 65  ? 4.371   -5.612  -9.000  1.00 22.40 ? 99  GLN A CD  1 
ATOM   509  O OE1 . GLN A 1 65  ? 4.153   -6.252  -7.977  1.00 23.60 ? 99  GLN A OE1 1 
ATOM   510  N NE2 . GLN A 1 65  ? 4.408   -6.180  -10.195 1.00 21.18 ? 99  GLN A NE2 1 
ATOM   511  N N   . ALA A 1 66  ? 2.802   -1.108  -5.947  1.00 19.55 ? 100 ALA A N   1 
ATOM   512  C CA  . ALA A 1 66  ? 1.771   -0.501  -5.125  1.00 19.11 ? 100 ALA A CA  1 
ATOM   513  C C   . ALA A 1 66  ? 1.773   0.981   -5.335  1.00 20.61 ? 100 ALA A C   1 
ATOM   514  O O   . ALA A 1 66  ? 0.770   1.644   -5.142  1.00 24.69 ? 100 ALA A O   1 
ATOM   515  C CB  . ALA A 1 66  ? 2.001   -0.819  -3.673  1.00 22.54 ? 100 ALA A CB  1 
ATOM   516  N N   . ALA A 1 67  ? 2.927   1.521   -5.680  1.00 21.79 ? 101 ALA A N   1 
ATOM   517  C CA  . ALA A 1 67  ? 3.027   2.952   -5.965  1.00 22.93 ? 101 ALA A CA  1 
ATOM   518  C C   . ALA A 1 67  ? 2.272   3.218   -7.290  1.00 24.55 ? 101 ALA A C   1 
ATOM   519  O O   . ALA A 1 67  ? 1.449   4.151   -7.392  1.00 23.04 ? 101 ALA A O   1 
ATOM   520  C CB  . ALA A 1 67  ? 4.494   3.367   -6.095  1.00 17.58 ? 101 ALA A CB  1 
ATOM   521  N N   . ALA A 1 68  ? 2.553   2.381   -8.292  1.00 23.94 ? 102 ALA A N   1 
ATOM   522  C CA  . ALA A 1 68  ? 1.931   2.491   -9.611  1.00 22.75 ? 102 ALA A CA  1 
ATOM   523  C C   . ALA A 1 68  ? 0.401   2.431   -9.555  1.00 23.14 ? 102 ALA A C   1 
ATOM   524  O O   . ALA A 1 68  ? -0.301  3.137   -10.297 1.00 26.44 ? 102 ALA A O   1 
ATOM   525  C CB  . ALA A 1 68  ? 2.457   1.403   -10.530 1.00 21.68 ? 102 ALA A CB  1 
ATOM   526  N N   . HIS A 1 69  ? -0.097  1.576   -8.678  1.00 20.18 ? 103 HIS A N   1 
ATOM   527  C CA  . HIS A 1 69  ? -1.519  1.381   -8.498  1.00 20.85 ? 103 HIS A CA  1 
ATOM   528  C C   . HIS A 1 69  ? -2.195  2.606   -7.952  1.00 20.65 ? 103 HIS A C   1 
ATOM   529  O O   . HIS A 1 69  ? -3.142  3.123   -8.545  1.00 21.76 ? 103 HIS A O   1 
ATOM   530  C CB  . HIS A 1 69  ? -1.764  0.209   -7.553  1.00 22.83 ? 103 HIS A CB  1 
ATOM   531  C CG  . HIS A 1 69  ? -1.344  -1.106  -8.113  1.00 27.53 ? 103 HIS A CG  1 
ATOM   532  N ND1 . HIS A 1 69  ? -0.926  -2.151  -7.322  1.00 32.06 ? 103 HIS A ND1 1 
ATOM   533  C CD2 . HIS A 1 69  ? -1.303  -1.561  -9.387  1.00 29.83 ? 103 HIS A CD2 1 
ATOM   534  C CE1 . HIS A 1 69  ? -0.654  -3.198  -8.084  1.00 34.53 ? 103 HIS A CE1 1 
ATOM   535  N NE2 . HIS A 1 69  ? -0.875  -2.862  -9.343  1.00 32.69 ? 103 HIS A NE2 1 
ATOM   536  N N   . TYR A 1 70  ? -1.712  3.049   -6.797  1.00 20.93 ? 104 TYR A N   1 
ATOM   537  C CA  . TYR A 1 70  ? -2.249  4.206   -6.104  1.00 22.76 ? 104 TYR A CA  1 
ATOM   538  C C   . TYR A 1 70  ? -2.152  5.471   -6.929  1.00 22.98 ? 104 TYR A C   1 
ATOM   539  O O   . TYR A 1 70  ? -3.013  6.345   -6.838  1.00 22.70 ? 104 TYR A O   1 
ATOM   540  C CB  . TYR A 1 70  ? -1.533  4.384   -4.762  1.00 22.11 ? 104 TYR A CB  1 
ATOM   541  C CG  . TYR A 1 70  ? -2.109  5.489   -3.907  1.00 20.65 ? 104 TYR A CG  1 
ATOM   542  C CD1 . TYR A 1 70  ? -1.652  6.805   -4.028  1.00 21.68 ? 104 TYR A CD1 1 
ATOM   543  C CD2 . TYR A 1 70  ? -3.126  5.226   -2.976  1.00 24.51 ? 104 TYR A CD2 1 
ATOM   544  C CE1 . TYR A 1 70  ? -2.194  7.821   -3.250  1.00 20.01 ? 104 TYR A CE1 1 
ATOM   545  C CE2 . TYR A 1 70  ? -3.663  6.230   -2.205  1.00 21.71 ? 104 TYR A CE2 1 
ATOM   546  C CZ  . TYR A 1 70  ? -3.195  7.518   -2.353  1.00 22.06 ? 104 TYR A CZ  1 
ATOM   547  O OH  . TYR A 1 70  ? -3.752  8.520   -1.621  1.00 21.90 ? 104 TYR A OH  1 
ATOM   548  N N   . ALA A 1 71  ? -1.092  5.582   -7.718  1.00 20.58 ? 105 ALA A N   1 
ATOM   549  C CA  . ALA A 1 71  ? -0.886  6.753   -8.570  1.00 21.55 ? 105 ALA A CA  1 
ATOM   550  C C   . ALA A 1 71  ? -2.135  7.005   -9.447  1.00 22.94 ? 105 ALA A C   1 
ATOM   551  O O   . ALA A 1 71  ? -2.552  8.143   -9.672  1.00 20.50 ? 105 ALA A O   1 
ATOM   552  C CB  . ALA A 1 71  ? 0.376   6.559   -9.419  1.00 23.61 ? 105 ALA A CB  1 
ATOM   553  N N   . ASN A 1 72  ? -2.771  5.924   -9.875  1.00 26.74 ? 106 ASN A N   1 
ATOM   554  C CA  . ASN A 1 72  ? -3.975  6.016   -10.681 1.00 27.61 ? 106 ASN A CA  1 
ATOM   555  C C   . ASN A 1 72  ? -5.126  6.501   -9.815  1.00 29.79 ? 106 ASN A C   1 
ATOM   556  O O   . ASN A 1 72  ? -5.874  7.401   -10.197 1.00 30.93 ? 106 ASN A O   1 
ATOM   557  C CB  . ASN A 1 72  ? -4.345  4.645   -11.237 1.00 28.10 ? 106 ASN A CB  1 
ATOM   558  C CG  . ASN A 1 72  ? -3.619  4.314   -12.506 1.00 29.53 ? 106 ASN A CG  1 
ATOM   559  O OD1 . ASN A 1 72  ? -3.739  5.018   -13.501 1.00 34.29 ? 106 ASN A OD1 1 
ATOM   560  N ND2 . ASN A 1 72  ? -2.872  3.230   -12.491 1.00 27.92 ? 106 ASN A ND2 1 
ATOM   561  N N   . PHE A 1 73  ? -5.287  5.858   -8.659  1.00 29.77 ? 107 PHE A N   1 
ATOM   562  C CA  . PHE A 1 73  ? -6.363  6.182   -7.739  1.00 28.99 ? 107 PHE A CA  1 
ATOM   563  C C   . PHE A 1 73  ? -6.328  7.659   -7.361  1.00 32.05 ? 107 PHE A C   1 
ATOM   564  O O   . PHE A 1 73  ? -7.368  8.316   -7.278  1.00 33.48 ? 107 PHE A O   1 
ATOM   565  C CB  . PHE A 1 73  ? -6.315  5.284   -6.486  1.00 27.68 ? 107 PHE A CB  1 
ATOM   566  C CG  . PHE A 1 73  ? -7.333  5.663   -5.451  1.00 28.95 ? 107 PHE A CG  1 
ATOM   567  C CD1 . PHE A 1 73  ? -8.656  5.304   -5.608  1.00 24.14 ? 107 PHE A CD1 1 
ATOM   568  C CD2 . PHE A 1 73  ? -6.994  6.515   -4.399  1.00 30.45 ? 107 PHE A CD2 1 
ATOM   569  C CE1 . PHE A 1 73  ? -9.629  5.801   -4.746  1.00 28.23 ? 107 PHE A CE1 1 
ATOM   570  C CE2 . PHE A 1 73  ? -7.970  7.019   -3.528  1.00 28.09 ? 107 PHE A CE2 1 
ATOM   571  C CZ  . PHE A 1 73  ? -9.289  6.660   -3.709  1.00 27.00 ? 107 PHE A CZ  1 
ATOM   572  N N   . LYS A 1 74  ? -5.129  8.189   -7.164  1.00 33.33 ? 108 LYS A N   1 
ATOM   573  C CA  . LYS A 1 74  ? -4.971  9.587   -6.795  1.00 38.11 ? 108 LYS A CA  1 
ATOM   574  C C   . LYS A 1 74  ? -5.203  10.492  -8.000  1.00 39.80 ? 108 LYS A C   1 
ATOM   575  O O   . LYS A 1 74  ? -5.582  11.655  -7.839  1.00 38.41 ? 108 LYS A O   1 
ATOM   576  C CB  . LYS A 1 74  ? -3.588  9.801   -6.195  1.00 37.71 ? 108 LYS A CB  1 
ATOM   577  C CG  . LYS A 1 74  ? -3.235  11.236  -5.885  1.00 41.81 ? 108 LYS A CG  1 
ATOM   578  C CD  . LYS A 1 74  ? -1.815  11.288  -5.360  1.00 44.32 ? 108 LYS A CD  1 
ATOM   579  C CE  . LYS A 1 74  ? -0.885  10.444  -6.242  1.00 45.88 ? 108 LYS A CE  1 
ATOM   580  N NZ  . LYS A 1 74  ? 0.106   9.665   -5.446  1.00 48.11 ? 108 LYS A NZ  1 
ATOM   581  N N   . ASN A 1 75  ? -4.962  9.950   -9.198  1.00 41.34 ? 109 ASN A N   1 
ATOM   582  C CA  . ASN A 1 75  ? -5.158  10.671  -10.463 1.00 43.20 ? 109 ASN A CA  1 
ATOM   583  C C   . ASN A 1 75  ? -6.639  10.963  -10.651 1.00 43.69 ? 109 ASN A C   1 
ATOM   584  O O   . ASN A 1 75  ? -7.010  11.964  -11.243 1.00 45.07 ? 109 ASN A O   1 
ATOM   585  C CB  . ASN A 1 75  ? -4.643  9.839   -11.650 1.00 43.75 ? 109 ASN A CB  1 
ATOM   586  C CG  . ASN A 1 75  ? -5.083  10.390  -13.008 1.00 42.86 ? 109 ASN A CG  1 
ATOM   587  O OD1 . ASN A 1 75  ? -4.325  11.064  -13.694 1.00 42.86 ? 109 ASN A OD1 1 
ATOM   588  N ND2 . ASN A 1 75  ? -6.294  10.062  -13.412 1.00 41.08 ? 109 ASN A ND2 1 
ATOM   589  N N   . MET A 1 76  ? -7.487  10.061  -10.183 1.00 44.75 ? 110 MET A N   1 
ATOM   590  C CA  . MET A 1 76  ? -8.920  10.261  -10.304 1.00 45.81 ? 110 MET A CA  1 
ATOM   591  C C   . MET A 1 76  ? -9.419  11.212  -9.229  1.00 44.54 ? 110 MET A C   1 
ATOM   592  O O   . MET A 1 76  ? -9.255  10.961  -8.030  1.00 42.00 ? 110 MET A O   1 
ATOM   593  C CB  . MET A 1 76  ? -9.664  8.935   -10.176 1.00 48.42 ? 110 MET A CB  1 
ATOM   594  C CG  . MET A 1 76  ? -9.545  8.013   -11.362 1.00 50.94 ? 110 MET A CG  1 
ATOM   595  S SD  . MET A 1 76  ? -10.329 6.455   -10.960 1.00 54.06 ? 110 MET A SD  1 
ATOM   596  C CE  . MET A 1 76  ? -9.190  5.897   -9.719  1.00 52.99 ? 110 MET A CE  1 
ATOM   597  N N   . THR A 1 77  ? -10.026 12.307  -9.665  1.00 45.25 ? 111 THR A N   1 
ATOM   598  C CA  . THR A 1 77  ? -10.580 13.280  -8.737  1.00 46.49 ? 111 THR A CA  1 
ATOM   599  C C   . THR A 1 77  ? -11.670 12.554  -7.926  1.00 47.34 ? 111 THR A C   1 
ATOM   600  O O   . THR A 1 77  ? -12.425 11.744  -8.471  1.00 47.69 ? 111 THR A O   1 
ATOM   601  C CB  . THR A 1 77  ? -11.201 14.480  -9.498  1.00 44.55 ? 111 THR A CB  1 
ATOM   602  O OG1 . THR A 1 77  ? -10.321 14.894  -10.551 1.00 40.87 ? 111 THR A OG1 1 
ATOM   603  C CG2 . THR A 1 77  ? -11.421 15.657  -8.562  1.00 45.81 ? 111 THR A CG2 1 
ATOM   604  N N   . PRO A 1 78  ? -11.710 12.769  -6.601  1.00 47.88 ? 112 PRO A N   1 
ATOM   605  C CA  . PRO A 1 78  ? -12.731 12.100  -5.795  1.00 49.42 ? 112 PRO A CA  1 
ATOM   606  C C   . PRO A 1 78  ? -14.089 12.764  -5.937  1.00 51.10 ? 112 PRO A C   1 
ATOM   607  O O   . PRO A 1 78  ? -14.176 13.980  -6.119  1.00 52.77 ? 112 PRO A O   1 
ATOM   608  C CB  . PRO A 1 78  ? -12.191 12.253  -4.376  1.00 49.73 ? 112 PRO A CB  1 
ATOM   609  C CG  . PRO A 1 78  ? -11.482 13.570  -4.424  1.00 48.12 ? 112 PRO A CG  1 
ATOM   610  C CD  . PRO A 1 78  ? -10.748 13.485  -5.741  1.00 48.30 ? 112 PRO A CD  1 
ATOM   611  N N   . LEU A 1 79  ? -15.149 11.970  -5.852  1.00 53.24 ? 113 LEU A N   1 
ATOM   612  C CA  . LEU A 1 79  ? -16.510 12.491  -5.951  1.00 54.74 ? 113 LEU A CA  1 
ATOM   613  C C   . LEU A 1 79  ? -16.750 13.410  -4.752  1.00 54.23 ? 113 LEU A C   1 
ATOM   614  O O   . LEU A 1 79  ? -16.174 13.199  -3.682  1.00 54.35 ? 113 LEU A O   1 
ATOM   615  C CB  . LEU A 1 79  ? -17.523 11.341  -5.926  1.00 56.09 ? 113 LEU A CB  1 
ATOM   616  C CG  . LEU A 1 79  ? -17.812 10.561  -7.215  1.00 58.72 ? 113 LEU A CG  1 
ATOM   617  C CD1 . LEU A 1 79  ? -16.533 10.002  -7.836  1.00 58.60 ? 113 LEU A CD1 1 
ATOM   618  C CD2 . LEU A 1 79  ? -18.810 9.443   -6.910  1.00 58.52 ? 113 LEU A CD2 1 
ATOM   619  N N   . PRO A 1 80  ? -17.603 14.438  -4.906  1.00 53.38 ? 114 PRO A N   1 
ATOM   620  C CA  . PRO A 1 80  ? -17.873 15.350  -3.790  1.00 50.84 ? 114 PRO A CA  1 
ATOM   621  C C   . PRO A 1 80  ? -18.206 14.584  -2.518  1.00 47.88 ? 114 PRO A C   1 
ATOM   622  O O   . PRO A 1 80  ? -17.741 14.935  -1.438  1.00 47.85 ? 114 PRO A O   1 
ATOM   623  C CB  . PRO A 1 80  ? -19.070 16.156  -4.288  1.00 52.43 ? 114 PRO A CB  1 
ATOM   624  C CG  . PRO A 1 80  ? -18.805 16.244  -5.767  1.00 53.67 ? 114 PRO A CG  1 
ATOM   625  C CD  . PRO A 1 80  ? -18.383 14.826  -6.101  1.00 54.43 ? 114 PRO A CD  1 
ATOM   626  N N   . ALA A 1 81  ? -18.938 13.487  -2.673  1.00 44.90 ? 115 ALA A N   1 
ATOM   627  C CA  . ALA A 1 81  ? -19.335 12.653  -1.542  1.00 43.55 ? 115 ALA A CA  1 
ATOM   628  C C   . ALA A 1 81  ? -18.180 11.871  -0.911  1.00 40.72 ? 115 ALA A C   1 
ATOM   629  O O   . ALA A 1 81  ? -18.254 11.489  0.252   1.00 38.17 ? 115 ALA A O   1 
ATOM   630  C CB  . ALA A 1 81  ? -20.443 11.693  -1.970  1.00 45.00 ? 115 ALA A CB  1 
ATOM   631  N N   . MET A 1 82  ? -17.118 11.653  -1.681  1.00 40.61 ? 116 MET A N   1 
ATOM   632  C CA  . MET A 1 82  ? -15.953 10.896  -1.230  1.00 40.12 ? 116 MET A CA  1 
ATOM   633  C C   . MET A 1 82  ? -14.671 11.725  -0.999  1.00 39.32 ? 116 MET A C   1 
ATOM   634  O O   . MET A 1 82  ? -13.617 11.175  -0.688  1.00 41.39 ? 116 MET A O   1 
ATOM   635  C CB  . MET A 1 82  ? -15.653 9.786   -2.250  1.00 40.50 ? 116 MET A CB  1 
ATOM   636  C CG  . MET A 1 82  ? -16.829 8.886   -2.610  1.00 42.17 ? 116 MET A CG  1 
ATOM   637  S SD  . MET A 1 82  ? -17.196 7.596   -1.395  1.00 47.43 ? 116 MET A SD  1 
ATOM   638  C CE  . MET A 1 82  ? -15.926 6.479   -1.763  1.00 48.72 ? 116 MET A CE  1 
ATOM   639  N N   . ALA A 1 83  ? -14.749 13.040  -1.130  1.00 38.46 ? 117 ALA A N   1 
ATOM   640  C CA  . ALA A 1 83  ? -13.575 13.890  -0.950  1.00 36.29 ? 117 ALA A CA  1 
ATOM   641  C C   . ALA A 1 83  ? -12.860 13.762  0.397   1.00 37.56 ? 117 ALA A C   1 
ATOM   642  O O   . ALA A 1 83  ? -11.636 13.596  0.451   1.00 33.47 ? 117 ALA A O   1 
ATOM   643  C CB  . ALA A 1 83  ? -13.951 15.340  -1.204  1.00 37.17 ? 117 ALA A CB  1 
ATOM   644  N N   . GLU A 1 84  ? -13.618 13.854  1.486   1.00 38.99 ? 118 GLU A N   1 
ATOM   645  C CA  . GLU A 1 84  ? -13.035 13.768  2.825   1.00 41.12 ? 118 GLU A CA  1 
ATOM   646  C C   . GLU A 1 84  ? -12.507 12.362  3.168   1.00 40.28 ? 118 GLU A C   1 
ATOM   647  O O   . GLU A 1 84  ? -11.588 12.212  3.987   1.00 37.59 ? 118 GLU A O   1 
ATOM   648  C CB  . GLU A 1 84  ? -14.039 14.283  3.871   1.00 44.10 ? 118 GLU A CB  1 
ATOM   649  C CG  . GLU A 1 84  ? -13.447 14.484  5.257   1.00 51.77 ? 118 GLU A CG  1 
ATOM   650  C CD  . GLU A 1 84  ? -14.245 15.462  6.120   1.00 56.56 ? 118 GLU A CD  1 
ATOM   651  O OE1 . GLU A 1 84  ? -13.941 16.675  6.061   1.00 59.16 ? 118 GLU A OE1 1 
ATOM   652  O OE2 . GLU A 1 84  ? -15.152 15.026  6.871   1.00 55.35 ? 118 GLU A OE2 1 
ATOM   653  N N   . ALA A 1 85  ? -13.063 11.345  2.506   1.00 38.02 ? 119 ALA A N   1 
ATOM   654  C CA  . ALA A 1 85  ? -12.657 9.958   2.711   1.00 35.63 ? 119 ALA A CA  1 
ATOM   655  C C   . ALA A 1 85  ? -11.369 9.686   1.940   1.00 34.95 ? 119 ALA A C   1 
ATOM   656  O O   . ALA A 1 85  ? -10.406 9.122   2.484   1.00 33.39 ? 119 ALA A O   1 
ATOM   657  C CB  . ALA A 1 85  ? -13.764 9.007   2.250   1.00 35.86 ? 119 ALA A CB  1 
ATOM   658  N N   . SER A 1 86  ? -11.336 10.140  0.694   1.00 32.48 ? 120 SER A N   1 
ATOM   659  C CA  . SER A 1 86  ? -10.176 9.962   -0.164  1.00 34.43 ? 120 SER A CA  1 
ATOM   660  C C   . SER A 1 86  ? -8.921  10.618  0.439   1.00 35.60 ? 120 SER A C   1 
ATOM   661  O O   . SER A 1 86  ? -7.816  10.065  0.392   1.00 35.77 ? 120 SER A O   1 
ATOM   662  C CB  . SER A 1 86  ? -10.485 10.530  -1.555  1.00 34.05 ? 120 SER A CB  1 
ATOM   663  O OG  . SER A 1 86  ? -11.673 9.952   -2.092  1.00 29.78 ? 120 SER A OG  1 
ATOM   664  N N   . ALA A 1 87  ? -9.105  11.786  1.037   1.00 36.08 ? 121 ALA A N   1 
ATOM   665  C CA  . ALA A 1 87  ? -8.006  12.513  1.665   1.00 37.99 ? 121 ALA A CA  1 
ATOM   666  C C   . ALA A 1 87  ? -7.447  11.734  2.861   1.00 37.66 ? 121 ALA A C   1 
ATOM   667  O O   . ALA A 1 87  ? -6.227  11.570  3.005   1.00 35.43 ? 121 ALA A O   1 
ATOM   668  C CB  . ALA A 1 87  ? -8.493  13.882  2.118   1.00 38.94 ? 121 ALA A CB  1 
ATOM   669  N N   . ASN A 1 88  ? -8.351  11.264  3.718   1.00 37.83 ? 122 ASN A N   1 
ATOM   670  C CA  . ASN A 1 88  ? -7.967  10.502  4.903   1.00 39.84 ? 122 ASN A CA  1 
ATOM   671  C C   . ASN A 1 88  ? -7.125  9.304   4.496   1.00 40.02 ? 122 ASN A C   1 
ATOM   672  O O   . ASN A 1 88  ? -6.150  8.966   5.174   1.00 41.00 ? 122 ASN A O   1 
ATOM   673  C CB  . ASN A 1 88  ? -9.196  10.038  5.689   1.00 37.16 ? 122 ASN A CB  1 
ATOM   674  C CG  . ASN A 1 88  ? -8.824  9.292   6.955   1.00 39.28 ? 122 ASN A CG  1 
ATOM   675  O OD1 . ASN A 1 88  ? -7.993  9.755   7.738   1.00 39.54 ? 122 ASN A OD1 1 
ATOM   676  N ND2 . ASN A 1 88  ? -9.438  8.134   7.166   1.00 34.98 ? 122 ASN A ND2 1 
ATOM   677  N N   . VAL A 1 89  ? -7.498  8.671   3.384   1.00 38.19 ? 123 VAL A N   1 
ATOM   678  C CA  . VAL A 1 89  ? -6.764  7.525   2.883   1.00 36.27 ? 123 VAL A CA  1 
ATOM   679  C C   . VAL A 1 89  ? -5.400  7.985   2.359   1.00 34.86 ? 123 VAL A C   1 
ATOM   680  O O   . VAL A 1 89  ? -4.366  7.441   2.770   1.00 34.20 ? 123 VAL A O   1 
ATOM   681  C CB  . VAL A 1 89  ? -7.559  6.777   1.796   1.00 39.24 ? 123 VAL A CB  1 
ATOM   682  C CG1 . VAL A 1 89  ? -6.696  5.721   1.127   1.00 42.70 ? 123 VAL A CG1 1 
ATOM   683  C CG2 . VAL A 1 89  ? -8.757  6.094   2.422   1.00 41.19 ? 123 VAL A CG2 1 
ATOM   684  N N   . ASP A 1 90  ? -5.391  9.029   1.527   1.00 31.39 ? 124 ASP A N   1 
ATOM   685  C CA  . ASP A 1 90  ? -4.149  9.580   0.965   1.00 27.53 ? 124 ASP A CA  1 
ATOM   686  C C   . ASP A 1 90  ? -3.093  9.819   2.052   1.00 26.67 ? 124 ASP A C   1 
ATOM   687  O O   . ASP A 1 90  ? -1.976  9.306   1.999   1.00 22.90 ? 124 ASP A O   1 
ATOM   688  C CB  . ASP A 1 90  ? -4.455  10.892  0.226   1.00 26.68 ? 124 ASP A CB  1 
ATOM   689  C CG  . ASP A 1 90  ? -3.207  11.559  -0.362  1.00 26.92 ? 124 ASP A CG  1 
ATOM   690  O OD1 . ASP A 1 90  ? -2.770  11.151  -1.454  1.00 27.26 ? 124 ASP A OD1 1 
ATOM   691  O OD2 . ASP A 1 90  ? -2.682  12.513  0.255   1.00 25.97 ? 124 ASP A OD2 1 
ATOM   692  N N   . GLU A 1 91  ? -3.488  10.557  3.073   1.00 25.09 ? 125 GLU A N   1 
ATOM   693  C CA  . GLU A 1 91  ? -2.597  10.888  4.166   1.00 28.22 ? 125 GLU A CA  1 
ATOM   694  C C   . GLU A 1 91  ? -2.016  9.628   4.813   1.00 28.43 ? 125 GLU A C   1 
ATOM   695  O O   . GLU A 1 91  ? -0.806  9.473   4.930   1.00 27.29 ? 125 GLU A O   1 
ATOM   696  C CB  . GLU A 1 91  ? -3.374  11.715  5.195   1.00 28.26 ? 125 GLU A CB  1 
ATOM   697  C CG  . GLU A 1 91  ? -2.620  12.060  6.451   1.00 31.26 ? 125 GLU A CG  1 
ATOM   698  C CD  . GLU A 1 91  ? -3.472  12.827  7.419   1.00 30.37 ? 125 GLU A CD  1 
ATOM   699  O OE1 . GLU A 1 91  ? -4.579  12.357  7.728   1.00 34.61 ? 125 GLU A OE1 1 
ATOM   700  O OE2 . GLU A 1 91  ? -3.045  13.903  7.860   1.00 32.24 ? 125 GLU A OE2 1 
ATOM   701  N N   . LYS A 1 92  ? -2.896  8.713   5.191   1.00 29.61 ? 126 LYS A N   1 
ATOM   702  C CA  . LYS A 1 92  ? -2.490  7.488   5.836   1.00 30.91 ? 126 LYS A CA  1 
ATOM   703  C C   . LYS A 1 92  ? -1.602  6.649   4.931   1.00 30.89 ? 126 LYS A C   1 
ATOM   704  O O   . LYS A 1 92  ? -0.785  5.859   5.417   1.00 30.46 ? 126 LYS A O   1 
ATOM   705  C CB  . LYS A 1 92  ? -3.722  6.716   6.313   1.00 29.01 ? 126 LYS A CB  1 
ATOM   706  C CG  . LYS A 1 92  ? -4.518  7.467   7.371   1.00 32.95 ? 126 LYS A CG  1 
ATOM   707  C CD  . LYS A 1 92  ? -3.598  8.028   8.462   1.00 34.47 ? 126 LYS A CD  1 
ATOM   708  C CE  . LYS A 1 92  ? -4.352  8.773   9.561   1.00 35.83 ? 126 LYS A CE  1 
ATOM   709  N NZ  . LYS A 1 92  ? -4.891  10.079  9.104   1.00 38.19 ? 126 LYS A NZ  1 
ATOM   710  N N   . TYR A 1 93  ? -1.739  6.845   3.622   1.00 28.74 ? 127 TYR A N   1 
ATOM   711  C CA  . TYR A 1 93  ? -0.927  6.105   2.668   1.00 28.80 ? 127 TYR A CA  1 
ATOM   712  C C   . TYR A 1 93  ? 0.476   6.692   2.644   1.00 31.76 ? 127 TYR A C   1 
ATOM   713  O O   . TYR A 1 93  ? 1.467   5.964   2.537   1.00 29.92 ? 127 TYR A O   1 
ATOM   714  C CB  . TYR A 1 93  ? -1.532  6.167   1.270   1.00 27.23 ? 127 TYR A CB  1 
ATOM   715  C CG  . TYR A 1 93  ? -0.588  5.680   0.195   1.00 25.92 ? 127 TYR A CG  1 
ATOM   716  C CD1 . TYR A 1 93  ? -0.518  4.332   -0.128  1.00 26.20 ? 127 TYR A CD1 1 
ATOM   717  C CD2 . TYR A 1 93  ? 0.258   6.568   -0.474  1.00 22.90 ? 127 TYR A CD2 1 
ATOM   718  C CE1 . TYR A 1 93  ? 0.382   3.869   -1.095  1.00 28.92 ? 127 TYR A CE1 1 
ATOM   719  C CE2 . TYR A 1 93  ? 1.160   6.121   -1.433  1.00 26.36 ? 127 TYR A CE2 1 
ATOM   720  C CZ  . TYR A 1 93  ? 1.219   4.764   -1.740  1.00 28.32 ? 127 TYR A CZ  1 
ATOM   721  O OH  . TYR A 1 93  ? 2.112   4.289   -2.674  1.00 25.75 ? 127 TYR A OH  1 
ATOM   722  N N   . GLN A 1 94  ? 0.548   8.019   2.734   1.00 35.57 ? 128 GLN A N   1 
ATOM   723  C CA  . GLN A 1 94  ? 1.824   8.732   2.714   1.00 35.60 ? 128 GLN A CA  1 
ATOM   724  C C   . GLN A 1 94  ? 2.762   8.205   3.789   1.00 34.47 ? 128 GLN A C   1 
ATOM   725  O O   . GLN A 1 94  ? 3.910   7.864   3.494   1.00 34.44 ? 128 GLN A O   1 
ATOM   726  C CB  . GLN A 1 94  ? 1.609   10.243  2.885   1.00 32.23 ? 128 GLN A CB  1 
ATOM   727  C CG  . GLN A 1 94  ? 0.964   10.911  1.697   1.00 33.85 ? 128 GLN A CG  1 
ATOM   728  C CD  . GLN A 1 94  ? 1.836   10.871  0.466   1.00 36.69 ? 128 GLN A CD  1 
ATOM   729  O OE1 . GLN A 1 94  ? 1.778   9.932   -0.330  1.00 37.02 ? 128 GLN A OE1 1 
ATOM   730  N NE2 . GLN A 1 94  ? 2.659   11.895  0.301   1.00 36.44 ? 128 GLN A NE2 1 
ATOM   731  N N   . ARG A 1 95  ? 2.249   8.117   5.017   1.00 32.21 ? 129 ARG A N   1 
ATOM   732  C CA  . ARG A 1 95  ? 3.012   7.629   6.159   1.00 31.93 ? 129 ARG A CA  1 
ATOM   733  C C   . ARG A 1 95  ? 3.513   6.201   5.949   1.00 31.48 ? 129 ARG A C   1 
ATOM   734  O O   . ARG A 1 95  ? 4.694   5.892   6.171   1.00 31.09 ? 129 ARG A O   1 
ATOM   735  C CB  . ARG A 1 95  ? 2.160   7.641   7.435   1.00 31.96 ? 129 ARG A CB  1 
ATOM   736  C CG  . ARG A 1 95  ? 1.604   8.982   7.847   1.00 39.91 ? 129 ARG A CG  1 
ATOM   737  C CD  . ARG A 1 95  ? 0.774   8.858   9.132   1.00 46.18 ? 129 ARG A CD  1 
ATOM   738  N NE  . ARG A 1 95  ? 1.605   8.797   10.342  1.00 51.23 ? 129 ARG A NE  1 
ATOM   739  C CZ  . ARG A 1 95  ? 1.136   8.681   11.588  1.00 52.45 ? 129 ARG A CZ  1 
ATOM   740  N NH1 . ARG A 1 95  ? -0.172  8.599   11.821  1.00 51.27 ? 129 ARG A NH1 1 
ATOM   741  N NH2 . ARG A 1 95  ? 1.987   8.640   12.609  1.00 50.73 ? 129 ARG A NH2 1 
ATOM   742  N N   . TYR A 1 96  ? 2.618   5.327   5.513   1.00 29.83 ? 130 TYR A N   1 
ATOM   743  C CA  . TYR A 1 96  ? 2.990   3.939   5.341   1.00 28.89 ? 130 TYR A CA  1 
ATOM   744  C C   . TYR A 1 96  ? 3.858   3.663   4.133   1.00 29.48 ? 130 TYR A C   1 
ATOM   745  O O   . TYR A 1 96  ? 4.726   2.796   4.193   1.00 33.46 ? 130 TYR A O   1 
ATOM   746  C CB  . TYR A 1 96  ? 1.758   3.044   5.363   1.00 30.17 ? 130 TYR A CB  1 
ATOM   747  C CG  . TYR A 1 96  ? 2.082   1.592   5.595   1.00 29.09 ? 130 TYR A CG  1 
ATOM   748  C CD1 . TYR A 1 96  ? 3.039   1.214   6.536   1.00 28.65 ? 130 TYR A CD1 1 
ATOM   749  C CD2 . TYR A 1 96  ? 1.453   0.598   4.855   1.00 28.74 ? 130 TYR A CD2 1 
ATOM   750  C CE1 . TYR A 1 96  ? 3.365   -0.123  6.731   1.00 27.61 ? 130 TYR A CE1 1 
ATOM   751  C CE2 . TYR A 1 96  ? 1.771   -0.748  5.044   1.00 28.30 ? 130 TYR A CE2 1 
ATOM   752  C CZ  . TYR A 1 96  ? 2.727   -1.094  5.983   1.00 26.28 ? 130 TYR A CZ  1 
ATOM   753  O OH  . TYR A 1 96  ? 3.030   -2.411  6.166   1.00 26.05 ? 130 TYR A OH  1 
ATOM   754  N N   . GLN A 1 97  ? 3.642   4.365   3.029   1.00 25.54 ? 131 GLN A N   1 
ATOM   755  C CA  . GLN A 1 97  ? 4.494   4.139   1.877   1.00 25.17 ? 131 GLN A CA  1 
ATOM   756  C C   . GLN A 1 97  ? 5.907   4.549   2.343   1.00 25.11 ? 131 GLN A C   1 
ATOM   757  O O   . GLN A 1 97  ? 6.867   3.795   2.173   1.00 22.07 ? 131 GLN A O   1 
ATOM   758  C CB  . GLN A 1 97  ? 4.047   4.981   0.671   1.00 25.39 ? 131 GLN A CB  1 
ATOM   759  C CG  . GLN A 1 97  ? 4.757   4.651   -0.660  1.00 26.14 ? 131 GLN A CG  1 
ATOM   760  C CD  . GLN A 1 97  ? 6.207   5.168   -0.774  1.00 28.19 ? 131 GLN A CD  1 
ATOM   761  O OE1 . GLN A 1 97  ? 7.120   4.410   -1.092  1.00 30.53 ? 131 GLN A OE1 1 
ATOM   762  N NE2 . GLN A 1 97  ? 6.402   6.463   -0.560  1.00 26.90 ? 131 GLN A NE2 1 
ATOM   763  N N   . ALA A 1 98  ? 6.003   5.699   3.010   1.00 20.96 ? 132 ALA A N   1 
ATOM   764  C CA  . ALA A 1 98  ? 7.282   6.195   3.503   1.00 22.75 ? 132 ALA A CA  1 
ATOM   765  C C   . ALA A 1 98  ? 7.947   5.190   4.446   1.00 22.92 ? 132 ALA A C   1 
ATOM   766  O O   . ALA A 1 98  ? 9.136   4.859   4.300   1.00 22.88 ? 132 ALA A O   1 
ATOM   767  C CB  . ALA A 1 98  ? 7.084   7.545   4.213   1.00 24.58 ? 132 ALA A CB  1 
ATOM   768  N N   . ALA A 1 99  ? 7.156   4.650   5.367   1.00 21.36 ? 133 ALA A N   1 
ATOM   769  C CA  . ALA A 1 99  ? 7.656   3.701   6.336   1.00 24.24 ? 133 ALA A CA  1 
ATOM   770  C C   . ALA A 1 99  ? 8.316   2.543   5.639   1.00 24.84 ? 133 ALA A C   1 
ATOM   771  O O   . ALA A 1 99  ? 9.402   2.126   6.028   1.00 20.05 ? 133 ALA A O   1 
ATOM   772  C CB  . ALA A 1 99  ? 6.538   3.203   7.232   1.00 22.00 ? 133 ALA A CB  1 
ATOM   773  N N   . LEU A 1 100 ? 7.700   2.068   4.569   1.00 24.37 ? 134 LEU A N   1 
ATOM   774  C CA  . LEU A 1 100 ? 8.250   0.930   3.859   1.00 23.98 ? 134 LEU A CA  1 
ATOM   775  C C   . LEU A 1 100 ? 9.456   1.301   3.012   1.00 24.82 ? 134 LEU A C   1 
ATOM   776  O O   . LEU A 1 100 ? 10.448  0.553   2.955   1.00 23.14 ? 134 LEU A O   1 
ATOM   777  C CB  . LEU A 1 100 ? 7.152   0.221   3.065   1.00 22.22 ? 134 LEU A CB  1 
ATOM   778  C CG  . LEU A 1 100 ? 6.073   -0.409  3.964   1.00 20.61 ? 134 LEU A CG  1 
ATOM   779  C CD1 . LEU A 1 100 ? 5.108   -1.190  3.146   1.00 19.78 ? 134 LEU A CD1 1 
ATOM   780  C CD2 . LEU A 1 100 ? 6.694   -1.344  4.988   1.00 24.92 ? 134 LEU A CD2 1 
ATOM   781  N N   . ALA A 1 101 ? 9.415   2.500   2.439   1.00 24.81 ? 135 ALA A N   1 
ATOM   782  C CA  . ALA A 1 101 ? 10.517  3.015   1.624   1.00 24.21 ? 135 ALA A CA  1 
ATOM   783  C C   . ALA A 1 101 ? 11.798  3.058   2.484   1.00 22.22 ? 135 ALA A C   1 
ATOM   784  O O   . ALA A 1 101 ? 12.891  2.723   2.016   1.00 22.16 ? 135 ALA A O   1 
ATOM   785  C CB  . ALA A 1 101 ? 10.174  4.400   1.104   1.00 20.51 ? 135 ALA A CB  1 
ATOM   786  N N   . GLU A 1 102 ? 11.645  3.445   3.752   1.00 22.22 ? 136 GLU A N   1 
ATOM   787  C CA  . GLU A 1 102 ? 12.757  3.488   4.717   1.00 21.61 ? 136 GLU A CA  1 
ATOM   788  C C   . GLU A 1 102 ? 13.240  2.097   5.203   1.00 22.60 ? 136 GLU A C   1 
ATOM   789  O O   . GLU A 1 102 ? 14.404  1.948   5.581   1.00 24.79 ? 136 GLU A O   1 
ATOM   790  C CB  . GLU A 1 102 ? 12.350  4.324   5.915   1.00 21.24 ? 136 GLU A CB  1 
ATOM   791  C CG  . GLU A 1 102 ? 12.136  5.760   5.561   1.00 21.78 ? 136 GLU A CG  1 
ATOM   792  C CD  . GLU A 1 102 ? 10.976  6.376   6.295   1.00 25.75 ? 136 GLU A CD  1 
ATOM   793  O OE1 . GLU A 1 102 ? 10.753  6.045   7.487   1.00 26.13 ? 136 GLU A OE1 1 
ATOM   794  O OE2 . GLU A 1 102 ? 10.297  7.214   5.668   1.00 20.60 ? 136 GLU A OE2 1 
ATOM   795  N N   . LEU A 1 103 ? 12.323  1.121   5.275   1.00 22.17 ? 137 LEU A N   1 
ATOM   796  C CA  . LEU A 1 103 ? 12.644  -0.258  5.679   1.00 21.54 ? 137 LEU A CA  1 
ATOM   797  C C   . LEU A 1 103 ? 13.492  -0.890  4.575   1.00 21.72 ? 137 LEU A C   1 
ATOM   798  O O   . LEU A 1 103 ? 14.344  -1.741  4.834   1.00 21.01 ? 137 LEU A O   1 
ATOM   799  C CB  . LEU A 1 103 ? 11.375  -1.085  5.911   1.00 22.46 ? 137 LEU A CB  1 
ATOM   800  C CG  . LEU A 1 103 ? 10.496  -0.693  7.108   1.00 20.65 ? 137 LEU A CG  1 
ATOM   801  C CD1 . LEU A 1 103 ? 9.287   -1.667  7.279   1.00 19.72 ? 137 LEU A CD1 1 
ATOM   802  C CD2 . LEU A 1 103 ? 11.342  -0.653  8.378   1.00 19.43 ? 137 LEU A CD2 1 
ATOM   803  N N   . ILE A 1 104 ? 13.269  -0.448  3.343   1.00 23.48 ? 138 ILE A N   1 
ATOM   804  C CA  . ILE A 1 104 ? 14.038  -0.916  2.202   1.00 26.36 ? 138 ILE A CA  1 
ATOM   805  C C   . ILE A 1 104 ? 15.441  -0.320  2.280   1.00 28.51 ? 138 ILE A C   1 
ATOM   806  O O   . ILE A 1 104 ? 16.438  -0.986  1.970   1.00 31.91 ? 138 ILE A O   1 
ATOM   807  C CB  . ILE A 1 104 ? 13.379  -0.472  0.900   1.00 28.48 ? 138 ILE A CB  1 
ATOM   808  C CG1 . ILE A 1 104 ? 11.985  -1.113  0.776   1.00 28.79 ? 138 ILE A CG1 1 
ATOM   809  C CG2 . ILE A 1 104 ? 14.297  -0.785  -0.293  1.00 29.96 ? 138 ILE A CG2 1 
ATOM   810  C CD1 . ILE A 1 104 ? 11.156  -0.644  -0.421  1.00 24.83 ? 138 ILE A CD1 1 
ATOM   811  N N   . GLN A 1 105 ? 15.519  0.943   2.698   1.00 32.19 ? 139 GLN A N   1 
ATOM   812  C CA  . GLN A 1 105 ? 16.807  1.635   2.839   1.00 31.59 ? 139 GLN A CA  1 
ATOM   813  C C   . GLN A 1 105 ? 17.587  0.924   3.923   1.00 29.88 ? 139 GLN A C   1 
ATOM   814  O O   . GLN A 1 105 ? 18.761  0.591   3.736   1.00 25.24 ? 139 GLN A O   1 
ATOM   815  C CB  . GLN A 1 105 ? 16.607  3.100   3.249   1.00 33.24 ? 139 GLN A CB  1 
ATOM   816  C CG  . GLN A 1 105 ? 17.901  3.928   3.276   1.00 41.71 ? 139 GLN A CG  1 
ATOM   817  C CD  . GLN A 1 105 ? 18.544  4.057   4.652   1.00 44.56 ? 139 GLN A CD  1 
ATOM   818  O OE1 . GLN A 1 105 ? 19.677  4.528   4.776   1.00 46.24 ? 139 GLN A OE1 1 
ATOM   819  N NE2 . GLN A 1 105 ? 17.824  3.659   5.688   1.00 46.58 ? 139 GLN A NE2 1 
ATOM   820  N N   . PHE A 1 106 ? 16.893  0.673   5.040   1.00 29.00 ? 140 PHE A N   1 
ATOM   821  C CA  . PHE A 1 106 ? 17.450  0.008   6.216   1.00 28.08 ? 140 PHE A CA  1 
ATOM   822  C C   . PHE A 1 106 ? 18.036  -1.343  5.864   1.00 25.67 ? 140 PHE A C   1 
ATOM   823  O O   . PHE A 1 106 ? 19.176  -1.624  6.205   1.00 26.65 ? 140 PHE A O   1 
ATOM   824  C CB  . PHE A 1 106 ? 16.405  -0.095  7.349   1.00 27.00 ? 140 PHE A CB  1 
ATOM   825  C CG  . PHE A 1 106 ? 16.073  1.246   8.010   1.00 28.54 ? 140 PHE A CG  1 
ATOM   826  C CD1 . PHE A 1 106 ? 16.973  2.316   7.960   1.00 28.14 ? 140 PHE A CD1 1 
ATOM   827  C CD2 . PHE A 1 106 ? 14.861  1.439   8.685   1.00 28.40 ? 140 PHE A CD2 1 
ATOM   828  C CE1 . PHE A 1 106 ? 16.677  3.544   8.564   1.00 22.53 ? 140 PHE A CE1 1 
ATOM   829  C CE2 . PHE A 1 106 ? 14.561  2.674   9.294   1.00 24.08 ? 140 PHE A CE2 1 
ATOM   830  C CZ  . PHE A 1 106 ? 15.471  3.719   9.226   1.00 22.55 ? 140 PHE A CZ  1 
ATOM   831  N N   . LEU A 1 107 ? 17.286  -2.145  5.125   1.00 26.45 ? 141 LEU A N   1 
ATOM   832  C CA  . LEU A 1 107 ? 17.751  -3.467  4.694   1.00 30.01 ? 141 LEU A CA  1 
ATOM   833  C C   . LEU A 1 107 ? 18.880  -3.396  3.673   1.00 27.54 ? 141 LEU A C   1 
ATOM   834  O O   . LEU A 1 107 ? 19.645  -4.339  3.540   1.00 28.50 ? 141 LEU A O   1 
ATOM   835  C CB  . LEU A 1 107 ? 16.599  -4.288  4.101   1.00 31.07 ? 141 LEU A CB  1 
ATOM   836  C CG  . LEU A 1 107 ? 15.961  -5.360  4.987   1.00 32.43 ? 141 LEU A CG  1 
ATOM   837  C CD1 . LEU A 1 107 ? 15.906  -4.918  6.429   1.00 30.57 ? 141 LEU A CD1 1 
ATOM   838  C CD2 . LEU A 1 107 ? 14.585  -5.705  4.446   1.00 31.64 ? 141 LEU A CD2 1 
ATOM   839  N N   . ASP A 1 108 ? 18.935  -2.316  2.906   1.00 30.06 ? 142 ASP A N   1 
ATOM   840  C CA  . ASP A 1 108 ? 19.997  -2.137  1.911   1.00 33.21 ? 142 ASP A CA  1 
ATOM   841  C C   . ASP A 1 108 ? 21.343  -1.878  2.574   1.00 33.79 ? 142 ASP A C   1 
ATOM   842  O O   . ASP A 1 108 ? 22.368  -2.402  2.138   1.00 35.44 ? 142 ASP A O   1 
ATOM   843  C CB  . ASP A 1 108 ? 19.699  -0.945  0.984   1.00 33.85 ? 142 ASP A CB  1 
ATOM   844  C CG  . ASP A 1 108 ? 19.119  -1.361  -0.350  1.00 35.93 ? 142 ASP A CG  1 
ATOM   845  O OD1 . ASP A 1 108 ? 19.602  -2.338  -0.956  1.00 36.08 ? 142 ASP A OD1 1 
ATOM   846  O OD2 . ASP A 1 108 ? 18.178  -0.691  -0.810  1.00 39.23 ? 142 ASP A OD2 1 
ATOM   847  N N   . ASN A 1 109 ? 21.336  -1.054  3.619   1.00 32.85 ? 143 ASN A N   1 
ATOM   848  C CA  . ASN A 1 109 ? 22.562  -0.681  4.317   1.00 31.34 ? 143 ASN A CA  1 
ATOM   849  C C   . ASN A 1 109 ? 22.859  -1.477  5.580   1.00 30.10 ? 143 ASN A C   1 
ATOM   850  O O   . ASN A 1 109 ? 23.720  -1.100  6.365   1.00 31.90 ? 143 ASN A O   1 
ATOM   851  C CB  . ASN A 1 109 ? 22.540  0.818   4.610   1.00 27.32 ? 143 ASN A CB  1 
ATOM   852  C CG  . ASN A 1 109 ? 22.356  1.653   3.348   1.00 29.89 ? 143 ASN A CG  1 
ATOM   853  O OD1 . ASN A 1 109 ? 22.883  1.325   2.284   1.00 29.72 ? 143 ASN A OD1 1 
ATOM   854  N ND2 . ASN A 1 109 ? 21.586  2.721   3.456   1.00 32.01 ? 143 ASN A ND2 1 
ATOM   855  N N   . GLY A 1 110 ? 22.158  -2.590  5.761   1.00 30.40 ? 144 GLY A N   1 
ATOM   856  C CA  . GLY A 1 110 ? 22.367  -3.430  6.924   1.00 29.80 ? 144 GLY A CA  1 
ATOM   857  C C   . GLY A 1 110 ? 21.954  -2.820  8.251   1.00 28.34 ? 144 GLY A C   1 
ATOM   858  O O   . GLY A 1 110 ? 22.339  -3.329  9.301   1.00 27.10 ? 144 GLY A O   1 
ATOM   859  N N   . ASN A 1 111 ? 21.158  -1.757  8.216   1.00 30.33 ? 145 ASN A N   1 
ATOM   860  C CA  . ASN A 1 111 ? 20.708  -1.086  9.441   1.00 32.49 ? 145 ASN A CA  1 
ATOM   861  C C   . ASN A 1 111 ? 19.622  -1.859  10.194  1.00 32.22 ? 145 ASN A C   1 
ATOM   862  O O   . ASN A 1 111 ? 18.502  -1.355  10.367  1.00 33.48 ? 145 ASN A O   1 
ATOM   863  C CB  . ASN A 1 111 ? 20.194  0.330   9.136   1.00 33.62 ? 145 ASN A CB  1 
ATOM   864  C CG  . ASN A 1 111 ? 21.298  1.293   8.778   1.00 33.39 ? 145 ASN A CG  1 
ATOM   865  O OD1 . ASN A 1 111 ? 22.278  1.428   9.504   1.00 37.76 ? 145 ASN A OD1 1 
ATOM   866  N ND2 . ASN A 1 111 ? 21.139  1.985   7.667   1.00 32.34 ? 145 ASN A ND2 1 
ATOM   867  N N   . MET A 1 112 ? 19.969  -3.040  10.700  1.00 29.24 ? 146 MET A N   1 
ATOM   868  C CA  . MET A 1 112 ? 19.006  -3.872  11.415  1.00 32.10 ? 146 MET A CA  1 
ATOM   869  C C   . MET A 1 112 ? 18.316  -3.195  12.597  1.00 29.79 ? 146 MET A C   1 
ATOM   870  O O   . MET A 1 112 ? 17.103  -3.296  12.749  1.00 26.05 ? 146 MET A O   1 
ATOM   871  C CB  . MET A 1 112 ? 19.646  -5.194  11.838  1.00 32.10 ? 146 MET A CB  1 
ATOM   872  C CG  . MET A 1 112 ? 18.979  -6.420  11.221  1.00 34.05 ? 146 MET A CG  1 
ATOM   873  S SD  . MET A 1 112 ? 18.754  -6.362  9.401   1.00 36.11 ? 146 MET A SD  1 
ATOM   874  C CE  . MET A 1 112 ? 20.452  -6.097  8.818   1.00 37.44 ? 146 MET A CE  1 
ATOM   875  N N   . ASP A 1 113 ? 19.085  -2.473  13.405  1.00 33.17 ? 147 ASP A N   1 
ATOM   876  C CA  . ASP A 1 113 ? 18.545  -1.761  14.572  1.00 35.88 ? 147 ASP A CA  1 
ATOM   877  C C   . ASP A 1 113 ? 17.423  -0.806  14.166  1.00 33.88 ? 147 ASP A C   1 
ATOM   878  O O   . ASP A 1 113 ? 16.335  -0.824  14.742  1.00 33.96 ? 147 ASP A O   1 
ATOM   879  C CB  . ASP A 1 113 ? 19.659  -0.968  15.278  1.00 39.72 ? 147 ASP A CB  1 
ATOM   880  C CG  . ASP A 1 113 ? 20.803  -1.850  15.744  1.00 42.65 ? 147 ASP A CG  1 
ATOM   881  O OD1 . ASP A 1 113 ? 20.654  -3.092  15.708  1.00 42.70 ? 147 ASP A OD1 1 
ATOM   882  O OD2 . ASP A 1 113 ? 21.855  -1.296  16.140  1.00 43.74 ? 147 ASP A OD2 1 
ATOM   883  N N   . ALA A 1 114 ? 17.713  0.031   13.174  1.00 32.64 ? 148 ALA A N   1 
ATOM   884  C CA  . ALA A 1 114 ? 16.755  0.994   12.656  1.00 29.73 ? 148 ALA A CA  1 
ATOM   885  C C   . ALA A 1 114 ? 15.525  0.235   12.178  1.00 27.87 ? 148 ALA A C   1 
ATOM   886  O O   . ALA A 1 114 ? 14.408  0.586   12.535  1.00 24.84 ? 148 ALA A O   1 
ATOM   887  C CB  . ALA A 1 114 ? 17.383  1.785   11.506  1.00 27.03 ? 148 ALA A CB  1 
ATOM   888  N N   . TYR A 1 115 ? 15.753  -0.844  11.426  1.00 27.64 ? 149 TYR A N   1 
ATOM   889  C CA  . TYR A 1 115 ? 14.682  -1.697  10.887  1.00 27.14 ? 149 TYR A CA  1 
ATOM   890  C C   . TYR A 1 115 ? 13.675  -2.147  11.955  1.00 26.04 ? 149 TYR A C   1 
ATOM   891  O O   . TYR A 1 115 ? 12.454  -1.958  11.814  1.00 21.94 ? 149 TYR A O   1 
ATOM   892  C CB  . TYR A 1 115 ? 15.293  -2.935  10.190  1.00 24.61 ? 149 TYR A CB  1 
ATOM   893  C CG  . TYR A 1 115 ? 14.275  -3.943  9.676   1.00 26.02 ? 149 TYR A CG  1 
ATOM   894  C CD1 . TYR A 1 115 ? 13.644  -3.765  8.445   1.00 26.77 ? 149 TYR A CD1 1 
ATOM   895  C CD2 . TYR A 1 115 ? 13.904  -5.054  10.445  1.00 25.08 ? 149 TYR A CD2 1 
ATOM   896  C CE1 . TYR A 1 115 ? 12.662  -4.659  7.995   1.00 23.79 ? 149 TYR A CE1 1 
ATOM   897  C CE2 . TYR A 1 115 ? 12.928  -5.943  10.005  1.00 23.80 ? 149 TYR A CE2 1 
ATOM   898  C CZ  . TYR A 1 115 ? 12.311  -5.738  8.779   1.00 22.92 ? 149 TYR A CZ  1 
ATOM   899  O OH  . TYR A 1 115 ? 11.342  -6.605  8.340   1.00 21.64 ? 149 TYR A OH  1 
ATOM   900  N N   . PHE A 1 116 ? 14.193  -2.755  13.015  1.00 25.52 ? 150 PHE A N   1 
ATOM   901  C CA  . PHE A 1 116 ? 13.352  -3.266  14.086  1.00 24.44 ? 150 PHE A CA  1 
ATOM   902  C C   . PHE A 1 116 ? 12.853  -2.207  15.090  1.00 27.69 ? 150 PHE A C   1 
ATOM   903  O O   . PHE A 1 116 ? 12.119  -2.528  16.030  1.00 31.87 ? 150 PHE A O   1 
ATOM   904  C CB  . PHE A 1 116 ? 14.070  -4.420  14.798  1.00 23.60 ? 150 PHE A CB  1 
ATOM   905  C CG  . PHE A 1 116 ? 14.171  -5.688  13.977  1.00 23.95 ? 150 PHE A CG  1 
ATOM   906  C CD1 . PHE A 1 116 ? 13.080  -6.533  13.840  1.00 24.71 ? 150 PHE A CD1 1 
ATOM   907  C CD2 . PHE A 1 116 ? 15.383  -6.090  13.433  1.00 23.33 ? 150 PHE A CD2 1 
ATOM   908  C CE1 . PHE A 1 116 ? 13.197  -7.760  13.181  1.00 21.38 ? 150 PHE A CE1 1 
ATOM   909  C CE2 . PHE A 1 116 ? 15.511  -7.324  12.769  1.00 20.42 ? 150 PHE A CE2 1 
ATOM   910  C CZ  . PHE A 1 116 ? 14.419  -8.158  12.650  1.00 21.23 ? 150 PHE A CZ  1 
ATOM   911  N N   . ALA A 1 117 ? 13.238  -0.946  14.895  1.00 28.05 ? 151 ALA A N   1 
ATOM   912  C CA  . ALA A 1 117 ? 12.801  0.129   15.794  1.00 29.07 ? 151 ALA A CA  1 
ATOM   913  C C   . ALA A 1 117 ? 11.607  0.908   15.243  1.00 29.50 ? 151 ALA A C   1 
ATOM   914  O O   . ALA A 1 117 ? 10.782  1.413   16.003  1.00 29.42 ? 151 ALA A O   1 
ATOM   915  C CB  . ALA A 1 117 ? 13.952  1.084   16.096  1.00 27.94 ? 151 ALA A CB  1 
ATOM   916  N N   . GLN A 1 118 ? 11.514  1.026   13.927  1.00 30.40 ? 152 GLN A N   1 
ATOM   917  C CA  . GLN A 1 118 ? 10.392  1.756   13.349  1.00 32.62 ? 152 GLN A CA  1 
ATOM   918  C C   . GLN A 1 118 ? 9.102   1.024   13.697  1.00 32.38 ? 152 GLN A C   1 
ATOM   919  O O   . GLN A 1 118 ? 9.035   -0.201  13.599  1.00 32.34 ? 152 GLN A O   1 
ATOM   920  C CB  . GLN A 1 118 ? 10.510  1.866   11.827  1.00 31.46 ? 152 GLN A CB  1 
ATOM   921  C CG  . GLN A 1 118 ? 9.454   2.783   11.199  1.00 29.26 ? 152 GLN A CG  1 
ATOM   922  C CD  . GLN A 1 118 ? 9.355   2.600   9.715   1.00 31.62 ? 152 GLN A CD  1 
ATOM   923  O OE1 . GLN A 1 118 ? 8.553   1.797   9.240   1.00 29.05 ? 152 GLN A OE1 1 
ATOM   924  N NE2 . GLN A 1 118 ? 10.183  3.319   8.964   1.00 30.81 ? 152 GLN A NE2 1 
ATOM   925  N N   . PRO A 1 119 ? 8.091   1.759   14.185  1.00 31.03 ? 153 PRO A N   1 
ATOM   926  C CA  . PRO A 1 119 ? 6.815   1.143   14.540  1.00 29.75 ? 153 PRO A CA  1 
ATOM   927  C C   . PRO A 1 119 ? 5.914   1.040   13.301  1.00 30.13 ? 153 PRO A C   1 
ATOM   928  O O   . PRO A 1 119 ? 4.876   1.704   13.195  1.00 29.77 ? 153 PRO A O   1 
ATOM   929  C CB  . PRO A 1 119 ? 6.276   2.084   15.610  1.00 30.54 ? 153 PRO A CB  1 
ATOM   930  C CG  . PRO A 1 119 ? 6.799   3.422   15.160  1.00 31.13 ? 153 PRO A CG  1 
ATOM   931  C CD  . PRO A 1 119 ? 8.182   3.145   14.684  1.00 30.43 ? 153 PRO A CD  1 
ATOM   932  N N   . THR A 1 120 ? 6.309   0.156   12.388  1.00 29.30 ? 154 THR A N   1 
ATOM   933  C CA  . THR A 1 120 ? 5.606   -0.069  11.132  1.00 26.47 ? 154 THR A CA  1 
ATOM   934  C C   . THR A 1 120 ? 4.150   -0.441  11.326  1.00 24.74 ? 154 THR A C   1 
ATOM   935  O O   . THR A 1 120 ? 3.293   0.085   10.641  1.00 25.33 ? 154 THR A O   1 
ATOM   936  C CB  . THR A 1 120 ? 6.273   -1.178  10.292  1.00 25.55 ? 154 THR A CB  1 
ATOM   937  O OG1 . THR A 1 120 ? 7.696   -1.123  10.441  1.00 23.82 ? 154 THR A OG1 1 
ATOM   938  C CG2 . THR A 1 120 ? 5.956   -0.973  8.833   1.00 28.57 ? 154 THR A CG2 1 
ATOM   939  N N   . GLN A 1 121 ? 3.859   -1.315  12.285  1.00 24.30 ? 155 GLN A N   1 
ATOM   940  C CA  . GLN A 1 121 ? 2.481   -1.732  12.507  1.00 23.81 ? 155 GLN A CA  1 
ATOM   941  C C   . GLN A 1 121 ? 1.438   -0.628  12.637  1.00 24.53 ? 155 GLN A C   1 
ATOM   942  O O   . GLN A 1 121 ? 0.417   -0.675  11.958  1.00 26.60 ? 155 GLN A O   1 
ATOM   943  C CB  . GLN A 1 121 ? 2.370   -2.672  13.694  1.00 23.20 ? 155 GLN A CB  1 
ATOM   944  C CG  . GLN A 1 121 ? 1.025   -3.362  13.761  1.00 26.22 ? 155 GLN A CG  1 
ATOM   945  C CD  . GLN A 1 121 ? 0.853   -4.410  12.689  1.00 24.36 ? 155 GLN A CD  1 
ATOM   946  O OE1 . GLN A 1 121 ? 1.032   -5.584  12.949  1.00 29.76 ? 155 GLN A OE1 1 
ATOM   947  N NE2 . GLN A 1 121 ? 0.508   -3.996  11.483  1.00 25.66 ? 155 GLN A NE2 1 
ATOM   948  N N   . GLY A 1 122 ? 1.672   0.340   13.515  1.00 24.95 ? 156 GLY A N   1 
ATOM   949  C CA  . GLY A 1 122 ? 0.729   1.436   13.711  1.00 23.13 ? 156 GLY A CA  1 
ATOM   950  C C   . GLY A 1 122 ? 0.346   2.162   12.430  1.00 25.01 ? 156 GLY A C   1 
ATOM   951  O O   . GLY A 1 122 ? -0.815  2.556   12.242  1.00 23.43 ? 156 GLY A O   1 
ATOM   952  N N   . MET A 1 123 ? 1.317   2.316   11.535  1.00 23.12 ? 157 MET A N   1 
ATOM   953  C CA  . MET A 1 123 ? 1.108   2.975   10.251  1.00 22.56 ? 157 MET A CA  1 
ATOM   954  C C   . MET A 1 123 ? 0.361   2.073   9.255   1.00 22.97 ? 157 MET A C   1 
ATOM   955  O O   . MET A 1 123 ? -0.292  2.554   8.328   1.00 22.27 ? 157 MET A O   1 
ATOM   956  C CB  . MET A 1 123 ? 2.452   3.439   9.662   1.00 25.08 ? 157 MET A CB  1 
ATOM   957  C CG  . MET A 1 123 ? 3.012   4.721   10.333  1.00 27.49 ? 157 MET A CG  1 
ATOM   958  S SD  . MET A 1 123 ? 4.654   5.220   9.779   1.00 31.90 ? 157 MET A SD  1 
ATOM   959  C CE  . MET A 1 123 ? 5.633   4.561   11.073  1.00 27.57 ? 157 MET A CE  1 
ATOM   960  N N   . GLN A 1 124 ? 0.477   0.763   9.430   1.00 22.92 ? 158 GLN A N   1 
ATOM   961  C CA  . GLN A 1 124 ? -0.214  -0.163  8.557   1.00 23.41 ? 158 GLN A CA  1 
ATOM   962  C C   . GLN A 1 124 ? -1.664  -0.158  9.001   1.00 26.48 ? 158 GLN A C   1 
ATOM   963  O O   . GLN A 1 124 ? -2.580  -0.063  8.185   1.00 27.78 ? 158 GLN A O   1 
ATOM   964  C CB  . GLN A 1 124 ? 0.343   -1.566  8.698   1.00 25.77 ? 158 GLN A CB  1 
ATOM   965  C CG  . GLN A 1 124 ? -0.506  -2.589  7.948   1.00 29.49 ? 158 GLN A CG  1 
ATOM   966  C CD  . GLN A 1 124 ? 0.034   -3.994  7.980   1.00 29.67 ? 158 GLN A CD  1 
ATOM   967  O OE1 . GLN A 1 124 ? -0.708  -4.939  8.245   1.00 33.33 ? 158 GLN A OE1 1 
ATOM   968  N NE2 . GLN A 1 124 ? 1.316   -4.151  7.676   1.00 26.66 ? 158 GLN A NE2 1 
ATOM   969  N N   . ASN A 1 125 ? -1.858  -0.293  10.311  1.00 27.41 ? 159 ASN A N   1 
ATOM   970  C CA  . ASN A 1 125 ? -3.176  -0.295  10.938  1.00 27.52 ? 159 ASN A CA  1 
ATOM   971  C C   . ASN A 1 125 ? -3.916  1.019   10.647  1.00 27.21 ? 159 ASN A C   1 
ATOM   972  O O   . ASN A 1 125 ? -5.109  1.029   10.361  1.00 26.39 ? 159 ASN A O   1 
ATOM   973  C CB  . ASN A 1 125 ? -3.032  -0.484  12.461  1.00 29.29 ? 159 ASN A CB  1 
ATOM   974  C CG  . ASN A 1 125 ? -2.691  -1.923  12.863  1.00 25.83 ? 159 ASN A CG  1 
ATOM   975  O OD1 . ASN A 1 125 ? -3.075  -2.889  12.196  1.00 24.63 ? 159 ASN A OD1 1 
ATOM   976  N ND2 . ASN A 1 125 ? -2.001  -2.064  13.983  1.00 25.24 ? 159 ASN A ND2 1 
ATOM   977  N N   . ALA A 1 126 ? -3.196  2.128   10.717  1.00 26.37 ? 160 ALA A N   1 
ATOM   978  C CA  . ALA A 1 126 ? -3.781  3.426   10.438  1.00 27.55 ? 160 ALA A CA  1 
ATOM   979  C C   . ALA A 1 126 ? -4.335  3.483   9.009   1.00 28.66 ? 160 ALA A C   1 
ATOM   980  O O   . ALA A 1 126 ? -5.336  4.149   8.750   1.00 30.10 ? 160 ALA A O   1 
ATOM   981  C CB  . ALA A 1 126 ? -2.743  4.507   10.635  1.00 27.49 ? 160 ALA A CB  1 
ATOM   982  N N   . LEU A 1 127 ? -3.679  2.788   8.084   1.00 29.13 ? 161 LEU A N   1 
ATOM   983  C CA  . LEU A 1 127 ? -4.095  2.769   6.689   1.00 26.98 ? 161 LEU A CA  1 
ATOM   984  C C   . LEU A 1 127 ? -5.264  1.819   6.469   1.00 29.24 ? 161 LEU A C   1 
ATOM   985  O O   . LEU A 1 127 ? -6.193  2.144   5.732   1.00 32.87 ? 161 LEU A O   1 
ATOM   986  C CB  . LEU A 1 127 ? -2.927  2.359   5.808   1.00 28.52 ? 161 LEU A CB  1 
ATOM   987  C CG  . LEU A 1 127 ? -2.595  3.183   4.564   1.00 28.93 ? 161 LEU A CG  1 
ATOM   988  C CD1 . LEU A 1 127 ? -1.518  2.406   3.808   1.00 31.12 ? 161 LEU A CD1 1 
ATOM   989  C CD2 . LEU A 1 127 ? -3.814  3.428   3.676   1.00 24.76 ? 161 LEU A CD2 1 
ATOM   990  N N   . GLY A 1 128 ? -5.213  0.637   7.083   1.00 27.82 ? 162 GLY A N   1 
ATOM   991  C CA  . GLY A 1 128 ? -6.292  -0.327  6.951   1.00 26.78 ? 162 GLY A CA  1 
ATOM   992  C C   . GLY A 1 128 ? -7.586  0.310   7.407   1.00 28.70 ? 162 GLY A C   1 
ATOM   993  O O   . GLY A 1 128 ? -8.580  0.266   6.685   1.00 30.07 ? 162 GLY A O   1 
ATOM   994  N N   . GLU A 1 129 ? -7.540  0.960   8.571   1.00 28.89 ? 163 GLU A N   1 
ATOM   995  C CA  . GLU A 1 129 ? -8.678  1.653   9.178   1.00 30.10 ? 163 GLU A CA  1 
ATOM   996  C C   . GLU A 1 129 ? -9.296  2.658   8.203   1.00 30.68 ? 163 GLU A C   1 
ATOM   997  O O   . GLU A 1 129 ? -10.521 2.653   7.982   1.00 31.27 ? 163 GLU A O   1 
ATOM   998  C CB  . GLU A 1 129 ? -8.225  2.395   10.436  1.00 30.18 ? 163 GLU A CB  1 
ATOM   999  C CG  . GLU A 1 129 ? -9.232  2.401   11.580  1.00 35.70 ? 163 GLU A CG  1 
ATOM   1000 C CD  . GLU A 1 129 ? -9.007  1.268   12.585  1.00 39.30 ? 163 GLU A CD  1 
ATOM   1001 O OE1 . GLU A 1 129 ? -7.905  1.185   13.164  1.00 42.09 ? 163 GLU A OE1 1 
ATOM   1002 O OE2 . GLU A 1 129 ? -9.934  0.463   12.823  1.00 42.77 ? 163 GLU A OE2 1 
ATOM   1003 N N   . ALA A 1 130 ? -8.454  3.525   7.631   1.00 29.20 ? 164 ALA A N   1 
ATOM   1004 C CA  . ALA A 1 130 ? -8.903  4.526   6.657   1.00 27.49 ? 164 ALA A CA  1 
ATOM   1005 C C   . ALA A 1 130 ? -9.497  3.837   5.424   1.00 24.57 ? 164 ALA A C   1 
ATOM   1006 O O   . ALA A 1 130 ? -10.398 4.362   4.780   1.00 25.23 ? 164 ALA A O   1 
ATOM   1007 C CB  . ALA A 1 130 ? -7.749  5.436   6.251   1.00 22.58 ? 164 ALA A CB  1 
ATOM   1008 N N   . LEU A 1 131 ? -8.987  2.656   5.104   1.00 24.39 ? 165 LEU A N   1 
ATOM   1009 C CA  . LEU A 1 131 ? -9.469  1.867   3.972   1.00 23.35 ? 165 LEU A CA  1 
ATOM   1010 C C   . LEU A 1 131 ? -10.879 1.328   4.252   1.00 23.33 ? 165 LEU A C   1 
ATOM   1011 O O   . LEU A 1 131 ? -11.770 1.401   3.405   1.00 20.26 ? 165 LEU A O   1 
ATOM   1012 C CB  . LEU A 1 131 ? -8.506  0.710   3.717   1.00 23.76 ? 165 LEU A CB  1 
ATOM   1013 C CG  . LEU A 1 131 ? -7.428  0.925   2.670   1.00 21.66 ? 165 LEU A CG  1 
ATOM   1014 C CD1 . LEU A 1 131 ? -6.974  2.371   2.702   1.00 25.74 ? 165 LEU A CD1 1 
ATOM   1015 C CD2 . LEU A 1 131 ? -6.263  -0.051  2.899   1.00 20.73 ? 165 LEU A CD2 1 
ATOM   1016 N N   . GLY A 1 132 ? -11.073 0.786   5.449   1.00 26.08 ? 166 GLY A N   1 
ATOM   1017 C CA  . GLY A 1 132 ? -12.377 0.275   5.833   1.00 28.29 ? 166 GLY A CA  1 
ATOM   1018 C C   . GLY A 1 132 ? -13.422 1.378   5.748   1.00 29.60 ? 166 GLY A C   1 
ATOM   1019 O O   . GLY A 1 132 ? -14.564 1.112   5.402   1.00 29.89 ? 166 GLY A O   1 
ATOM   1020 N N   . ASN A 1 133 ? -13.042 2.605   6.111   1.00 29.79 ? 167 ASN A N   1 
ATOM   1021 C CA  . ASN A 1 133 ? -13.947 3.747   6.027   1.00 29.94 ? 167 ASN A CA  1 
ATOM   1022 C C   . ASN A 1 133 ? -14.270 4.021   4.562   1.00 29.55 ? 167 ASN A C   1 
ATOM   1023 O O   . ASN A 1 133 ? -15.419 3.912   4.150   1.00 31.48 ? 167 ASN A O   1 
ATOM   1024 C CB  . ASN A 1 133 ? -13.334 5.003   6.653   1.00 30.65 ? 167 ASN A CB  1 
ATOM   1025 C CG  . ASN A 1 133 ? -14.166 6.257   6.375   1.00 36.82 ? 167 ASN A CG  1 
ATOM   1026 O OD1 . ASN A 1 133 ? -13.809 7.076   5.530   1.00 35.94 ? 167 ASN A OD1 1 
ATOM   1027 N ND2 . ASN A 1 133 ? -15.286 6.399   7.072   1.00 38.36 ? 167 ASN A ND2 1 
ATOM   1028 N N   . TYR A 1 134 ? -13.257 4.345   3.768   1.00 28.10 ? 168 TYR A N   1 
ATOM   1029 C CA  . TYR A 1 134 ? -13.456 4.620   2.348   1.00 28.97 ? 168 TYR A CA  1 
ATOM   1030 C C   . TYR A 1 134 ? -14.400 3.579   1.735   1.00 32.70 ? 168 TYR A C   1 
ATOM   1031 O O   . TYR A 1 134 ? -15.376 3.934   1.086   1.00 32.55 ? 168 TYR A O   1 
ATOM   1032 C CB  . TYR A 1 134 ? -12.106 4.595   1.636   1.00 27.90 ? 168 TYR A CB  1 
ATOM   1033 C CG  . TYR A 1 134 ? -12.164 4.819   0.145   1.00 26.74 ? 168 TYR A CG  1 
ATOM   1034 C CD1 . TYR A 1 134 ? -12.291 3.750   -0.739  1.00 27.62 ? 168 TYR A CD1 1 
ATOM   1035 C CD2 . TYR A 1 134 ? -12.064 6.091   -0.378  1.00 26.06 ? 168 TYR A CD2 1 
ATOM   1036 C CE1 . TYR A 1 134 ? -12.321 3.952   -2.111  1.00 31.35 ? 168 TYR A CE1 1 
ATOM   1037 C CE2 . TYR A 1 134 ? -12.090 6.304   -1.744  1.00 33.20 ? 168 TYR A CE2 1 
ATOM   1038 C CZ  . TYR A 1 134 ? -12.226 5.231   -2.608  1.00 33.99 ? 168 TYR A CZ  1 
ATOM   1039 O OH  . TYR A 1 134 ? -12.336 5.465   -3.960  1.00 35.92 ? 168 TYR A OH  1 
ATOM   1040 N N   . ALA A 1 135 ? -14.144 2.301   2.013   1.00 35.37 ? 169 ALA A N   1 
ATOM   1041 C CA  . ALA A 1 135 ? -14.968 1.210   1.496   1.00 37.32 ? 169 ALA A CA  1 
ATOM   1042 C C   . ALA A 1 135 ? -16.428 1.362   1.932   1.00 37.83 ? 169 ALA A C   1 
ATOM   1043 O O   . ALA A 1 135 ? -17.336 1.312   1.106   1.00 33.60 ? 169 ALA A O   1 
ATOM   1044 C CB  . ALA A 1 135 ? -14.403 -0.138  1.953   1.00 37.27 ? 169 ALA A CB  1 
ATOM   1045 N N   . ARG A 1 136 ? -16.637 1.528   3.235   1.00 42.54 ? 170 ARG A N   1 
ATOM   1046 C CA  . ARG A 1 136 ? -17.967 1.707   3.811   1.00 45.04 ? 170 ARG A CA  1 
ATOM   1047 C C   . ARG A 1 136 ? -18.680 2.811   3.035   1.00 47.33 ? 170 ARG A C   1 
ATOM   1048 O O   . ARG A 1 136 ? -19.679 2.555   2.367   1.00 48.42 ? 170 ARG A O   1 
ATOM   1049 C CB  . ARG A 1 136 ? -17.837 2.074   5.295   1.00 46.19 ? 170 ARG A CB  1 
ATOM   1050 C CG  . ARG A 1 136 ? -18.831 3.094   5.817   1.00 50.20 ? 170 ARG A CG  1 
ATOM   1051 C CD  . ARG A 1 136 ? -18.629 3.343   7.310   1.00 56.13 ? 170 ARG A CD  1 
ATOM   1052 N NE  . ARG A 1 136 ? -19.422 4.471   7.812   1.00 61.83 ? 170 ARG A NE  1 
ATOM   1053 C CZ  . ARG A 1 136 ? -19.849 4.599   9.070   1.00 63.62 ? 170 ARG A CZ  1 
ATOM   1054 N NH1 . ARG A 1 136 ? -19.610 3.649   9.969   1.00 65.20 ? 170 ARG A NH1 1 
ATOM   1055 N NH2 . ARG A 1 136 ? -20.551 5.666   9.424   1.00 63.11 ? 170 ARG A NH2 1 
ATOM   1056 N N   . VAL A 1 137 ? -18.088 4.005   3.053   1.00 49.88 ? 171 VAL A N   1 
ATOM   1057 C CA  . VAL A 1 137 ? -18.610 5.190   2.364   1.00 50.69 ? 171 VAL A CA  1 
ATOM   1058 C C   . VAL A 1 137 ? -18.857 4.914   0.882   1.00 50.56 ? 171 VAL A C   1 
ATOM   1059 O O   . VAL A 1 137 ? -19.843 5.380   0.311   1.00 47.41 ? 171 VAL A O   1 
ATOM   1060 C CB  . VAL A 1 137 ? -17.601 6.373   2.461   1.00 52.32 ? 171 VAL A CB  1 
ATOM   1061 C CG1 . VAL A 1 137 ? -18.170 7.617   1.792   1.00 54.24 ? 171 VAL A CG1 1 
ATOM   1062 C CG2 . VAL A 1 137 ? -17.246 6.667   3.917   1.00 52.01 ? 171 VAL A CG2 1 
ATOM   1063 N N   . SER A 1 138 ? -17.957 4.136   0.285   1.00 52.85 ? 172 SER A N   1 
ATOM   1064 C CA  . SER A 1 138 ? -18.003 3.782   -1.129  1.00 55.02 ? 172 SER A CA  1 
ATOM   1065 C C   . SER A 1 138 ? -19.126 2.807   -1.483  1.00 58.07 ? 172 SER A C   1 
ATOM   1066 O O   . SER A 1 138 ? -19.855 3.016   -2.463  1.00 58.24 ? 172 SER A O   1 
ATOM   1067 C CB  . SER A 1 138 ? -16.650 3.210   -1.556  1.00 52.92 ? 172 SER A CB  1 
ATOM   1068 O OG  . SER A 1 138 ? -16.449 3.361   -2.951  1.00 54.03 ? 172 SER A OG  1 
ATOM   1069 N N   . GLU A 1 139 ? -19.274 1.744   -0.694  1.00 60.25 ? 173 GLU A N   1 
ATOM   1070 C CA  . GLU A 1 139 ? -20.319 0.760   -0.945  1.00 61.45 ? 173 GLU A CA  1 
ATOM   1071 C C   . GLU A 1 139 ? -21.658 1.472   -0.736  1.00 62.22 ? 173 GLU A C   1 
ATOM   1072 O O   . GLU A 1 139 ? -22.547 1.403   -1.592  1.00 63.55 ? 173 GLU A O   1 
ATOM   1073 C CB  . GLU A 1 139 ? -20.184 -0.438  0.007   1.00 61.30 ? 173 GLU A CB  1 
ATOM   1074 C CG  . GLU A 1 139 ? -20.941 -1.687  -0.459  1.00 61.21 ? 173 GLU A CG  1 
ATOM   1075 C CD  . GLU A 1 139 ? -20.963 -2.818  0.567   1.00 61.27 ? 173 GLU A CD  1 
ATOM   1076 O OE1 . GLU A 1 139 ? -20.060 -2.866  1.427   1.00 61.60 ? 173 GLU A OE1 1 
ATOM   1077 O OE2 . GLU A 1 139 ? -21.887 -3.665  0.508   1.00 58.67 ? 173 GLU A OE2 1 
ATOM   1078 N N   . ASN A 1 140 ? -21.761 2.213   0.368   1.00 60.87 ? 174 ASN A N   1 
ATOM   1079 C CA  . ASN A 1 140 ? -22.967 2.959   0.695   1.00 61.62 ? 174 ASN A CA  1 
ATOM   1080 C C   . ASN A 1 140 ? -23.503 3.650   -0.549  1.00 63.28 ? 174 ASN A C   1 
ATOM   1081 O O   . ASN A 1 140 ? -24.697 3.584   -0.834  1.00 64.28 ? 174 ASN A O   1 
ATOM   1082 C CB  . ASN A 1 140 ? -22.685 4.025   1.763   1.00 60.52 ? 174 ASN A CB  1 
ATOM   1083 C CG  . ASN A 1 140 ? -22.424 3.438   3.146   1.00 61.74 ? 174 ASN A CG  1 
ATOM   1084 O OD1 . ASN A 1 140 ? -21.533 3.895   3.859   1.00 63.79 ? 174 ASN A OD1 1 
ATOM   1085 N ND2 . ASN A 1 140 ? -23.223 2.458   3.548   1.00 61.73 ? 174 ASN A ND2 1 
ATOM   1086 N N   . LEU A 1 141 ? -22.600 4.265   -1.310  1.00 65.16 ? 175 LEU A N   1 
ATOM   1087 C CA  . LEU A 1 141 ? -22.948 4.992   -2.530  1.00 65.33 ? 175 LEU A CA  1 
ATOM   1088 C C   . LEU A 1 141 ? -23.953 4.248   -3.392  1.00 66.76 ? 175 LEU A C   1 
ATOM   1089 O O   . LEU A 1 141 ? -25.101 4.690   -3.504  1.00 65.79 ? 175 LEU A O   1 
ATOM   1090 C CB  . LEU A 1 141 ? -21.692 5.318   -3.337  1.00 65.30 ? 175 LEU A CB  1 
ATOM   1091 C CG  . LEU A 1 141 ? -21.149 6.753   -3.327  1.00 65.59 ? 175 LEU A CG  1 
ATOM   1092 C CD1 . LEU A 1 141 ? -22.072 7.647   -4.136  1.00 66.56 ? 175 LEU A CD1 1 
ATOM   1093 C CD2 . LEU A 1 141 ? -20.986 7.272   -1.910  1.00 63.28 ? 175 LEU A CD2 1 
ATOM   1094 N N   . TYR A 1 142 ? -23.549 3.103   -3.950  1.00 68.05 ? 176 TYR A N   1 
ATOM   1095 C CA  . TYR A 1 142 ? -24.440 2.308   -4.797  1.00 70.33 ? 176 TYR A CA  1 
ATOM   1096 C C   . TYR A 1 142 ? -25.763 1.988   -4.095  1.00 70.46 ? 176 TYR A C   1 
ATOM   1097 O O   . TYR A 1 142 ? -26.831 2.050   -4.709  1.00 70.08 ? 176 TYR A O   1 
ATOM   1098 C CB  . TYR A 1 142 ? -23.762 1.017   -5.264  1.00 71.70 ? 176 TYR A CB  1 
ATOM   1099 C CG  . TYR A 1 142 ? -24.711 0.020   -5.913  1.00 74.57 ? 176 TYR A CG  1 
ATOM   1100 C CD1 . TYR A 1 142 ? -25.631 0.421   -6.886  1.00 74.59 ? 176 TYR A CD1 1 
ATOM   1101 C CD2 . TYR A 1 142 ? -24.730 -1.316  -5.505  1.00 75.59 ? 176 TYR A CD2 1 
ATOM   1102 C CE1 . TYR A 1 142 ? -26.548 -0.482  -7.428  1.00 76.07 ? 176 TYR A CE1 1 
ATOM   1103 C CE2 . TYR A 1 142 ? -25.642 -2.224  -6.042  1.00 76.23 ? 176 TYR A CE2 1 
ATOM   1104 C CZ  . TYR A 1 142 ? -26.548 -1.801  -6.997  1.00 76.36 ? 176 TYR A CZ  1 
ATOM   1105 O OH  . TYR A 1 142 ? -27.468 -2.695  -7.495  1.00 76.93 ? 176 TYR A OH  1 
ATOM   1106 N N   . ARG A 1 143 ? -25.692 1.646   -2.814  1.00 71.02 ? 177 ARG A N   1 
ATOM   1107 C CA  . ARG A 1 143 ? -26.892 1.348   -2.038  1.00 71.24 ? 177 ARG A CA  1 
ATOM   1108 C C   . ARG A 1 143 ? -27.776 2.590   -1.992  1.00 72.46 ? 177 ARG A C   1 
ATOM   1109 O O   . ARG A 1 143 ? -29.006 2.499   -1.874  1.00 72.64 ? 177 ARG A O   1 
ATOM   1110 C CB  . ARG A 1 143 ? -26.516 0.897   -0.627  1.00 69.85 ? 177 ARG A CB  1 
ATOM   1111 C CG  . ARG A 1 143 ? -25.864 -0.479  -0.589  1.00 67.12 ? 177 ARG A CG  1 
ATOM   1112 C CD  . ARG A 1 143 ? -24.906 -0.578  0.572   1.00 63.50 ? 177 ARG A CD  1 
ATOM   1113 N NE  . ARG A 1 143 ? -25.525 -0.124  1.804   1.00 62.12 ? 177 ARG A NE  1 
ATOM   1114 C CZ  . ARG A 1 143 ? -24.893 -0.033  2.966   1.00 63.53 ? 177 ARG A CZ  1 
ATOM   1115 N NH1 . ARG A 1 143 ? -23.613 -0.360  3.056   1.00 65.51 ? 177 ARG A NH1 1 
ATOM   1116 N NH2 . ARG A 1 143 ? -25.541 0.395   4.040   1.00 63.94 ? 177 ARG A NH2 1 
ATOM   1117 N N   . GLN A 1 144 ? -27.141 3.756   -2.091  1.00 72.92 ? 178 GLN A N   1 
ATOM   1118 C CA  . GLN A 1 144 ? -27.863 5.019   -2.108  1.00 73.60 ? 178 GLN A CA  1 
ATOM   1119 C C   . GLN A 1 144 ? -28.072 5.368   -3.571  1.00 72.13 ? 178 GLN A C   1 
ATOM   1120 O O   . GLN A 1 144 ? -28.048 6.543   -3.936  1.00 72.78 ? 178 GLN A O   1 
ATOM   1121 C CB  . GLN A 1 144 ? -27.055 6.139   -1.436  1.00 75.33 ? 178 GLN A CB  1 
ATOM   1122 C CG  . GLN A 1 144 ? -26.744 5.954   0.059   1.00 75.67 ? 178 GLN A CG  1 
ATOM   1123 C CD  . GLN A 1 144 ? -27.979 5.758   0.931   1.00 74.70 ? 178 GLN A CD  1 
ATOM   1124 O OE1 . GLN A 1 144 ? -27.960 4.962   1.871   1.00 74.07 ? 178 GLN A OE1 1 
ATOM   1125 N NE2 . GLN A 1 144 ? -29.045 6.496   0.639   1.00 73.33 ? 178 GLN A NE2 1 
ATOM   1126 N N   . THR A 1 145 ? -28.232 4.340   -4.404  1.00 70.86 ? 179 THR A N   1 
ATOM   1127 C CA  . THR A 1 145 ? -28.434 4.508   -5.840  1.00 70.52 ? 179 THR A CA  1 
ATOM   1128 C C   . THR A 1 145 ? -29.243 3.344   -6.440  1.00 70.37 ? 179 THR A C   1 
ATOM   1129 O O   . THR A 1 145 ? -29.434 3.285   -7.660  1.00 71.69 ? 179 THR A O   1 
ATOM   1130 C CB  . THR A 1 145 ? -27.058 4.690   -6.584  1.00 70.60 ? 179 THR A CB  1 
ATOM   1131 O OG1 . THR A 1 145 ? -26.410 5.881   -6.111  1.00 71.26 ? 179 THR A OG1 1 
ATOM   1132 C CG2 . THR A 1 145 ? -27.233 4.821   -8.093  1.00 70.16 ? 179 THR A CG2 1 
ATOM   1133 N N   . PHE A 1 146 ? -29.749 2.439   -5.601  1.00 69.03 ? 180 PHE A N   1 
ATOM   1134 C CA  . PHE A 1 146 ? -30.545 1.321   -6.119  1.00 68.59 ? 180 PHE A CA  1 
ATOM   1135 C C   . PHE A 1 146 ? -31.953 1.197   -5.528  1.00 68.67 ? 180 PHE A C   1 
ATOM   1136 O O   . PHE A 1 146 ? -32.724 0.334   -6.004  1.00 69.44 ? 180 PHE A O   1 
ATOM   1137 C CB  . PHE A 1 146 ? -29.770 -0.018  -6.069  1.00 65.95 ? 180 PHE A CB  1 
ATOM   1138 C CG  . PHE A 1 146 ? -29.653 -0.649  -4.693  1.00 63.78 ? 180 PHE A CG  1 
ATOM   1139 C CD1 . PHE A 1 146 ? -30.118 -0.010  -3.541  1.00 63.26 ? 180 PHE A CD1 1 
ATOM   1140 C CD2 . PHE A 1 146 ? -29.084 -1.916  -4.566  1.00 62.46 ? 180 PHE A CD2 1 
ATOM   1141 C CE1 . PHE A 1 146 ? -30.019 -0.622  -2.290  1.00 61.62 ? 180 PHE A CE1 1 
ATOM   1142 C CE2 . PHE A 1 146 ? -28.978 -2.538  -3.322  1.00 61.62 ? 180 PHE A CE2 1 
ATOM   1143 C CZ  . PHE A 1 146 ? -29.449 -1.890  -2.181  1.00 61.71 ? 180 PHE A CZ  1 
ATOM   1144 O OXT . PHE A 1 146 ? -32.281 1.981   -4.612  1.00 67.98 ? 180 PHE A OXT 1 
HETATM 1145 O O   . HOH B 2 .   ? -3.727  -2.434  -13.887 1.00 26.92 ? 400 HOH A O   1 
HETATM 1146 O O   . HOH B 2 .   ? 11.027  -16.841 5.996   1.00 27.83 ? 401 HOH A O   1 
HETATM 1147 O O   . HOH B 2 .   ? 24.880  -0.555  10.134  1.00 24.65 ? 402 HOH A O   1 
HETATM 1148 O O   . HOH B 2 .   ? -9.169  -2.302  1.245   1.00 29.50 ? 403 HOH A O   1 
HETATM 1149 O O   . HOH B 2 .   ? 2.787   6.613   -11.390 1.00 37.22 ? 404 HOH A O   1 
HETATM 1150 O O   . HOH B 2 .   ? 21.237  0.494   12.141  1.00 23.32 ? 405 HOH A O   1 
HETATM 1151 O O   . HOH B 2 .   ? 17.843  -11.111 0.416   1.00 24.30 ? 406 HOH A O   1 
HETATM 1152 O O   . HOH B 2 .   ? 18.960  -12.170 2.480   1.00 31.48 ? 407 HOH A O   1 
HETATM 1153 O O   . HOH B 2 .   ? -18.780 -2.476  -9.279  1.00 49.44 ? 408 HOH A O   1 
HETATM 1154 O O   . HOH B 2 .   ? 9.695   -2.743  12.316  1.00 22.63 ? 409 HOH A O   1 
HETATM 1155 O O   . HOH B 2 .   ? 7.696   8.321   -2.217  1.00 29.37 ? 410 HOH A O   1 
HETATM 1156 O O   . HOH B 2 .   ? -0.071  5.439   7.929   1.00 25.46 ? 411 HOH A O   1 
HETATM 1157 O O   . HOH B 2 .   ? -11.571 9.131   -5.959  1.00 38.25 ? 412 HOH A O   1 
HETATM 1158 O O   . HOH B 2 .   ? -12.183 -3.488  -1.666  1.00 31.16 ? 413 HOH A O   1 
HETATM 1159 O O   . HOH B 2 .   ? -0.590  12.218  -14.768 1.00 21.60 ? 414 HOH A O   1 
HETATM 1160 O O   . HOH B 2 .   ? 22.387  -12.080 3.815   1.00 23.08 ? 415 HOH A O   1 
HETATM 1161 O O   . HOH B 2 .   ? -2.589  4.480   13.791  1.00 32.81 ? 416 HOH A O   1 
HETATM 1162 O O   . HOH B 2 .   ? -7.366  4.310   -15.828 1.00 20.86 ? 417 HOH A O   1 
HETATM 1163 O O   . HOH B 2 .   ? 7.052   -8.492  -6.458  1.00 37.57 ? 418 HOH A O   1 
HETATM 1164 O O   . HOH B 2 .   ? 20.832  -18.530 -5.051  1.00 40.83 ? 419 HOH A O   1 
HETATM 1165 O O   . HOH B 2 .   ? -20.070 16.873  -8.862  1.00 27.40 ? 420 HOH A O   1 
HETATM 1166 O O   . HOH B 2 .   ? -22.267 13.880  -6.860  1.00 39.82 ? 421 HOH A O   1 
HETATM 1167 O O   . HOH B 2 .   ? 0.571   -3.887  17.619  1.00 27.70 ? 422 HOH A O   1 
HETATM 1168 O O   . HOH B 2 .   ? -0.293  -5.927  -9.581  1.00 22.56 ? 423 HOH A O   1 
HETATM 1169 O O   . HOH B 2 .   ? -10.147 3.765   -13.644 1.00 31.03 ? 424 HOH A O   1 
HETATM 1170 O O   . HOH B 2 .   ? -6.381  -5.681  -12.217 1.00 31.40 ? 425 HOH A O   1 
HETATM 1171 O O   . HOH B 2 .   ? 11.849  -8.275  -8.518  1.00 23.27 ? 426 HOH A O   1 
HETATM 1172 O O   . HOH B 2 .   ? -15.965 -3.447  -4.002  1.00 30.83 ? 427 HOH A O   1 
HETATM 1173 O O   . HOH B 2 .   ? -7.559  6.634   10.326  1.00 32.32 ? 428 HOH A O   1 
HETATM 1174 O O   . HOH B 2 .   ? -5.901  -6.336  -0.794  1.00 30.33 ? 429 HOH A O   1 
HETATM 1175 O O   . HOH B 2 .   ? 7.168   -11.087 -3.393  1.00 34.51 ? 430 HOH A O   1 
HETATM 1176 O O   . HOH B 2 .   ? 6.882   8.991   -4.703  1.00 26.61 ? 431 HOH A O   1 
HETATM 1177 O O   . HOH B 2 .   ? 8.133   -19.513 1.487   1.00 20.40 ? 432 HOH A O   1 
HETATM 1178 O O   . HOH B 2 .   ? -35.732 1.370   -7.691  1.00 32.88 ? 433 HOH A O   1 
HETATM 1179 O O   . HOH B 2 .   ? 22.977  -20.055 -0.281  1.00 25.77 ? 434 HOH A O   1 
HETATM 1180 O O   . HOH B 2 .   ? 14.011  0.425   -3.243  1.00 27.78 ? 435 HOH A O   1 
HETATM 1181 O O   . HOH B 2 .   ? -14.060 10.367  9.950   1.00 36.71 ? 436 HOH A O   1 
HETATM 1182 O O   . HOH B 2 .   ? 8.934   10.193  -9.524  1.00 37.08 ? 437 HOH A O   1 
HETATM 1183 O O   . HOH B 2 .   ? 20.058  -8.479  15.107  1.00 38.26 ? 438 HOH A O   1 
HETATM 1184 O O   . HOH B 2 .   ? 21.445  -22.145 -6.823  1.00 29.78 ? 439 HOH A O   1 
HETATM 1185 O O   . HOH B 2 .   ? -16.029 16.364  -8.812  1.00 35.45 ? 440 HOH A O   1 
HETATM 1186 O O   . HOH B 2 .   ? -3.521  -7.201  -8.995  1.00 26.83 ? 441 HOH A O   1 
HETATM 1187 O O   . HOH B 2 .   ? 13.776  -1.181  18.483  1.00 44.54 ? 442 HOH A O   1 
HETATM 1188 O O   . HOH B 2 .   ? -20.200 -5.497  -10.536 1.00 31.41 ? 443 HOH A O   1 
HETATM 1189 O O   . HOH B 2 .   ? 23.021  -4.090  0.522   1.00 35.11 ? 444 HOH A O   1 
HETATM 1190 O O   . HOH B 2 .   ? 23.676  -10.941 6.207   1.00 22.70 ? 445 HOH A O   1 
HETATM 1191 O O   . HOH B 2 .   ? 24.972  -15.839 11.217  1.00 28.96 ? 446 HOH A O   1 
HETATM 1192 O O   . HOH B 2 .   ? 1.311   -2.365  -10.874 1.00 23.60 ? 447 HOH A O   1 
HETATM 1193 O O   . HOH B 2 .   ? 2.406   7.855   -15.738 1.00 22.21 ? 448 HOH A O   1 
HETATM 1194 O O   . HOH B 2 .   ? -16.197 -3.629  3.465   1.00 30.26 ? 449 HOH A O   1 
HETATM 1195 O O   . HOH B 2 .   ? -17.893 18.040  -8.103  1.00 29.87 ? 450 HOH A O   1 
HETATM 1196 O O   . HOH B 2 .   ? 24.218  -3.543  -2.359  1.00 21.74 ? 451 HOH A O   1 
HETATM 1197 O O   . HOH B 2 .   ? 12.871  -3.355  -8.329  1.00 36.34 ? 452 HOH A O   1 
HETATM 1198 O O   . HOH B 2 .   ? -13.348 -5.536  -16.838 1.00 21.94 ? 453 HOH A O   1 
HETATM 1199 O O   . HOH B 2 .   ? 17.797  -17.971 -4.100  1.00 29.43 ? 454 HOH A O   1 
HETATM 1200 O O   . HOH B 2 .   ? -9.712  12.004  9.244   1.00 35.06 ? 455 HOH A O   1 
HETATM 1201 O O   . HOH B 2 .   ? 5.113   10.041  -7.674  1.00 32.31 ? 456 HOH A O   1 
HETATM 1202 O O   . HOH B 2 .   ? 10.195  -14.546 -3.247  1.00 29.23 ? 457 HOH A O   1 
HETATM 1203 O O   . HOH B 2 .   ? 5.085   2.455   -2.706  1.00 36.80 ? 458 HOH A O   1 
HETATM 1204 O O   . HOH B 2 .   ? 1.455   10.935  -13.521 1.00 24.96 ? 459 HOH A O   1 
HETATM 1205 O O   . HOH B 2 .   ? -6.068  -7.709  -5.982  1.00 34.58 ? 460 HOH A O   1 
HETATM 1206 O O   . HOH B 2 .   ? -20.176 17.243  -11.589 1.00 20.24 ? 461 HOH A O   1 
HETATM 1207 O O   . HOH B 2 .   ? -6.839  -10.493 -2.866  1.00 37.08 ? 462 HOH A O   1 
HETATM 1208 O O   . HOH B 2 .   ? -21.123 -0.674  3.137   1.00 26.78 ? 463 HOH A O   1 
HETATM 1209 O O   . HOH B 2 .   ? -17.320 0.017   -7.126  1.00 35.14 ? 464 HOH A O   1 
HETATM 1210 O O   . HOH B 2 .   ? -22.438 -4.021  -5.586  1.00 28.87 ? 465 HOH A O   1 
HETATM 1211 O O   . HOH B 2 .   ? 17.375  -13.625 0.861   1.00 27.31 ? 466 HOH A O   1 
HETATM 1212 O O   . HOH B 2 .   ? -4.337  -4.767  -9.787  1.00 35.03 ? 467 HOH A O   1 
HETATM 1213 O O   . HOH B 2 .   ? -28.324 8.764   -13.158 1.00 24.07 ? 468 HOH A O   1 
HETATM 1214 O O   . HOH B 2 .   ? -0.629  -0.346  20.906  1.00 27.78 ? 469 HOH A O   1 
HETATM 1215 O O   . HOH B 2 .   ? -21.064 -2.848  -10.354 1.00 24.85 ? 470 HOH A O   1 
HETATM 1216 O O   . HOH B 2 .   ? -24.858 1.450   -13.178 1.00 33.44 ? 471 HOH A O   1 
HETATM 1217 O O   . HOH B 2 .   ? 26.395  -18.071 -4.472  1.00 29.23 ? 472 HOH A O   1 
HETATM 1218 O O   . HOH B 2 .   ? 20.698  -5.672  15.197  1.00 27.32 ? 473 HOH A O   1 
HETATM 1219 O O   . HOH B 2 .   ? 10.565  -15.038 7.960   1.00 24.06 ? 474 HOH A O   1 
HETATM 1220 O O   . HOH B 2 .   ? -15.036 -2.977  -7.482  1.00 20.82 ? 475 HOH A O   1 
HETATM 1221 O O   . HOH B 2 .   ? -8.895  9.200   10.732  1.00 32.17 ? 476 HOH A O   1 
HETATM 1222 O O   . HOH B 2 .   ? 0.839   11.731  -3.149  1.00 25.95 ? 477 HOH A O   1 
HETATM 1223 O O   . HOH B 2 .   ? -14.728 4.472   -4.341  1.00 21.33 ? 478 HOH A O   1 
HETATM 1224 O O   . HOH B 2 .   ? -16.814 6.997   12.186  1.00 25.03 ? 479 HOH A O   1 
HETATM 1225 O O   . HOH B 2 .   ? -27.397 6.724   5.245   1.00 33.56 ? 480 HOH A O   1 
HETATM 1226 O O   . HOH B 2 .   ? -3.287  -6.616  7.137   1.00 37.31 ? 481 HOH A O   1 
HETATM 1227 O O   . HOH B 2 .   ? -7.192  -0.790  -0.137  1.00 37.80 ? 482 HOH A O   1 
HETATM 1228 O O   . HOH B 2 .   ? 5.220   -11.279 -5.192  1.00 45.54 ? 483 HOH A O   1 
HETATM 1229 O O   . HOH B 2 .   ? 0.437   4.744   -12.572 1.00 27.43 ? 484 HOH A O   1 
HETATM 1230 O O   . HOH B 2 .   ? -3.142  -4.814  10.051  1.00 37.96 ? 485 HOH A O   1 
HETATM 1231 O O   . HOH B 2 .   ? -7.275  2.628   -10.575 1.00 39.77 ? 486 HOH A O   1 
HETATM 1232 O O   . HOH B 2 .   ? 23.699  3.202   6.250   1.00 19.12 ? 487 HOH A O   1 
HETATM 1233 O O   . HOH B 2 .   ? -17.512 -1.338  4.885   1.00 37.25 ? 488 HOH A O   1 
HETATM 1234 O O   . HOH B 2 .   ? 1.550   6.977   -5.599  1.00 21.59 ? 489 HOH A O   1 
HETATM 1235 O O   . HOH B 2 .   ? 22.367  -8.182  12.415  1.00 22.89 ? 490 HOH A O   1 
HETATM 1236 O O   . HOH B 2 .   ? -9.145  -3.817  -12.052 1.00 27.29 ? 491 HOH A O   1 
HETATM 1237 O O   . HOH B 2 .   ? -7.204  -10.071 -9.220  1.00 21.59 ? 492 HOH A O   1 
HETATM 1238 O O   . HOH B 2 .   ? -15.549 -7.449  0.013   1.00 23.03 ? 493 HOH A O   1 
HETATM 1239 O O   . HOH B 2 .   ? -29.022 -5.814  -1.871  1.00 32.59 ? 494 HOH A O   1 
HETATM 1240 O O   . HOH B 2 .   ? 6.371   6.213   -4.215  1.00 31.45 ? 495 HOH A O   1 
HETATM 1241 O O   . HOH B 2 .   ? -14.352 8.991   -5.101  1.00 33.17 ? 496 HOH A O   1 
HETATM 1242 O O   . HOH B 2 .   ? -34.951 0.712   -3.942  1.00 26.80 ? 497 HOH A O   1 
HETATM 1243 O O   . HOH B 2 .   ? 9.697   12.314  -7.782  1.00 36.97 ? 498 HOH A O   1 
HETATM 1244 O O   . HOH B 2 .   ? -1.674  8.073   -13.961 1.00 27.41 ? 499 HOH A O   1 
HETATM 1245 O O   . HOH B 2 .   ? -35.202 11.740  -16.948 1.00 27.45 ? 500 HOH A O   1 
HETATM 1246 O O   . HOH B 2 .   ? 23.291  -5.118  15.681  1.00 23.87 ? 501 HOH A O   1 
HETATM 1247 O O   . HOH B 2 .   ? 11.690  4.853   15.557  1.00 33.46 ? 502 HOH A O   1 
HETATM 1248 O O   . HOH B 2 .   ? -21.377 18.896  -4.722  1.00 34.94 ? 503 HOH A O   1 
HETATM 1249 O O   . HOH B 2 .   ? 18.576  -4.578  16.629  1.00 28.23 ? 504 HOH A O   1 
HETATM 1250 O O   . HOH B 2 .   ? 3.290   -5.364  -12.969 1.00 26.18 ? 505 HOH A O   1 
HETATM 1251 O O   . HOH B 2 .   ? -8.110  -9.204  -11.931 1.00 20.88 ? 506 HOH A O   1 
HETATM 1252 O O   . HOH B 2 .   ? 3.967   8.268   -13.086 1.00 28.66 ? 507 HOH A O   1 
HETATM 1253 O O   . HOH B 2 .   ? -14.867 -7.300  4.701   1.00 27.86 ? 508 HOH A O   1 
HETATM 1254 O O   . HOH B 2 .   ? -16.123 10.782  2.021   1.00 24.20 ? 509 HOH A O   1 
HETATM 1255 O O   . HOH B 2 .   ? -30.082 6.362   -14.405 1.00 35.10 ? 510 HOH A O   1 
HETATM 1256 O O   . HOH B 2 .   ? 2.431   -11.780 3.517   1.00 24.84 ? 511 HOH A O   1 
HETATM 1257 O O   . HOH B 2 .   ? 3.844   -2.250  -1.670  1.00 36.23 ? 512 HOH A O   1 
HETATM 1258 O O   . HOH B 2 .   ? -33.218 13.455  -15.446 1.00 24.54 ? 513 HOH A O   1 
HETATM 1259 O O   . HOH B 2 .   ? -18.824 -5.361  2.077   1.00 22.58 ? 514 HOH A O   1 
HETATM 1260 O O   . HOH B 2 .   ? 10.405  1.605   -2.427  1.00 27.64 ? 515 HOH A O   1 
HETATM 1261 O O   . HOH B 2 .   ? 9.311   -5.553  7.450   1.00 21.83 ? 516 HOH A O   1 
HETATM 1262 O O   . HOH B 2 .   ? -21.904 -7.876  -7.533  1.00 26.71 ? 517 HOH A O   1 
HETATM 1263 O O   . HOH B 2 .   ? 8.439   -2.573  16.029  1.00 31.05 ? 518 HOH A O   1 
HETATM 1264 O O   . HOH B 2 .   ? 11.014  3.081   17.824  1.00 34.63 ? 519 HOH A O   1 
HETATM 1265 O O   . HOH B 2 .   ? -12.286 -6.606  -12.889 1.00 35.61 ? 520 HOH A O   1 
HETATM 1266 O O   . HOH B 2 .   ? -11.035 7.747   4.727   1.00 23.15 ? 521 HOH A O   1 
HETATM 1267 O O   . HOH B 2 .   ? -0.065  -1.396  16.256  1.00 26.32 ? 522 HOH A O   1 
HETATM 1268 O O   . HOH B 2 .   ? 3.037   8.645   -8.585  1.00 34.32 ? 523 HOH A O   1 
HETATM 1269 O O   . HOH B 2 .   ? -15.995 15.769  0.894   1.00 21.23 ? 524 HOH A O   1 
HETATM 1270 O O   . HOH B 2 .   ? -5.405  3.603   -0.380  1.00 29.66 ? 525 HOH A O   1 
HETATM 1271 O O   . HOH B 2 .   ? -9.637  -10.191 -14.087 1.00 41.56 ? 526 HOH A O   1 
HETATM 1272 O O   . HOH B 2 .   ? 3.785   -8.078  5.204   1.00 36.23 ? 527 HOH A O   1 
HETATM 1273 O O   . HOH B 2 .   ? 9.305   -5.039  10.619  1.00 35.44 ? 528 HOH A O   1 
HETATM 1274 O O   . HOH B 2 .   ? -21.523 11.209  -6.766  1.00 29.42 ? 529 HOH A O   1 
HETATM 1275 O O   . HOH B 2 .   ? -19.693 12.134  7.682   1.00 36.08 ? 530 HOH A O   1 
HETATM 1276 O O   . HOH B 2 .   ? 9.441   -4.070  19.518  1.00 27.87 ? 531 HOH A O   1 
HETATM 1277 O O   . HOH B 2 .   ? 10.861  -18.194 -1.968  1.00 30.63 ? 532 HOH A O   1 
HETATM 1278 O O   . HOH B 2 .   ? -9.198  -2.196  5.199   1.00 23.35 ? 533 HOH A O   1 
HETATM 1279 O O   . HOH B 2 .   ? -10.029 15.396  4.585   1.00 37.41 ? 534 HOH A O   1 
HETATM 1280 O O   . HOH B 2 .   ? -13.823 1.210   9.982   1.00 21.80 ? 535 HOH A O   1 
HETATM 1281 O O   . HOH B 2 .   ? -19.051 9.692   7.401   1.00 22.39 ? 536 HOH A O   1 
HETATM 1282 O O   . HOH B 2 .   ? -4.166  -6.899  1.267   1.00 26.67 ? 537 HOH A O   1 
HETATM 1283 O O   . HOH B 2 .   ? -12.863 13.344  -13.899 1.00 23.86 ? 538 HOH A O   1 
HETATM 1284 O O   . HOH B 2 .   ? -10.203 12.948  -13.686 1.00 32.26 ? 539 HOH A O   1 
HETATM 1285 O O   . HOH B 2 .   ? -12.909 15.968  -14.782 1.00 30.15 ? 540 HOH A O   1 
HETATM 1286 O O   . HOH B 2 .   ? -14.840 18.132  -13.850 1.00 32.31 ? 541 HOH A O   1 
HETATM 1287 O O   . HOH B 2 .   ? -17.160 14.712  -14.893 1.00 25.54 ? 542 HOH A O   1 
HETATM 1288 O O   . HOH B 2 .   ? -17.684 17.934  -14.051 1.00 25.05 ? 543 HOH A O   1 
HETATM 1289 O O   . HOH B 2 .   ? -18.513 20.367  -14.991 1.00 26.17 ? 544 HOH A O   1 
HETATM 1290 O O   . HOH B 2 .   ? -19.556 11.643  -14.759 1.00 23.92 ? 545 HOH A O   1 
HETATM 1291 O O   . HOH B 2 .   ? -17.529 8.668   -15.617 1.00 27.53 ? 546 HOH A O   1 
HETATM 1292 O O   . HOH B 2 .   ? 3.087   3.725   14.287  1.00 20.89 ? 547 HOH A O   1 
HETATM 1293 O O   . HOH B 2 .   ? 4.041   7.038   16.131  1.00 28.88 ? 548 HOH A O   1 
HETATM 1294 O O   . HOH B 2 .   ? 0.766   5.291   12.537  1.00 29.50 ? 549 HOH A O   1 
HETATM 1295 O O   . HOH B 2 .   ? 8.841   6.250   10.786  1.00 28.83 ? 550 HOH A O   1 
HETATM 1296 O O   . HOH B 2 .   ? -15.442 12.415  6.889   1.00 31.86 ? 551 HOH A O   1 
HETATM 1297 O O   . HOH B 2 .   ? -18.846 11.622  10.252  1.00 32.87 ? 552 HOH A O   1 
HETATM 1298 O O   . HOH B 2 .   ? 22.369  -21.923 9.310   1.00 27.77 ? 553 HOH A O   1 
HETATM 1299 O O   . HOH B 2 .   ? 23.190  -22.268 12.598  1.00 34.66 ? 554 HOH A O   1 
HETATM 1300 O O   . HOH B 2 .   ? 18.261  -19.729 4.451   1.00 34.19 ? 555 HOH A O   1 
HETATM 1301 O O   . HOH B 2 .   ? 13.996  -17.988 0.195   1.00 35.61 ? 556 HOH A O   1 
HETATM 1302 O O   . HOH B 2 .   ? 20.965  -9.825  -9.381  1.00 28.78 ? 557 HOH A O   1 
HETATM 1303 O O   . HOH B 2 .   ? 13.241  -16.934 -4.293  1.00 29.24 ? 558 HOH A O   1 
HETATM 1304 O O   . HOH B 2 .   ? 10.645  -11.721 -9.682  1.00 30.95 ? 559 HOH A O   1 
HETATM 1305 O O   . HOH B 2 .   ? 17.371  -12.946 -6.469  1.00 32.86 ? 560 HOH A O   1 
HETATM 1306 O O   . HOH B 2 .   ? 24.207  -20.781 -10.347 1.00 22.69 ? 561 HOH A O   1 
HETATM 1307 O O   . HOH B 2 .   ? 18.459  -16.660 -12.145 1.00 38.82 ? 562 HOH A O   1 
HETATM 1308 O O   . HOH B 2 .   ? 23.844  -20.747 7.189   1.00 22.26 ? 563 HOH A O   1 
HETATM 1309 O O   . HOH B 2 .   ? 24.186  -19.035 -2.469  1.00 36.20 ? 564 HOH A O   1 
HETATM 1310 O O   . HOH B 2 .   ? 20.217  -20.501 -0.893  1.00 24.35 ? 565 HOH A O   1 
HETATM 1311 O O   . HOH B 2 .   ? 19.968  -22.179 3.474   1.00 32.04 ? 566 HOH A O   1 
HETATM 1312 O O   . HOH B 2 .   ? 22.891  -24.720 6.723   1.00 26.94 ? 567 HOH A O   1 
HETATM 1313 O O   . HOH B 2 .   ? 25.774  -19.834 -0.339  1.00 28.06 ? 568 HOH A O   1 
HETATM 1314 O O   . HOH B 2 .   ? 17.391  -23.914 -0.092  1.00 34.41 ? 569 HOH A O   1 
HETATM 1315 O O   . HOH B 2 .   ? 12.023  -23.170 0.571   1.00 25.88 ? 570 HOH A O   1 
HETATM 1316 O O   . HOH B 2 .   ? 13.539  -21.728 -3.928  1.00 33.58 ? 571 HOH A O   1 
HETATM 1317 O O   . HOH B 2 .   ? 11.085  -17.947 -5.539  1.00 27.16 ? 572 HOH A O   1 
HETATM 1318 O O   . HOH B 2 .   ? 14.189  -14.694 -7.331  1.00 34.91 ? 573 HOH A O   1 
HETATM 1319 O O   . HOH B 2 .   ? 14.038  -17.060 -8.969  1.00 37.07 ? 574 HOH A O   1 
HETATM 1320 O O   . HOH B 2 .   ? 15.213  -21.826 -7.120  1.00 34.66 ? 575 HOH A O   1 
HETATM 1321 O O   . HOH B 2 .   ? 12.052  -20.289 -9.782  1.00 24.53 ? 576 HOH A O   1 
HETATM 1322 O O   . HOH B 2 .   ? 6.788   -20.777 -7.161  1.00 39.68 ? 577 HOH A O   1 
HETATM 1323 O O   . HOH B 2 .   ? 9.791   -16.168 -9.362  1.00 29.22 ? 578 HOH A O   1 
HETATM 1324 O O   . HOH B 2 .   ? 19.235  -9.685  -6.706  1.00 32.27 ? 579 HOH A O   1 
HETATM 1325 O O   . HOH B 2 .   ? -3.843  0.759   0.888   1.00 29.14 ? 580 HOH A O   1 
HETATM 1326 O O   . HOH B 2 .   ? -13.733 9.697   6.927   1.00 29.09 ? 581 HOH A O   1 
HETATM 1327 O O   . HOH B 2 .   ? -1.757  6.129   16.988  1.00 35.62 ? 582 HOH A O   1 
HETATM 1328 O O   . HOH B 2 .   ? 23.127  -2.452  18.705  1.00 21.65 ? 583 HOH A O   1 
HETATM 1329 O O   . HOH B 2 .   ? 16.079  -1.979  17.227  1.00 23.51 ? 584 HOH A O   1 
HETATM 1330 O O   . HOH B 2 .   ? -10.855 -1.684  8.499   1.00 28.40 ? 585 HOH A O   1 
HETATM 1331 O O   . HOH B 2 .   ? -35.337 5.679   -10.941 1.00 28.81 ? 586 HOH A O   1 
HETATM 1332 O O   . HOH B 2 .   ? -7.200  -2.520  10.022  1.00 40.39 ? 587 HOH A O   1 
HETATM 1333 O O   . HOH B 2 .   ? -22.172 3.461   6.257   1.00 32.74 ? 588 HOH A O   1 
HETATM 1334 O O   . HOH B 2 .   ? -6.522  -1.167  12.216  1.00 32.17 ? 589 HOH A O   1 
HETATM 1335 O O   . HOH B 2 .   ? 9.310   -9.825  -10.886 1.00 26.47 ? 590 HOH A O   1 
HETATM 1336 O O   . HOH B 2 .   ? 17.188  -21.079 -1.040  1.00 32.84 ? 591 HOH A O   1 
HETATM 1337 O O   . HOH B 2 .   ? 15.349  3.184   20.847  1.00 27.55 ? 592 HOH A O   1 
HETATM 1338 O O   . HOH B 2 .   ? 15.019  0.989   -5.928  1.00 40.84 ? 593 HOH A O   1 
HETATM 1339 O O   . HOH B 2 .   ? 15.698  4.082   17.757  1.00 26.82 ? 594 HOH A O   1 
HETATM 1340 O O   . HOH B 2 .   ? 3.266   8.944   -3.066  1.00 26.15 ? 595 HOH A O   1 
HETATM 1341 O O   . HOH B 2 .   ? 1.660   11.004  -8.789  1.00 24.72 ? 596 HOH A O   1 
HETATM 1342 O O   . HOH B 2 .   ? 2.133   -7.703  -9.285  1.00 33.99 ? 597 HOH A O   1 
HETATM 1343 O O   . HOH B 2 .   ? -4.244  2.646   -3.204  1.00 39.29 ? 598 HOH A O   1 
HETATM 1344 O O   . HOH B 2 .   ? -3.915  9.189   15.998  1.00 36.07 ? 599 HOH A O   1 
HETATM 1345 O O   . HOH B 2 .   ? 22.051  -27.223 6.519   1.00 32.41 ? 600 HOH A O   1 
HETATM 1346 O O   . HOH B 2 .   ? -1.414  16.057  -14.774 1.00 27.83 ? 601 HOH A O   1 
HETATM 1347 O O   . HOH B 2 .   ? 19.813  -26.988 1.366   1.00 36.67 ? 602 HOH A O   1 
HETATM 1348 O O   . HOH B 2 .   ? 24.167  -18.456 -7.269  1.00 25.66 ? 603 HOH A O   1 
HETATM 1349 O O   . HOH B 2 .   ? -16.666 19.358  3.863   1.00 32.75 ? 604 HOH A O   1 
HETATM 1350 O O   . HOH B 2 .   ? -7.717  -1.126  18.686  1.00 30.40 ? 605 HOH A O   1 
HETATM 1351 O O   . HOH B 2 .   ? -14.999 -2.487  -0.917  1.00 36.21 ? 606 HOH A O   1 
HETATM 1352 O O   . HOH B 2 .   ? -9.204  14.522  8.352   1.00 38.01 ? 607 HOH A O   1 
HETATM 1353 O O   . HOH B 2 .   ? 8.565   -22.767 -8.435  1.00 38.47 ? 608 HOH A O   1 
HETATM 1354 O O   . HOH B 2 .   ? -17.171 20.288  -7.156  1.00 32.40 ? 609 HOH A O   1 
HETATM 1355 O O   . HOH B 2 .   ? 8.677   -1.665  1.595   1.00 30.52 ? 610 HOH A O   1 
HETATM 1356 O O   . HOH B 2 .   ? 7.220   -12.566 -7.906  1.00 34.60 ? 611 HOH A O   1 
HETATM 1357 O O   . HOH B 2 .   ? -22.592 -0.545  -10.726 1.00 30.78 ? 612 HOH A O   1 
HETATM 1358 O O   . HOH B 2 .   ? 13.549  6.796   20.759  1.00 26.06 ? 613 HOH A O   1 
HETATM 1359 O O   . HOH B 2 .   ? 13.739  4.623   23.327  1.00 31.23 ? 614 HOH A O   1 
HETATM 1360 O O   . HOH B 2 .   ? 8.274   3.530   20.866  1.00 32.44 ? 615 HOH A O   1 
HETATM 1361 O O   . HOH B 2 .   ? 10.801  6.989   20.299  1.00 32.48 ? 616 HOH A O   1 
HETATM 1362 O O   . HOH B 2 .   ? 20.782  -12.593 -11.623 1.00 25.15 ? 617 HOH A O   1 
HETATM 1363 O O   . HOH B 2 .   ? 23.583  -17.407 -14.668 1.00 27.31 ? 618 HOH A O   1 
# 
